data_3F8C
# 
_entry.id   3F8C 
# 
_audit_conform.dict_name       mmcif_pdbx.dic 
_audit_conform.dict_version    5.380 
_audit_conform.dict_location   http://mmcif.pdb.org/dictionaries/ascii/mmcif_pdbx.dic 
# 
loop_
_database_2.database_id 
_database_2.database_code 
_database_2.pdbx_database_accession 
_database_2.pdbx_DOI 
PDB   3F8C         pdb_00003f8c 10.2210/pdb3f8c/pdb 
RCSB  RCSB050273   ?            ?                   
WWPDB D_1000050273 ?            ?                   
# 
loop_
_pdbx_database_related.db_name 
_pdbx_database_related.db_id 
_pdbx_database_related.details 
_pdbx_database_related.content_type 
PDB 3F8B 'LmrR in drug free state' unspecified 
PDB 3F8F .                         unspecified 
# 
_pdbx_database_status.entry_id                        3F8C 
_pdbx_database_status.deposit_site                    RCSB 
_pdbx_database_status.process_site                    PDBJ 
_pdbx_database_status.recvd_initial_deposition_date   2008-11-12 
_pdbx_database_status.status_code                     REL 
_pdbx_database_status.status_code_sf                  REL 
_pdbx_database_status.status_code_mr                  ? 
_pdbx_database_status.SG_entry                        ? 
_pdbx_database_status.status_code_cs                  ? 
_pdbx_database_status.pdb_format_compatible           Y 
_pdbx_database_status.status_code_nmr_data            ? 
_pdbx_database_status.methods_development_category    ? 
# 
loop_
_audit_author.name 
_audit_author.pdbx_ordinal 
'Madoori, P.K.'         1 
'Agustiandari, H.'      2 
'Driessen, A.J.M.'      3 
'Thunnissen, A.-M.W.H.' 4 
# 
_citation.id                        primary 
_citation.title                     'Structure of the transcriptional regulator LmrR and its mechanism of multidrug recognition.' 
_citation.journal_abbrev            'Embo J.' 
_citation.journal_volume            28 
_citation.page_first                156 
_citation.page_last                 166 
_citation.year                      2009 
_citation.journal_id_ASTM           EMJODG 
_citation.country                   UK 
_citation.journal_id_ISSN           0261-4189 
_citation.journal_id_CSD            0897 
_citation.book_publisher            ? 
_citation.pdbx_database_id_PubMed   19096365 
_citation.pdbx_database_id_DOI      10.1038/emboj.2008.263 
# 
loop_
_citation_author.citation_id 
_citation_author.name 
_citation_author.ordinal 
_citation_author.identifier_ORCID 
primary 'Madoori, P.K.'    1 ? 
primary 'Agustiandari, H.' 2 ? 
primary 'Driessen, A.J.'   3 ? 
primary 'Thunnissen, A.M.' 4 ? 
# 
_cell.length_a           34.93 
_cell.length_b           34.93 
_cell.length_c           197 
_cell.angle_alpha        90.000 
_cell.angle_beta         90.000 
_cell.angle_gamma        90.000 
_cell.entry_id           3F8C 
_cell.pdbx_unique_axis   ? 
_cell.Z_PDB              8 
_cell.length_a_esd       ? 
_cell.length_b_esd       ? 
_cell.length_c_esd       ? 
_cell.angle_alpha_esd    ? 
_cell.angle_beta_esd     ? 
_cell.angle_gamma_esd    ? 
# 
_symmetry.space_group_name_H-M             'P 43 21 2' 
_symmetry.entry_id                         3F8C 
_symmetry.Int_Tables_number                96 
_symmetry.pdbx_full_space_group_name_H-M   ? 
_symmetry.cell_setting                     ? 
_symmetry.space_group_name_Hall            ? 
# 
loop_
_entity.id 
_entity.type 
_entity.src_method 
_entity.pdbx_description 
_entity.formula_weight 
_entity.pdbx_number_of_molecules 
_entity.pdbx_ec 
_entity.pdbx_mutation 
_entity.pdbx_fragment 
_entity.details 
1 polymer     man 'Transcriptional regulator, PadR-like family'                          14764.789 1  ? ? ? ? 
2 non-polymer syn "2'-(4-ETHOXYPHENYL)-5-(4-METHYL-1-PIPERAZINYL)-2,5'-BI-BENZIMIDAZOLE" 452.551   1  ? ? ? ? 
3 water       nat water                                                                  18.015    26 ? ? ? ? 
# 
_entity_name_com.entity_id   1 
_entity_name_com.name        'transcription regulator LmrR' 
# 
_entity_poly.entity_id                      1 
_entity_poly.type                           'polypeptide(L)' 
_entity_poly.nstd_linkage                   no 
_entity_poly.nstd_monomer                   no 
_entity_poly.pdbx_seq_one_letter_code       
;MAEIPKEMLRAQTNVILLNVLKQGDNYVYGIIKQVKEASNGEMELNEATLYTIFKRLEKDGIISSYWGDESQGGRRKYYR
LTEIGHENMRLAFESWSRVDKIIENLEANKKSEAIKSRWSHPQFEK
;
_entity_poly.pdbx_seq_one_letter_code_can   
;MAEIPKEMLRAQTNVILLNVLKQGDNYVYGIIKQVKEASNGEMELNEATLYTIFKRLEKDGIISSYWGDESQGGRRKYYR
LTEIGHENMRLAFESWSRVDKIIENLEANKKSEAIKSRWSHPQFEK
;
_entity_poly.pdbx_strand_id                 A 
_entity_poly.pdbx_target_identifier         ? 
# 
loop_
_entity_poly_seq.entity_id 
_entity_poly_seq.num 
_entity_poly_seq.mon_id 
_entity_poly_seq.hetero 
1 1   MET n 
1 2   ALA n 
1 3   GLU n 
1 4   ILE n 
1 5   PRO n 
1 6   LYS n 
1 7   GLU n 
1 8   MET n 
1 9   LEU n 
1 10  ARG n 
1 11  ALA n 
1 12  GLN n 
1 13  THR n 
1 14  ASN n 
1 15  VAL n 
1 16  ILE n 
1 17  LEU n 
1 18  LEU n 
1 19  ASN n 
1 20  VAL n 
1 21  LEU n 
1 22  LYS n 
1 23  GLN n 
1 24  GLY n 
1 25  ASP n 
1 26  ASN n 
1 27  TYR n 
1 28  VAL n 
1 29  TYR n 
1 30  GLY n 
1 31  ILE n 
1 32  ILE n 
1 33  LYS n 
1 34  GLN n 
1 35  VAL n 
1 36  LYS n 
1 37  GLU n 
1 38  ALA n 
1 39  SER n 
1 40  ASN n 
1 41  GLY n 
1 42  GLU n 
1 43  MET n 
1 44  GLU n 
1 45  LEU n 
1 46  ASN n 
1 47  GLU n 
1 48  ALA n 
1 49  THR n 
1 50  LEU n 
1 51  TYR n 
1 52  THR n 
1 53  ILE n 
1 54  PHE n 
1 55  LYS n 
1 56  ARG n 
1 57  LEU n 
1 58  GLU n 
1 59  LYS n 
1 60  ASP n 
1 61  GLY n 
1 62  ILE n 
1 63  ILE n 
1 64  SER n 
1 65  SER n 
1 66  TYR n 
1 67  TRP n 
1 68  GLY n 
1 69  ASP n 
1 70  GLU n 
1 71  SER n 
1 72  GLN n 
1 73  GLY n 
1 74  GLY n 
1 75  ARG n 
1 76  ARG n 
1 77  LYS n 
1 78  TYR n 
1 79  TYR n 
1 80  ARG n 
1 81  LEU n 
1 82  THR n 
1 83  GLU n 
1 84  ILE n 
1 85  GLY n 
1 86  HIS n 
1 87  GLU n 
1 88  ASN n 
1 89  MET n 
1 90  ARG n 
1 91  LEU n 
1 92  ALA n 
1 93  PHE n 
1 94  GLU n 
1 95  SER n 
1 96  TRP n 
1 97  SER n 
1 98  ARG n 
1 99  VAL n 
1 100 ASP n 
1 101 LYS n 
1 102 ILE n 
1 103 ILE n 
1 104 GLU n 
1 105 ASN n 
1 106 LEU n 
1 107 GLU n 
1 108 ALA n 
1 109 ASN n 
1 110 LYS n 
1 111 LYS n 
1 112 SER n 
1 113 GLU n 
1 114 ALA n 
1 115 ILE n 
1 116 LYS n 
1 117 SER n 
1 118 ARG n 
1 119 TRP n 
1 120 SER n 
1 121 HIS n 
1 122 PRO n 
1 123 GLN n 
1 124 PHE n 
1 125 GLU n 
1 126 LYS n 
# 
_entity_src_gen.entity_id                          1 
_entity_src_gen.pdbx_src_id                        1 
_entity_src_gen.pdbx_alt_source_flag               sample 
_entity_src_gen.pdbx_seq_type                      ? 
_entity_src_gen.pdbx_beg_seq_num                   ? 
_entity_src_gen.pdbx_end_seq_num                   ? 
_entity_src_gen.gene_src_common_name               ? 
_entity_src_gen.gene_src_genus                     ? 
_entity_src_gen.pdbx_gene_src_gene                 lmrR 
_entity_src_gen.gene_src_species                   ? 
_entity_src_gen.gene_src_strain                    MG1363 
_entity_src_gen.gene_src_tissue                    ? 
_entity_src_gen.gene_src_tissue_fraction           ? 
_entity_src_gen.gene_src_details                   ? 
_entity_src_gen.pdbx_gene_src_fragment             ? 
_entity_src_gen.pdbx_gene_src_scientific_name      'Lactococcus lactis subsp. cremoris' 
_entity_src_gen.pdbx_gene_src_ncbi_taxonomy_id     416870 
_entity_src_gen.pdbx_gene_src_variant              ? 
_entity_src_gen.pdbx_gene_src_cell_line            ? 
_entity_src_gen.pdbx_gene_src_atcc                 ? 
_entity_src_gen.pdbx_gene_src_organ                ? 
_entity_src_gen.pdbx_gene_src_organelle            ? 
_entity_src_gen.pdbx_gene_src_cell                 ? 
_entity_src_gen.pdbx_gene_src_cellular_location    ? 
_entity_src_gen.host_org_common_name               ? 
_entity_src_gen.pdbx_host_org_scientific_name      'Lactococcus lactis' 
_entity_src_gen.pdbx_host_org_ncbi_taxonomy_id     1358 
_entity_src_gen.host_org_genus                     ? 
_entity_src_gen.pdbx_host_org_gene                 ? 
_entity_src_gen.pdbx_host_org_organ                ? 
_entity_src_gen.host_org_species                   ? 
_entity_src_gen.pdbx_host_org_tissue               ? 
_entity_src_gen.pdbx_host_org_tissue_fraction      ? 
_entity_src_gen.pdbx_host_org_strain               NZ9000 
_entity_src_gen.pdbx_host_org_variant              ? 
_entity_src_gen.pdbx_host_org_cell_line            ? 
_entity_src_gen.pdbx_host_org_atcc                 ? 
_entity_src_gen.pdbx_host_org_culture_collection   ? 
_entity_src_gen.pdbx_host_org_cell                 ? 
_entity_src_gen.pdbx_host_org_organelle            ? 
_entity_src_gen.pdbx_host_org_cellular_location    ? 
_entity_src_gen.pdbx_host_org_vector_type          plasmid 
_entity_src_gen.pdbx_host_org_vector               ? 
_entity_src_gen.host_org_details                   ? 
_entity_src_gen.expression_system_id               ? 
_entity_src_gen.plasmid_name                       pNSC8048 
_entity_src_gen.plasmid_details                    ? 
_entity_src_gen.pdbx_description                   ? 
# 
_struct_ref.id                         1 
_struct_ref.db_name                    UNP 
_struct_ref.db_code                    A2RI36_LACLM 
_struct_ref.pdbx_db_accession          A2RI36 
_struct_ref.entity_id                  1 
_struct_ref.pdbx_seq_one_letter_code   
;MAEIPKEMLRAQTNVILLNVLKQGDNYVYGIIKQVKEASNGEMELNEATLYTIFKRLEKDGIISSYWGDESQGGRRKYYR
LTEIGHENMRLAFESWSRVDKIIENLEANKKSEAIK
;
_struct_ref.pdbx_align_begin           1 
_struct_ref.pdbx_db_isoform            ? 
# 
_struct_ref_seq.align_id                      1 
_struct_ref_seq.ref_id                        1 
_struct_ref_seq.pdbx_PDB_id_code              3F8C 
_struct_ref_seq.pdbx_strand_id                A 
_struct_ref_seq.seq_align_beg                 1 
_struct_ref_seq.pdbx_seq_align_beg_ins_code   ? 
_struct_ref_seq.seq_align_end                 116 
_struct_ref_seq.pdbx_seq_align_end_ins_code   ? 
_struct_ref_seq.pdbx_db_accession             A2RI36 
_struct_ref_seq.db_align_beg                  1 
_struct_ref_seq.pdbx_db_align_beg_ins_code    ? 
_struct_ref_seq.db_align_end                  116 
_struct_ref_seq.pdbx_db_align_end_ins_code    ? 
_struct_ref_seq.pdbx_auth_seq_align_beg       1 
_struct_ref_seq.pdbx_auth_seq_align_end       116 
# 
loop_
_struct_ref_seq_dif.align_id 
_struct_ref_seq_dif.pdbx_pdb_id_code 
_struct_ref_seq_dif.mon_id 
_struct_ref_seq_dif.pdbx_pdb_strand_id 
_struct_ref_seq_dif.seq_num 
_struct_ref_seq_dif.pdbx_pdb_ins_code 
_struct_ref_seq_dif.pdbx_seq_db_name 
_struct_ref_seq_dif.pdbx_seq_db_accession_code 
_struct_ref_seq_dif.db_mon_id 
_struct_ref_seq_dif.pdbx_seq_db_seq_num 
_struct_ref_seq_dif.details 
_struct_ref_seq_dif.pdbx_auth_seq_num 
_struct_ref_seq_dif.pdbx_ordinal 
1 3F8C SER A 117 ? UNP A2RI36 ? ? 'expression tag' 117 1  
1 3F8C ARG A 118 ? UNP A2RI36 ? ? 'expression tag' 118 2  
1 3F8C TRP A 119 ? UNP A2RI36 ? ? 'expression tag' 119 3  
1 3F8C SER A 120 ? UNP A2RI36 ? ? 'expression tag' 120 4  
1 3F8C HIS A 121 ? UNP A2RI36 ? ? 'expression tag' 121 5  
1 3F8C PRO A 122 ? UNP A2RI36 ? ? 'expression tag' 122 6  
1 3F8C GLN A 123 ? UNP A2RI36 ? ? 'expression tag' 123 7  
1 3F8C PHE A 124 ? UNP A2RI36 ? ? 'expression tag' 124 8  
1 3F8C GLU A 125 ? UNP A2RI36 ? ? 'expression tag' 125 9  
1 3F8C LYS A 126 ? UNP A2RI36 ? ? 'expression tag' 126 10 
# 
loop_
_chem_comp.id 
_chem_comp.type 
_chem_comp.mon_nstd_flag 
_chem_comp.name 
_chem_comp.pdbx_synonyms 
_chem_comp.formula 
_chem_comp.formula_weight 
ALA 'L-peptide linking' y ALANINE                                                                ?               'C3 H7 N O2'     
89.093  
ARG 'L-peptide linking' y ARGININE                                                               ?               'C6 H15 N4 O2 1' 
175.209 
ASN 'L-peptide linking' y ASPARAGINE                                                             ?               'C4 H8 N2 O3'    
132.118 
ASP 'L-peptide linking' y 'ASPARTIC ACID'                                                        ?               'C4 H7 N O4'     
133.103 
GLN 'L-peptide linking' y GLUTAMINE                                                              ?               'C5 H10 N2 O3'   
146.144 
GLU 'L-peptide linking' y 'GLUTAMIC ACID'                                                        ?               'C5 H9 N O4'     
147.129 
GLY 'peptide linking'   y GLYCINE                                                                ?               'C2 H5 N O2'     
75.067  
HIS 'L-peptide linking' y HISTIDINE                                                              ?               'C6 H10 N3 O2 1' 
156.162 
HOH non-polymer         . WATER                                                                  ?               'H2 O'           
18.015  
HT1 non-polymer         . "2'-(4-ETHOXYPHENYL)-5-(4-METHYL-1-PIPERAZINYL)-2,5'-BI-BENZIMIDAZOLE" 'HOECHST 33342' 'C27 H28 N6 O'   
452.551 
ILE 'L-peptide linking' y ISOLEUCINE                                                             ?               'C6 H13 N O2'    
131.173 
LEU 'L-peptide linking' y LEUCINE                                                                ?               'C6 H13 N O2'    
131.173 
LYS 'L-peptide linking' y LYSINE                                                                 ?               'C6 H15 N2 O2 1' 
147.195 
MET 'L-peptide linking' y METHIONINE                                                             ?               'C5 H11 N O2 S'  
149.211 
PHE 'L-peptide linking' y PHENYLALANINE                                                          ?               'C9 H11 N O2'    
165.189 
PRO 'L-peptide linking' y PROLINE                                                                ?               'C5 H9 N O2'     
115.130 
SER 'L-peptide linking' y SERINE                                                                 ?               'C3 H7 N O3'     
105.093 
THR 'L-peptide linking' y THREONINE                                                              ?               'C4 H9 N O3'     
119.119 
TRP 'L-peptide linking' y TRYPTOPHAN                                                             ?               'C11 H12 N2 O2'  
204.225 
TYR 'L-peptide linking' y TYROSINE                                                               ?               'C9 H11 N O3'    
181.189 
VAL 'L-peptide linking' y VALINE                                                                 ?               'C5 H11 N O2'    
117.146 
# 
_exptl.crystals_number   1 
_exptl.entry_id          3F8C 
_exptl.method            'X-RAY DIFFRACTION' 
# 
_exptl_crystal.id                    1 
_exptl_crystal.pdbx_mosaicity        0.490 
_exptl_crystal.pdbx_mosaicity_esd    ? 
_exptl_crystal.density_Matthews      2.03 
_exptl_crystal.density_diffrn        ? 
_exptl_crystal.density_meas          ? 
_exptl_crystal.density_meas_temp     ? 
_exptl_crystal.density_percent_sol   39.55 
_exptl_crystal.size_max              ? 
_exptl_crystal.size_mid              ? 
_exptl_crystal.size_min              ? 
_exptl_crystal.size_rad              ? 
_exptl_crystal.description           ? 
_exptl_crystal.F_000                 ? 
_exptl_crystal.preparation           ? 
# 
_exptl_crystal_grow.crystal_id      1 
_exptl_crystal_grow.method          'VAPOR DIFFUSION, SITTING DROP' 
_exptl_crystal_grow.pH              9.0 
_exptl_crystal_grow.temp            298 
_exptl_crystal_grow.pdbx_details    
'25% PEG 1500, 0.1M succinic acid/phosphate/glycine (SPG buffer), pH 9.0, VAPOR DIFFUSION, SITTING DROP, temperature 298K' 
_exptl_crystal_grow.temp_details    ? 
_exptl_crystal_grow.pdbx_pH_range   . 
# 
_diffrn.id                     1 
_diffrn.ambient_temp           100 
_diffrn.ambient_temp_details   ? 
_diffrn.crystal_id             1 
# 
_diffrn_detector.diffrn_id              1 
_diffrn_detector.detector               CCD 
_diffrn_detector.type                   'ADSC QUANTUM 315' 
_diffrn_detector.pdbx_collection_date   2006-11-09 
_diffrn_detector.details                mirrors 
# 
_diffrn_radiation.diffrn_id                        1 
_diffrn_radiation.pdbx_diffrn_protocol             'SINGLE WAVELENGTH' 
_diffrn_radiation.monochromator                    ? 
_diffrn_radiation.wavelength_id                    1 
_diffrn_radiation.pdbx_monochromatic_or_laue_m_l   M 
_diffrn_radiation.pdbx_scattering_type             x-ray 
# 
_diffrn_radiation_wavelength.id           1 
_diffrn_radiation_wavelength.wavelength   0.92 
_diffrn_radiation_wavelength.wt           1.0 
# 
_diffrn_source.diffrn_id                   1 
_diffrn_source.source                      SYNCHROTRON 
_diffrn_source.type                        'ESRF BEAMLINE ID29' 
_diffrn_source.pdbx_wavelength_list        0.92 
_diffrn_source.pdbx_wavelength             ? 
_diffrn_source.pdbx_synchrotron_site       ESRF 
_diffrn_source.pdbx_synchrotron_beamline   ID29 
# 
_reflns.entry_id                     3F8C 
_reflns.d_resolution_high            2.200 
_reflns.d_resolution_low             49.270 
_reflns.number_all                   6957 
_reflns.number_obs                   6957 
_reflns.pdbx_Rsym_value              0.052 
_reflns.pdbx_redundancy              6.800 
_reflns.percent_possible_obs         100.000 
_reflns.observed_criterion_sigma_F   0 
_reflns.observed_criterion_sigma_I   2 
_reflns.pdbx_Rmerge_I_obs            ? 
_reflns.pdbx_netI_over_sigmaI        ? 
_reflns.B_iso_Wilson_estimate        ? 
_reflns.R_free_details               ? 
_reflns.limit_h_max                  ? 
_reflns.limit_h_min                  ? 
_reflns.limit_k_max                  ? 
_reflns.limit_k_min                  ? 
_reflns.limit_l_max                  ? 
_reflns.limit_l_min                  ? 
_reflns.observed_criterion_F_max     ? 
_reflns.observed_criterion_F_min     ? 
_reflns.pdbx_chi_squared             ? 
_reflns.pdbx_scaling_rejects         ? 
_reflns.pdbx_ordinal                 1 
_reflns.pdbx_diffrn_id               1 
# 
_reflns_shell.d_res_high             2.2 
_reflns_shell.d_res_low              2.3 
_reflns_shell.percent_possible_obs   ? 
_reflns_shell.percent_possible_all   100 
_reflns_shell.Rmerge_I_obs           0.22 
_reflns_shell.meanI_over_sigI_obs    ? 
_reflns_shell.pdbx_Rsym_value        ? 
_reflns_shell.pdbx_redundancy        5.2 
_reflns_shell.number_unique_all      969 
_reflns_shell.number_measured_all    ? 
_reflns_shell.number_measured_obs    ? 
_reflns_shell.number_unique_obs      ? 
_reflns_shell.pdbx_chi_squared       ? 
_reflns_shell.pdbx_ordinal           1 
_reflns_shell.pdbx_diffrn_id         1 
# 
_refine.entry_id                                 3F8C 
_refine.ls_d_res_high                            2.200 
_refine.ls_d_res_low                             49.00 
_refine.pdbx_ls_sigma_F                          0.00 
_refine.ls_percent_reflns_obs                    99.9 
_refine.ls_number_reflns_obs                     6874 
_refine.pdbx_ls_cross_valid_method               THROUGHOUT 
_refine.pdbx_R_Free_selection_details            RANDOM 
_refine.details                                  ? 
_refine.ls_R_factor_obs                          0.212 
_refine.ls_R_factor_R_work                       0.209 
_refine.ls_wR_factor_R_work                      0.209 
_refine.ls_R_factor_R_free                       0.258 
_refine.ls_wR_factor_R_free                      0.258 
_refine.ls_percent_reflns_R_free                 4.800 
_refine.ls_number_reflns_R_free                  327 
_refine.B_iso_mean                               21.644 
_refine.aniso_B[1][1]                            0.800 
_refine.aniso_B[2][2]                            0.800 
_refine.aniso_B[3][3]                            -1.610 
_refine.aniso_B[1][2]                            -0.000 
_refine.aniso_B[1][3]                            -0.000 
_refine.aniso_B[2][3]                            0.000 
_refine.correlation_coeff_Fo_to_Fc               0.945 
_refine.correlation_coeff_Fo_to_Fc_free          0.917 
_refine.overall_SU_R_Cruickshank_DPI             0.262 
_refine.overall_SU_R_free                        0.215 
_refine.pdbx_overall_ESU_R                       0.262 
_refine.pdbx_overall_ESU_R_Free                  0.215 
_refine.overall_SU_ML                            0.154 
_refine.overall_SU_B                             13.411 
_refine.solvent_model_details                    'BABINET MODEL WITH MASK' 
_refine.pdbx_solvent_vdw_probe_radii             1.400 
_refine.pdbx_solvent_ion_probe_radii             0.800 
_refine.pdbx_solvent_shrinkage_radii             0.800 
_refine.pdbx_method_to_determine_struct          'MOLECULAR REPLACEMENT' 
_refine.pdbx_stereochemistry_target_values       'MAXIMUM LIKELIHOOD' 
_refine.overall_FOM_work_R_set                   0.813 
_refine.B_iso_max                                61.66 
_refine.B_iso_min                                2.00 
_refine.occupancy_max                            1.00 
_refine.occupancy_min                            0.50 
_refine.pdbx_ls_sigma_I                          ? 
_refine.ls_number_reflns_all                     6874 
_refine.ls_R_factor_all                          0.212 
_refine.ls_redundancy_reflns_obs                 ? 
_refine.pdbx_data_cutoff_high_absF               ? 
_refine.pdbx_data_cutoff_low_absF                ? 
_refine.ls_number_parameters                     ? 
_refine.ls_number_restraints                     ? 
_refine.ls_R_factor_R_free_error                 ? 
_refine.ls_R_factor_R_free_error_details         ? 
_refine.pdbx_starting_model                      3F8B 
_refine.pdbx_stereochem_target_val_spec_case     ? 
_refine.solvent_model_param_bsol                 ? 
_refine.solvent_model_param_ksol                 ? 
_refine.pdbx_isotropic_thermal_model             ? 
_refine.pdbx_data_cutoff_high_rms_absF           ? 
_refine.overall_FOM_free_R_set                   ? 
_refine.pdbx_refine_id                           'X-RAY DIFFRACTION' 
_refine.pdbx_overall_phase_error                 ? 
_refine.pdbx_TLS_residual_ADP_flag               'LIKELY RESIDUAL' 
_refine.pdbx_diffrn_id                           1 
_refine.pdbx_overall_SU_R_free_Cruickshank_DPI   ? 
_refine.pdbx_overall_SU_R_Blow_DPI               ? 
_refine.pdbx_overall_SU_R_free_Blow_DPI          ? 
# 
_refine_hist.pdbx_refine_id                   'X-RAY DIFFRACTION' 
_refine_hist.cycle_id                         LAST 
_refine_hist.pdbx_number_atoms_protein        850 
_refine_hist.pdbx_number_atoms_nucleic_acid   0 
_refine_hist.pdbx_number_atoms_ligand         34 
_refine_hist.number_atoms_solvent             26 
_refine_hist.number_atoms_total               910 
_refine_hist.d_res_high                       2.200 
_refine_hist.d_res_low                        49.00 
# 
loop_
_refine_ls_restr.type 
_refine_ls_restr.number 
_refine_ls_restr.dev_ideal 
_refine_ls_restr.dev_ideal_target 
_refine_ls_restr.weight 
_refine_ls_restr.pdbx_refine_id 
_refine_ls_restr.pdbx_restraint_function 
r_bond_refined_d       901  0.013  0.022  ? 'X-RAY DIFFRACTION' ? 
r_angle_refined_deg    1212 0.907  2.014  ? 'X-RAY DIFFRACTION' ? 
r_dihedral_angle_1_deg 101  4.754  5.000  ? 'X-RAY DIFFRACTION' ? 
r_dihedral_angle_2_deg 45   32.192 24.444 ? 'X-RAY DIFFRACTION' ? 
r_dihedral_angle_3_deg 170  16.114 15.000 ? 'X-RAY DIFFRACTION' ? 
r_dihedral_angle_4_deg 7    19.187 15.000 ? 'X-RAY DIFFRACTION' ? 
r_chiral_restr         127  0.078  0.200  ? 'X-RAY DIFFRACTION' ? 
r_gen_planes_refined   669  0.005  0.020  ? 'X-RAY DIFFRACTION' ? 
r_mcbond_it            507  3.863  2.000  ? 'X-RAY DIFFRACTION' ? 
r_mcangle_it           814  5.533  3.000  ? 'X-RAY DIFFRACTION' ? 
r_scbond_it            394  5.301  2.000  ? 'X-RAY DIFFRACTION' ? 
r_scangle_it           398  7.907  3.000  ? 'X-RAY DIFFRACTION' ? 
# 
_refine_ls_shell.d_res_high                       2.200 
_refine_ls_shell.d_res_low                        2.257 
_refine_ls_shell.pdbx_total_number_of_bins_used   20 
_refine_ls_shell.percent_reflns_obs               100.000 
_refine_ls_shell.number_reflns_R_work             464 
_refine_ls_shell.R_factor_all                     ? 
_refine_ls_shell.R_factor_R_work                  0.209 
_refine_ls_shell.R_factor_R_free                  0.258 
_refine_ls_shell.percent_reflns_R_free            ? 
_refine_ls_shell.number_reflns_R_free             327 
_refine_ls_shell.R_factor_R_free_error            ? 
_refine_ls_shell.number_reflns_all                481 
_refine_ls_shell.number_reflns_obs                6547 
_refine_ls_shell.redundancy_reflns_obs            ? 
_refine_ls_shell.pdbx_refine_id                   'X-RAY DIFFRACTION' 
# 
_struct.entry_id                  3F8C 
_struct.title                     
'Crystal structure of multidrug binding transcriptional regulator LmrR complexed with Hoechst 33342' 
_struct.pdbx_model_details        ? 
_struct.pdbx_CASP_flag            ? 
_struct.pdbx_model_type_details   ? 
# 
_struct_keywords.entry_id        3F8C 
_struct_keywords.text            'Winged helix turn helix, TRANSCRIPTION REGULATOR' 
_struct_keywords.pdbx_keywords   'TRANSCRIPTION REGULATOR' 
# 
loop_
_struct_asym.id 
_struct_asym.pdbx_blank_PDB_chainid_flag 
_struct_asym.pdbx_modified 
_struct_asym.entity_id 
_struct_asym.details 
A N N 1 ? 
B N N 2 ? 
C N N 3 ? 
# 
_struct_biol.id        1 
_struct_biol.details   ? 
# 
loop_
_struct_conf.conf_type_id 
_struct_conf.id 
_struct_conf.pdbx_PDB_helix_id 
_struct_conf.beg_label_comp_id 
_struct_conf.beg_label_asym_id 
_struct_conf.beg_label_seq_id 
_struct_conf.pdbx_beg_PDB_ins_code 
_struct_conf.end_label_comp_id 
_struct_conf.end_label_asym_id 
_struct_conf.end_label_seq_id 
_struct_conf.pdbx_end_PDB_ins_code 
_struct_conf.beg_auth_comp_id 
_struct_conf.beg_auth_asym_id 
_struct_conf.beg_auth_seq_id 
_struct_conf.end_auth_comp_id 
_struct_conf.end_auth_asym_id 
_struct_conf.end_auth_seq_id 
_struct_conf.pdbx_PDB_helix_class 
_struct_conf.details 
_struct_conf.pdbx_PDB_helix_length 
HELX_P HELX_P1 1 PRO A 5  ? GLY A 24  ? PRO A 5  GLY A 24  1 ? 20 
HELX_P HELX_P2 2 TYR A 27 ? SER A 39  ? TYR A 27 SER A 39  1 ? 13 
HELX_P HELX_P3 3 ASN A 46 ? ASP A 60  ? ASN A 46 ASP A 60  1 ? 15 
HELX_P HELX_P4 4 THR A 82 ? GLU A 107 ? THR A 82 GLU A 107 1 ? 26 
# 
_struct_conf_type.id          HELX_P 
_struct_conf_type.criteria    ? 
_struct_conf_type.reference   ? 
# 
_struct_sheet.id               A 
_struct_sheet.type             ? 
_struct_sheet.number_strands   2 
_struct_sheet.details          ? 
# 
_struct_sheet_order.sheet_id     A 
_struct_sheet_order.range_id_1   1 
_struct_sheet_order.range_id_2   2 
_struct_sheet_order.offset       ? 
_struct_sheet_order.sense        anti-parallel 
# 
loop_
_struct_sheet_range.sheet_id 
_struct_sheet_range.id 
_struct_sheet_range.beg_label_comp_id 
_struct_sheet_range.beg_label_asym_id 
_struct_sheet_range.beg_label_seq_id 
_struct_sheet_range.pdbx_beg_PDB_ins_code 
_struct_sheet_range.end_label_comp_id 
_struct_sheet_range.end_label_asym_id 
_struct_sheet_range.end_label_seq_id 
_struct_sheet_range.pdbx_end_PDB_ins_code 
_struct_sheet_range.beg_auth_comp_id 
_struct_sheet_range.beg_auth_asym_id 
_struct_sheet_range.beg_auth_seq_id 
_struct_sheet_range.end_auth_comp_id 
_struct_sheet_range.end_auth_asym_id 
_struct_sheet_range.end_auth_seq_id 
A 1 ILE A 63 ? TRP A 67 ? ILE A 63 TRP A 67 
A 2 LYS A 77 ? LEU A 81 ? LYS A 77 LEU A 81 
# 
_pdbx_struct_sheet_hbond.sheet_id                A 
_pdbx_struct_sheet_hbond.range_id_1              1 
_pdbx_struct_sheet_hbond.range_id_2              2 
_pdbx_struct_sheet_hbond.range_1_label_atom_id   N 
_pdbx_struct_sheet_hbond.range_1_label_comp_id   TYR 
_pdbx_struct_sheet_hbond.range_1_label_asym_id   A 
_pdbx_struct_sheet_hbond.range_1_label_seq_id    66 
_pdbx_struct_sheet_hbond.range_1_PDB_ins_code    ? 
_pdbx_struct_sheet_hbond.range_1_auth_atom_id    N 
_pdbx_struct_sheet_hbond.range_1_auth_comp_id    TYR 
_pdbx_struct_sheet_hbond.range_1_auth_asym_id    A 
_pdbx_struct_sheet_hbond.range_1_auth_seq_id     66 
_pdbx_struct_sheet_hbond.range_2_label_atom_id   O 
_pdbx_struct_sheet_hbond.range_2_label_comp_id   TYR 
_pdbx_struct_sheet_hbond.range_2_label_asym_id   A 
_pdbx_struct_sheet_hbond.range_2_label_seq_id    78 
_pdbx_struct_sheet_hbond.range_2_PDB_ins_code    ? 
_pdbx_struct_sheet_hbond.range_2_auth_atom_id    O 
_pdbx_struct_sheet_hbond.range_2_auth_comp_id    TYR 
_pdbx_struct_sheet_hbond.range_2_auth_asym_id    A 
_pdbx_struct_sheet_hbond.range_2_auth_seq_id     78 
# 
_struct_site.id                   AC1 
_struct_site.pdbx_evidence_code   Software 
_struct_site.pdbx_auth_asym_id    A 
_struct_site.pdbx_auth_comp_id    HT1 
_struct_site.pdbx_auth_seq_id     127 
_struct_site.pdbx_auth_ins_code   ? 
_struct_site.pdbx_num_residues    9 
_struct_site.details              'BINDING SITE FOR RESIDUE HT1 A 127' 
# 
loop_
_struct_site_gen.id 
_struct_site_gen.site_id 
_struct_site_gen.pdbx_num_res 
_struct_site_gen.label_comp_id 
_struct_site_gen.label_asym_id 
_struct_site_gen.label_seq_id 
_struct_site_gen.pdbx_auth_ins_code 
_struct_site_gen.auth_comp_id 
_struct_site_gen.auth_asym_id 
_struct_site_gen.auth_seq_id 
_struct_site_gen.label_atom_id 
_struct_site_gen.label_alt_id 
_struct_site_gen.symmetry 
_struct_site_gen.details 
1 AC1 9 MET A 8  ? MET A 8   . ? 1_555 ? 
2 AC1 9 VAL A 15 ? VAL A 15  . ? 1_555 ? 
3 AC1 9 LEU A 18 ? LEU A 18  . ? 1_555 ? 
4 AC1 9 MET A 89 ? MET A 89  . ? 1_555 ? 
5 AC1 9 ALA A 92 ? ALA A 92  . ? 1_555 ? 
6 AC1 9 TRP A 96 ? TRP A 96  . ? 1_555 ? 
7 AC1 9 HOH C .  ? HOH A 144 . ? 1_555 ? 
8 AC1 9 HOH C .  ? HOH A 147 . ? 1_555 ? 
9 AC1 9 HOH C .  ? HOH A 148 . ? 1_555 ? 
# 
_atom_sites.entry_id                    3F8C 
_atom_sites.fract_transf_matrix[1][1]   -0.02266750 
_atom_sites.fract_transf_matrix[1][2]   0.01669074 
_atom_sites.fract_transf_matrix[1][3]   0.00522858 
_atom_sites.fract_transf_matrix[2][1]   -0.01356308 
_atom_sites.fract_transf_matrix[2][2]   -0.02217792 
_atom_sites.fract_transf_matrix[2][3]   0.01199653 
_atom_sites.fract_transf_matrix[3][1]   0.00195793 
_atom_sites.fract_transf_matrix[3][2]   0.00124474 
_atom_sites.fract_transf_matrix[3][3]   0.00451474 
_atom_sites.fract_transf_vector[1]      -0.065255 
_atom_sites.fract_transf_vector[2]      -0.063977 
_atom_sites.fract_transf_vector[3]      -0.066548 
# 
loop_
_atom_type.symbol 
C 
N 
O 
S 
# 
loop_
_atom_site.group_PDB 
_atom_site.id 
_atom_site.type_symbol 
_atom_site.label_atom_id 
_atom_site.label_alt_id 
_atom_site.label_comp_id 
_atom_site.label_asym_id 
_atom_site.label_entity_id 
_atom_site.label_seq_id 
_atom_site.pdbx_PDB_ins_code 
_atom_site.Cartn_x 
_atom_site.Cartn_y 
_atom_site.Cartn_z 
_atom_site.occupancy 
_atom_site.B_iso_or_equiv 
_atom_site.pdbx_formal_charge 
_atom_site.auth_seq_id 
_atom_site.auth_comp_id 
_atom_site.auth_asym_id 
_atom_site.auth_atom_id 
_atom_site.pdbx_PDB_model_num 
ATOM   1   N N   . GLU A 1 3   ? 6.341   18.915  10.492  1.00 32.06 ? 3   GLU A N   1 
ATOM   2   C CA  . GLU A 1 3   ? 7.667   18.297  10.772  1.00 25.59 ? 3   GLU A CA  1 
ATOM   3   C C   . GLU A 1 3   ? 7.581   16.769  10.788  1.00 25.62 ? 3   GLU A C   1 
ATOM   4   O O   . GLU A 1 3   ? 8.252   16.113  11.590  1.00 25.90 ? 3   GLU A O   1 
ATOM   5   C CB  . GLU A 1 3   ? 8.219   18.798  12.105  1.00 23.54 ? 3   GLU A CB  1 
ATOM   6   C CG  . GLU A 1 3   ? 8.025   20.272  12.341  1.00 20.09 ? 3   GLU A CG  1 
ATOM   7   C CD  . GLU A 1 3   ? 8.153   20.638  13.803  1.00 23.24 ? 3   GLU A CD  1 
ATOM   8   O OE1 . GLU A 1 3   ? 7.604   19.894  14.643  1.00 21.59 ? 3   GLU A OE1 1 
ATOM   9   O OE2 . GLU A 1 3   ? 8.799   21.669  14.118  1.00 25.45 ? 3   GLU A OE2 1 
ATOM   10  N N   . ILE A 1 4   ? 6.730   16.208  9.924   1.00 21.37 ? 4   ILE A N   1 
ATOM   11  C CA  . ILE A 1 4   ? 6.749   14.766  9.658   1.00 21.77 ? 4   ILE A CA  1 
ATOM   12  C C   . ILE A 1 4   ? 7.812   14.460  8.600   1.00 19.49 ? 4   ILE A C   1 
ATOM   13  O O   . ILE A 1 4   ? 7.796   15.042  7.510   1.00 15.12 ? 4   ILE A O   1 
ATOM   14  C CB  . ILE A 1 4   ? 5.365   14.232  9.171   1.00 21.20 ? 4   ILE A CB  1 
ATOM   15  C CG1 . ILE A 1 4   ? 4.313   14.396  10.264  1.00 25.84 ? 4   ILE A CG1 1 
ATOM   16  C CG2 . ILE A 1 4   ? 5.464   12.774  8.766   1.00 18.79 ? 4   ILE A CG2 1 
ATOM   17  C CD1 . ILE A 1 4   ? 2.989   13.779  9.930   1.00 29.77 ? 4   ILE A CD1 1 
ATOM   18  N N   . PRO A 1 5   ? 8.764   13.571  8.935   1.00 20.92 ? 5   PRO A N   1 
ATOM   19  C CA  . PRO A 1 5   ? 9.854   13.227  8.020   1.00 22.03 ? 5   PRO A CA  1 
ATOM   20  C C   . PRO A 1 5   ? 9.340   12.747  6.662   1.00 19.23 ? 5   PRO A C   1 
ATOM   21  O O   . PRO A 1 5   ? 8.352   12.005  6.592   1.00 19.81 ? 5   PRO A O   1 
ATOM   22  C CB  . PRO A 1 5   ? 10.579  12.095  8.754   1.00 24.31 ? 5   PRO A CB  1 
ATOM   23  C CG  . PRO A 1 5   ? 10.338  12.394  10.206  1.00 22.66 ? 5   PRO A CG  1 
ATOM   24  C CD  . PRO A 1 5   ? 8.933   12.939  10.260  1.00 23.50 ? 5   PRO A CD  1 
ATOM   25  N N   . LYS A 1 6   ? 10.018  13.173  5.598   1.00 17.02 ? 6   LYS A N   1 
ATOM   26  C CA  . LYS A 1 6   ? 9.635   12.823  4.239   1.00 18.21 ? 6   LYS A CA  1 
ATOM   27  C C   . LYS A 1 6   ? 9.585   11.305  4.059   1.00 13.23 ? 6   LYS A C   1 
ATOM   28  O O   . LYS A 1 6   ? 8.752   10.786  3.315   1.00 19.51 ? 6   LYS A O   1 
ATOM   29  C CB  . LYS A 1 6   ? 10.612  13.450  3.248   1.00 21.61 ? 6   LYS A CB  1 
ATOM   30  C CG  . LYS A 1 6   ? 10.065  13.625  1.831   1.00 28.45 ? 6   LYS A CG  1 
ATOM   31  C CD  . LYS A 1 6   ? 11.033  14.473  0.980   1.00 26.89 ? 6   LYS A CD  1 
ATOM   32  C CE  . LYS A 1 6   ? 12.410  13.811  0.889   1.00 23.74 ? 6   LYS A CE  1 
ATOM   33  N NZ  . LYS A 1 6   ? 13.499  14.795  0.729   1.00 19.67 ? 6   LYS A NZ  1 
ATOM   34  N N   . GLU A 1 7   ? 10.466  10.600  4.762   1.00 10.23 ? 7   GLU A N   1 
ATOM   35  C CA  . GLU A 1 7   ? 10.503  9.143   4.704   1.00 13.60 ? 7   GLU A CA  1 
ATOM   36  C C   . GLU A 1 7   ? 9.316   8.495   5.440   1.00 15.77 ? 7   GLU A C   1 
ATOM   37  O O   . GLU A 1 7   ? 8.898   7.385   5.096   1.00 14.86 ? 7   GLU A O   1 
ATOM   38  C CB  . GLU A 1 7   ? 11.833  8.612   5.245   1.00 19.57 ? 7   GLU A CB  1 
ATOM   39  C CG  . GLU A 1 7   ? 12.147  9.050   6.670   1.00 25.88 ? 7   GLU A CG  1 
ATOM   40  C CD  . GLU A 1 7   ? 13.006  10.318  6.737   1.00 28.22 ? 7   GLU A CD  1 
ATOM   41  O OE1 . GLU A 1 7   ? 13.138  11.015  5.707   1.00 25.18 ? 7   GLU A OE1 1 
ATOM   42  O OE2 . GLU A 1 7   ? 13.554  10.606  7.828   1.00 28.07 ? 7   GLU A OE2 1 
ATOM   43  N N   . MET A 1 8   ? 8.749   9.197   6.426   1.00 12.68 ? 8   MET A N   1 
ATOM   44  C CA  . MET A 1 8   ? 7.536   8.702   7.095   1.00 13.86 ? 8   MET A CA  1 
ATOM   45  C C   . MET A 1 8   ? 6.280   8.882   6.215   1.00 17.17 ? 8   MET A C   1 
ATOM   46  O O   . MET A 1 8   ? 5.369   8.029   6.217   1.00 20.47 ? 8   MET A O   1 
ATOM   47  C CB  . MET A 1 8   ? 7.337   9.380   8.456   1.00 14.95 ? 8   MET A CB  1 
ATOM   48  C CG  . MET A 1 8   ? 6.195   8.787   9.269   1.00 11.75 ? 8   MET A CG  1 
ATOM   49  S SD  . MET A 1 8   ? 5.928   9.614   10.853  1.00 9.42  ? 8   MET A SD  1 
ATOM   50  C CE  . MET A 1 8   ? 7.366   9.067   11.759  1.00 13.11 ? 8   MET A CE  1 
ATOM   51  N N   . LEU A 1 9   ? 6.221   10.000  5.490   1.00 16.01 ? 9   LEU A N   1 
ATOM   52  C CA  . LEU A 1 9   ? 5.117   10.252  4.550   1.00 21.30 ? 9   LEU A CA  1 
ATOM   53  C C   . LEU A 1 9   ? 5.137   9.219   3.417   1.00 21.18 ? 9   LEU A C   1 
ATOM   54  O O   . LEU A 1 9   ? 4.089   8.694   3.006   1.00 15.68 ? 9   LEU A O   1 
ATOM   55  C CB  . LEU A 1 9   ? 5.208   11.674  3.981   1.00 13.66 ? 9   LEU A CB  1 
ATOM   56  C CG  . LEU A 1 9   ? 5.200   12.759  5.063   1.00 17.88 ? 9   LEU A CG  1 
ATOM   57  C CD1 . LEU A 1 9   ? 5.698   14.070  4.526   1.00 16.03 ? 9   LEU A CD1 1 
ATOM   58  C CD2 . LEU A 1 9   ? 3.811   12.912  5.656   1.00 18.45 ? 9   LEU A CD2 1 
ATOM   59  N N   . ARG A 1 10  ? 6.337   8.935   2.927   1.00 14.90 ? 10  ARG A N   1 
ATOM   60  C CA  . ARG A 1 10  ? 6.546   7.895   1.948   1.00 18.16 ? 10  ARG A CA  1 
ATOM   61  C C   . ARG A 1 10  ? 6.065   6.551   2.477   1.00 21.78 ? 10  ARG A C   1 
ATOM   62  O O   . ARG A 1 10  ? 5.406   5.800   1.762   1.00 20.47 ? 10  ARG A O   1 
ATOM   63  C CB  . ARG A 1 10  ? 8.029   7.817   1.587   1.00 26.59 ? 10  ARG A CB  1 
ATOM   64  C CG  . ARG A 1 10  ? 8.372   6.794   0.513   1.00 37.19 ? 10  ARG A CG  1 
ATOM   65  C CD  . ARG A 1 10  ? 9.811   6.994   0.034   1.00 47.01 ? 10  ARG A CD  1 
ATOM   66  N NE  . ARG A 1 10  ? 10.062  8.387   -0.373  1.00 51.55 ? 10  ARG A NE  1 
ATOM   67  C CZ  . ARG A 1 10  ? 10.871  9.235   0.267   1.00 51.30 ? 10  ARG A CZ  1 
ATOM   68  N NH1 . ARG A 1 10  ? 11.023  10.476  -0.187  1.00 50.23 ? 10  ARG A NH1 1 
ATOM   69  N NH2 . ARG A 1 10  ? 11.539  8.843   1.349   1.00 51.49 ? 10  ARG A NH2 1 
ATOM   70  N N   . ALA A 1 11  ? 6.399   6.247   3.738   1.00 12.24 ? 11  ALA A N   1 
ATOM   71  C CA  . ALA A 1 11  ? 6.014   4.980   4.349   1.00 15.94 ? 11  ALA A CA  1 
ATOM   72  C C   . ALA A 1 11  ? 4.488   4.893   4.452   1.00 20.93 ? 11  ALA A C   1 
ATOM   73  O O   . ALA A 1 11  ? 3.904   3.847   4.213   1.00 20.49 ? 11  ALA A O   1 
ATOM   74  C CB  . ALA A 1 11  ? 6.665   4.826   5.750   1.00 14.37 ? 11  ALA A CB  1 
ATOM   75  N N   . GLN A 1 12  ? 3.853   6.005   4.824   1.00 21.29 ? 12  GLN A N   1 
ATOM   76  C CA  . GLN A 1 12  ? 2.398   6.044   4.991   1.00 20.63 ? 12  GLN A CA  1 
ATOM   77  C C   . GLN A 1 12  ? 1.694   5.817   3.638   1.00 23.66 ? 12  GLN A C   1 
ATOM   78  O O   . GLN A 1 12  ? 0.716   5.069   3.542   1.00 19.37 ? 12  GLN A O   1 
ATOM   79  C CB  . GLN A 1 12  ? 1.973   7.385   5.612   1.00 15.63 ? 12  GLN A CB  1 
ATOM   80  C CG  . GLN A 1 12  ? 2.380   7.526   7.069   1.00 16.37 ? 12  GLN A CG  1 
ATOM   81  C CD  . GLN A 1 12  ? 2.221   8.915   7.576   1.00 11.28 ? 12  GLN A CD  1 
ATOM   82  O OE1 . GLN A 1 12  ? 2.079   9.860   6.786   1.00 15.47 ? 12  GLN A OE1 1 
ATOM   83  N NE2 . GLN A 1 12  ? 2.265   9.083   8.927   1.00 4.52  ? 12  GLN A NE2 1 
ATOM   84  N N   . THR A 1 13  ? 2.212   6.467   2.604   1.00 17.33 ? 13  THR A N   1 
ATOM   85  C CA  . THR A 1 13  ? 1.734   6.278   1.259   1.00 22.98 ? 13  THR A CA  1 
ATOM   86  C C   . THR A 1 13  ? 1.854   4.814   0.828   1.00 22.14 ? 13  THR A C   1 
ATOM   87  O O   . THR A 1 13  ? 0.928   4.268   0.242   1.00 22.26 ? 13  THR A O   1 
ATOM   88  C CB  . THR A 1 13  ? 2.503   7.166   0.280   1.00 20.21 ? 13  THR A CB  1 
ATOM   89  O OG1 . THR A 1 13  ? 2.224   8.541   0.573   1.00 21.58 ? 13  THR A OG1 1 
ATOM   90  C CG2 . THR A 1 13  ? 2.110   6.853   -1.190  1.00 23.39 ? 13  THR A CG2 1 
ATOM   91  N N   . ASN A 1 14  ? 3.010   4.209   1.090   1.00 22.07 ? 14  ASN A N   1 
ATOM   92  C CA  . ASN A 1 14  ? 3.220   2.782   0.816   1.00 23.56 ? 14  ASN A CA  1 
ATOM   93  C C   . ASN A 1 14  ? 2.182   1.908   1.503   1.00 28.11 ? 14  ASN A C   1 
ATOM   94  O O   . ASN A 1 14  ? 1.617   1.001   0.895   1.00 18.66 ? 14  ASN A O   1 
ATOM   95  C CB  . ASN A 1 14  ? 4.593   2.349   1.304   1.00 23.48 ? 14  ASN A CB  1 
ATOM   96  C CG  . ASN A 1 14  ? 5.641   2.532   0.279   1.00 30.51 ? 14  ASN A CG  1 
ATOM   97  O OD1 . ASN A 1 14  ? 5.346   2.816   -0.865  1.00 27.99 ? 14  ASN A OD1 1 
ATOM   98  N ND2 . ASN A 1 14  ? 6.890   2.368   0.676   1.00 36.47 ? 14  ASN A ND2 1 
ATOM   99  N N   . VAL A 1 15  ? 1.983   2.156   2.799   1.00 22.51 ? 15  VAL A N   1 
ATOM   100 C CA  . VAL A 1 15  ? 1.063   1.373   3.596   1.00 22.08 ? 15  VAL A CA  1 
ATOM   101 C C   . VAL A 1 15  ? -0.374  1.493   3.070   1.00 28.94 ? 15  VAL A C   1 
ATOM   102 O O   . VAL A 1 15  ? -1.133  0.523   3.063   1.00 27.43 ? 15  VAL A O   1 
ATOM   103 C CB  . VAL A 1 15  ? 1.131   1.806   5.069   1.00 24.90 ? 15  VAL A CB  1 
ATOM   104 C CG1 . VAL A 1 15  ? -0.039  1.238   5.863   1.00 24.47 ? 15  VAL A CG1 1 
ATOM   105 C CG2 . VAL A 1 15  ? 2.517   1.390   5.689   1.00 21.03 ? 15  VAL A CG2 1 
ATOM   106 N N   . ILE A 1 16  ? -0.741  2.686   2.625   1.00 24.35 ? 16  ILE A N   1 
ATOM   107 C CA  . ILE A 1 16  ? -2.068  2.898   2.078   1.00 26.56 ? 16  ILE A CA  1 
ATOM   108 C C   . ILE A 1 16  ? -2.247  2.112   0.774   1.00 26.64 ? 16  ILE A C   1 
ATOM   109 O O   . ILE A 1 16  ? -3.207  1.375   0.616   1.00 32.07 ? 16  ILE A O   1 
ATOM   110 C CB  . ILE A 1 16  ? -2.340  4.377   1.841   1.00 19.61 ? 16  ILE A CB  1 
ATOM   111 C CG1 . ILE A 1 16  ? -2.518  5.094   3.198   1.00 21.85 ? 16  ILE A CG1 1 
ATOM   112 C CG2 . ILE A 1 16  ? -3.569  4.558   0.972   1.00 20.88 ? 16  ILE A CG2 1 
ATOM   113 C CD1 . ILE A 1 16  ? -2.587  6.605   3.086   1.00 21.16 ? 16  ILE A CD1 1 
ATOM   114 N N   . LEU A 1 17  ? -1.298  2.266   -0.140  1.00 20.32 ? 17  LEU A N   1 
ATOM   115 C CA  . LEU A 1 17  ? -1.321  1.540   -1.409  1.00 22.81 ? 17  LEU A CA  1 
ATOM   116 C C   . LEU A 1 17  ? -1.340  0.007   -1.217  1.00 21.96 ? 17  LEU A C   1 
ATOM   117 O O   . LEU A 1 17  ? -2.057  -0.677  -1.899  1.00 16.24 ? 17  LEU A O   1 
ATOM   118 C CB  . LEU A 1 17  ? -0.136  1.952   -2.283  1.00 13.64 ? 17  LEU A CB  1 
ATOM   119 C CG  . LEU A 1 17  ? -0.223  3.372   -2.853  1.00 15.55 ? 17  LEU A CG  1 
ATOM   120 C CD1 . LEU A 1 17  ? 1.119   3.820   -3.417  1.00 9.02  ? 17  LEU A CD1 1 
ATOM   121 C CD2 . LEU A 1 17  ? -1.311  3.433   -3.933  1.00 10.77 ? 17  LEU A CD2 1 
ATOM   122 N N   . LEU A 1 18  ? -0.523  -0.508  -0.294  1.00 16.40 ? 18  LEU A N   1 
ATOM   123 C CA  . LEU A 1 18  ? -0.482  -1.941  -0.041  1.00 21.65 ? 18  LEU A CA  1 
ATOM   124 C C   . LEU A 1 18  ? -1.811  -2.424  0.520   1.00 26.06 ? 18  LEU A C   1 
ATOM   125 O O   . LEU A 1 18  ? -2.218  -3.561  0.272   1.00 18.44 ? 18  LEU A O   1 
ATOM   126 C CB  . LEU A 1 18  ? 0.672   -2.309  0.903   1.00 11.46 ? 18  LEU A CB  1 
ATOM   127 C CG  . LEU A 1 18  ? 2.061   -2.109  0.276   1.00 12.11 ? 18  LEU A CG  1 
ATOM   128 C CD1 . LEU A 1 18  ? 3.141   -2.278  1.335   1.00 9.13  ? 18  LEU A CD1 1 
ATOM   129 C CD2 . LEU A 1 18  ? 2.287   -3.082  -0.861  1.00 5.52  ? 18  LEU A CD2 1 
ATOM   130 N N   . ASN A 1 19  ? -2.502  -1.555  1.252   1.00 21.64 ? 19  ASN A N   1 
ATOM   131 C CA  . ASN A 1 19  ? -3.836  -1.895  1.737   1.00 21.22 ? 19  ASN A CA  1 
ATOM   132 C C   . ASN A 1 19  ? -4.910  -1.839  0.667   1.00 18.54 ? 19  ASN A C   1 
ATOM   133 O O   . ASN A 1 19  ? -5.918  -2.525  0.757   1.00 22.47 ? 19  ASN A O   1 
ATOM   134 C CB  . ASN A 1 19  ? -4.221  -1.075  2.964   1.00 18.26 ? 19  ASN A CB  1 
ATOM   135 C CG  . ASN A 1 19  ? -3.687  -1.675  4.237   1.00 20.51 ? 19  ASN A CG  1 
ATOM   136 O OD1 . ASN A 1 19  ? -4.294  -2.575  4.813   1.00 17.41 ? 19  ASN A OD1 1 
ATOM   137 N ND2 . ASN A 1 19  ? -2.517  -1.210  4.666   1.00 17.00 ? 19  ASN A ND2 1 
ATOM   138 N N   . VAL A 1 20  ? -4.699  -1.044  -0.356  1.00 17.40 ? 20  VAL A N   1 
ATOM   139 C CA  . VAL A 1 20  ? -5.610  -1.087  -1.477  1.00 14.53 ? 20  VAL A CA  1 
ATOM   140 C C   . VAL A 1 20  ? -5.490  -2.466  -2.128  1.00 16.24 ? 20  VAL A C   1 
ATOM   141 O O   . VAL A 1 20  ? -6.480  -3.146  -2.374  1.00 24.63 ? 20  VAL A O   1 
ATOM   142 C CB  . VAL A 1 20  ? -5.294  -0.014  -2.503  1.00 12.82 ? 20  VAL A CB  1 
ATOM   143 C CG1 . VAL A 1 20  ? -6.180  -0.203  -3.760  1.00 10.76 ? 20  VAL A CG1 1 
ATOM   144 C CG2 . VAL A 1 20  ? -5.503  1.373   -1.895  1.00 20.29 ? 20  VAL A CG2 1 
ATOM   145 N N   . LEU A 1 21  ? -4.259  -2.871  -2.377  1.00 13.65 ? 21  LEU A N   1 
ATOM   146 C CA  . LEU A 1 21  ? -3.955  -4.179  -2.959  1.00 18.95 ? 21  LEU A CA  1 
ATOM   147 C C   . LEU A 1 21  ? -4.428  -5.376  -2.067  1.00 20.76 ? 21  LEU A C   1 
ATOM   148 O O   . LEU A 1 21  ? -4.842  -6.437  -2.571  1.00 20.34 ? 21  LEU A O   1 
ATOM   149 C CB  . LEU A 1 21  ? -2.450  -4.263  -3.233  1.00 15.53 ? 21  LEU A CB  1 
ATOM   150 C CG  . LEU A 1 21  ? -2.025  -3.882  -4.656  1.00 22.84 ? 21  LEU A CG  1 
ATOM   151 C CD1 . LEU A 1 21  ? -2.808  -2.732  -5.199  1.00 22.64 ? 21  LEU A CD1 1 
ATOM   152 C CD2 . LEU A 1 21  ? -0.534  -3.648  -4.737  1.00 14.25 ? 21  LEU A CD2 1 
ATOM   153 N N   . LYS A 1 22  ? -4.341  -5.196  -0.761  1.00 19.48 ? 22  LYS A N   1 
ATOM   154 C CA  . LYS A 1 22  ? -4.805  -6.189  0.172   1.00 22.74 ? 22  LYS A CA  1 
ATOM   155 C C   . LYS A 1 22  ? -6.305  -6.443  -0.023  1.00 26.61 ? 22  LYS A C   1 
ATOM   156 O O   . LYS A 1 22  ? -6.767  -7.569  0.105   1.00 22.13 ? 22  LYS A O   1 
ATOM   157 C CB  . LYS A 1 22  ? -4.520  -5.731  1.601   1.00 25.60 ? 22  LYS A CB  1 
ATOM   158 C CG  . LYS A 1 22  ? -5.013  -6.654  2.647   1.00 27.46 ? 22  LYS A CG  1 
ATOM   159 C CD  . LYS A 1 22  ? -4.563  -6.202  4.011   1.00 35.59 ? 22  LYS A CD  1 
ATOM   160 C CE  . LYS A 1 22  ? -4.367  -7.381  4.927   1.00 37.77 ? 22  LYS A CE  1 
ATOM   161 N NZ  . LYS A 1 22  ? -3.616  -6.995  6.141   1.00 45.61 ? 22  LYS A NZ  1 
ATOM   162 N N   . GLN A 1 23  ? -7.052  -5.385  -0.353  1.00 24.19 ? 23  GLN A N   1 
ATOM   163 C CA  . GLN A 1 23  ? -8.488  -5.497  -0.599  1.00 21.44 ? 23  GLN A CA  1 
ATOM   164 C C   . GLN A 1 23  ? -8.778  -6.258  -1.893  1.00 27.16 ? 23  GLN A C   1 
ATOM   165 O O   . GLN A 1 23  ? -9.808  -6.907  -2.014  1.00 27.59 ? 23  GLN A O   1 
ATOM   166 C CB  . GLN A 1 23  ? -9.146  -4.111  -0.665  1.00 21.93 ? 23  GLN A CB  1 
ATOM   167 C CG  . GLN A 1 23  ? -8.872  -3.224  0.534   1.00 28.11 ? 23  GLN A CG  1 
ATOM   168 C CD  . GLN A 1 23  ? -8.893  -3.990  1.833   1.00 31.76 ? 23  GLN A CD  1 
ATOM   169 O OE1 . GLN A 1 23  ? -9.858  -4.693  2.138   1.00 37.55 ? 23  GLN A OE1 1 
ATOM   170 N NE2 . GLN A 1 23  ? -7.824  -3.870  2.604   1.00 33.80 ? 23  GLN A NE2 1 
ATOM   171 N N   . GLY A 1 24  ? -7.872  -6.167  -2.866  1.00 23.69 ? 24  GLY A N   1 
ATOM   172 C CA  . GLY A 1 24  ? -8.019  -6.943  -4.118  1.00 20.08 ? 24  GLY A CA  1 
ATOM   173 C C   . GLY A 1 24  ? -7.036  -6.465  -5.167  1.00 19.76 ? 24  GLY A C   1 
ATOM   174 O O   . GLY A 1 24  ? -6.583  -5.310  -5.126  1.00 20.26 ? 24  GLY A O   1 
ATOM   175 N N   . ASP A 1 25  ? -6.680  -7.354  -6.089  1.00 15.76 ? 25  ASP A N   1 
ATOM   176 C CA  . ASP A 1 25  ? -5.782  -7.005  -7.205  1.00 19.62 ? 25  ASP A CA  1 
ATOM   177 C C   . ASP A 1 25  ? -6.411  -5.861  -7.945  1.00 17.98 ? 25  ASP A C   1 
ATOM   178 O O   . ASP A 1 25  ? -7.615  -5.802  -8.063  1.00 16.88 ? 25  ASP A O   1 
ATOM   179 C CB  . ASP A 1 25  ? -5.603  -8.197  -8.141  1.00 12.86 ? 25  ASP A CB  1 
ATOM   180 C CG  . ASP A 1 25  ? -4.924  -9.362  -7.468  1.00 15.68 ? 25  ASP A CG  1 
ATOM   181 O OD1 . ASP A 1 25  ? -4.709  -9.283  -6.226  1.00 12.62 ? 25  ASP A OD1 1 
ATOM   182 O OD2 . ASP A 1 25  ? -4.589  -10.356 -8.169  1.00 14.80 ? 25  ASP A OD2 1 
ATOM   183 N N   . ASN A 1 26  ? -5.608  -4.924  -8.417  1.00 17.94 ? 26  ASN A N   1 
ATOM   184 C CA  . ASN A 1 26  ? -6.185  -3.704  -8.944  1.00 20.38 ? 26  ASN A CA  1 
ATOM   185 C C   . ASN A 1 26  ? -5.258  -3.015  -9.968  1.00 19.33 ? 26  ASN A C   1 
ATOM   186 O O   . ASN A 1 26  ? -4.053  -3.208  -9.952  1.00 18.26 ? 26  ASN A O   1 
ATOM   187 C CB  . ASN A 1 26  ? -6.577  -2.758  -7.772  1.00 17.28 ? 26  ASN A CB  1 
ATOM   188 C CG  . ASN A 1 26  ? -7.803  -1.854  -8.103  1.00 27.39 ? 26  ASN A CG  1 
ATOM   189 O OD1 . ASN A 1 26  ? -8.181  -1.705  -9.262  1.00 23.62 ? 26  ASN A OD1 1 
ATOM   190 N ND2 . ASN A 1 26  ? -8.404  -1.246  -7.061  1.00 24.54 ? 26  ASN A ND2 1 
ATOM   191 N N   . TYR A 1 27  ? -5.844  -2.263  -10.886 1.00 16.26 ? 27  TYR A N   1 
ATOM   192 C CA  . TYR A 1 27  ? -5.063  -1.587  -11.896 1.00 21.36 ? 27  TYR A CA  1 
ATOM   193 C C   . TYR A 1 27  ? -4.930  -0.119  -11.490 1.00 19.92 ? 27  TYR A C   1 
ATOM   194 O O   . TYR A 1 27  ? -5.622  0.346   -10.563 1.00 19.65 ? 27  TYR A O   1 
ATOM   195 C CB  . TYR A 1 27  ? -5.724  -1.726  -13.267 1.00 19.39 ? 27  TYR A CB  1 
ATOM   196 C CG  . TYR A 1 27  ? -7.113  -1.212  -13.284 1.00 27.12 ? 27  TYR A CG  1 
ATOM   197 C CD1 . TYR A 1 27  ? -8.138  -1.922  -12.671 1.00 31.79 ? 27  TYR A CD1 1 
ATOM   198 C CD2 . TYR A 1 27  ? -7.418  0.009   -13.885 1.00 27.12 ? 27  TYR A CD2 1 
ATOM   199 C CE1 . TYR A 1 27  ? -9.427  -1.450  -12.666 1.00 34.57 ? 27  TYR A CE1 1 
ATOM   200 C CE2 . TYR A 1 27  ? -8.707  0.496   -13.880 1.00 29.61 ? 27  TYR A CE2 1 
ATOM   201 C CZ  . TYR A 1 27  ? -9.711  -0.239  -13.269 1.00 32.52 ? 27  TYR A CZ  1 
ATOM   202 O OH  . TYR A 1 27  ? -10.998 0.233   -13.257 1.00 39.26 ? 27  TYR A OH  1 
ATOM   203 N N   . VAL A 1 28  ? -4.038  0.600   -12.164 1.00 17.66 ? 28  VAL A N   1 
ATOM   204 C CA  . VAL A 1 28  ? -3.559  1.911   -11.671 1.00 20.00 ? 28  VAL A CA  1 
ATOM   205 C C   . VAL A 1 28  ? -4.660  2.962   -11.409 1.00 19.88 ? 28  VAL A C   1 
ATOM   206 O O   . VAL A 1 28  ? -4.677  3.610   -10.355 1.00 20.57 ? 28  VAL A O   1 
ATOM   207 C CB  . VAL A 1 28  ? -2.466  2.494   -12.597 1.00 23.64 ? 28  VAL A CB  1 
ATOM   208 C CG1 . VAL A 1 28  ? -2.252  3.980   -12.301 1.00 16.82 ? 28  VAL A CG1 1 
ATOM   209 C CG2 . VAL A 1 28  ? -1.164  1.704   -12.410 1.00 23.08 ? 28  VAL A CG2 1 
ATOM   210 N N   . TYR A 1 29  ? -5.552  3.131   -12.373 1.00 18.07 ? 29  TYR A N   1 
ATOM   211 C CA  . TYR A 1 29  ? -6.650  4.063   -12.244 1.00 23.25 ? 29  TYR A CA  1 
ATOM   212 C C   . TYR A 1 29  ? -7.585  3.664   -11.086 1.00 23.83 ? 29  TYR A C   1 
ATOM   213 O O   . TYR A 1 29  ? -8.041  4.526   -10.328 1.00 20.04 ? 29  TYR A O   1 
ATOM   214 C CB  . TYR A 1 29  ? -7.432  4.156   -13.566 1.00 29.89 ? 29  TYR A CB  1 
ATOM   215 C CG  . TYR A 1 29  ? -8.686  5.018   -13.496 1.00 44.03 ? 29  TYR A CG  1 
ATOM   216 C CD1 . TYR A 1 29  ? -8.776  6.213   -14.217 1.00 52.24 ? 29  TYR A CD1 1 
ATOM   217 C CD2 . TYR A 1 29  ? -9.787  4.634   -12.711 1.00 46.87 ? 29  TYR A CD2 1 
ATOM   218 C CE1 . TYR A 1 29  ? -9.926  7.007   -14.161 1.00 53.70 ? 29  TYR A CE1 1 
ATOM   219 C CE2 . TYR A 1 29  ? -10.937 5.425   -12.645 1.00 48.03 ? 29  TYR A CE2 1 
ATOM   220 C CZ  . TYR A 1 29  ? -10.997 6.610   -13.374 1.00 52.91 ? 29  TYR A CZ  1 
ATOM   221 O OH  . TYR A 1 29  ? -12.126 7.393   -13.322 1.00 58.38 ? 29  TYR A OH  1 
ATOM   222 N N   . GLY A 1 30  ? -7.880  2.362   -10.968 1.00 16.82 ? 30  GLY A N   1 
ATOM   223 C CA  . GLY A 1 30  ? -8.691  1.855   -9.861  1.00 12.85 ? 30  GLY A CA  1 
ATOM   224 C C   . GLY A 1 30  ? -8.085  2.217   -8.516  1.00 13.99 ? 30  GLY A C   1 
ATOM   225 O O   . GLY A 1 30  ? -8.767  2.712   -7.631  1.00 18.53 ? 30  GLY A O   1 
ATOM   226 N N   . ILE A 1 31  ? -6.784  1.999   -8.385  1.00 15.96 ? 31  ILE A N   1 
ATOM   227 C CA  . ILE A 1 31  ? -6.083  2.231   -7.107  1.00 20.44 ? 31  ILE A CA  1 
ATOM   228 C C   . ILE A 1 31  ? -6.119  3.717   -6.766  1.00 18.59 ? 31  ILE A C   1 
ATOM   229 O O   . ILE A 1 31  ? -6.454  4.104   -5.653  1.00 19.61 ? 31  ILE A O   1 
ATOM   230 C CB  . ILE A 1 31  ? -4.617  1.776   -7.220  1.00 19.23 ? 31  ILE A CB  1 
ATOM   231 C CG1 . ILE A 1 31  ? -4.546  0.262   -7.475  1.00 16.15 ? 31  ILE A CG1 1 
ATOM   232 C CG2 . ILE A 1 31  ? -3.808  2.185   -5.983  1.00 17.61 ? 31  ILE A CG2 1 
ATOM   233 C CD1 . ILE A 1 31  ? -3.210  -0.180  -8.018  1.00 18.50 ? 31  ILE A CD1 1 
ATOM   234 N N   . ILE A 1 32  ? -5.789  4.542   -7.764  1.00 20.27 ? 32  ILE A N   1 
ATOM   235 C CA  . ILE A 1 32  ? -5.752  5.991   -7.605  1.00 16.34 ? 32  ILE A CA  1 
ATOM   236 C C   . ILE A 1 32  ? -7.130  6.528   -7.188  1.00 20.93 ? 32  ILE A C   1 
ATOM   237 O O   . ILE A 1 32  ? -7.239  7.351   -6.283  1.00 22.43 ? 32  ILE A O   1 
ATOM   238 C CB  . ILE A 1 32  ? -5.277  6.688   -8.918  1.00 18.19 ? 32  ILE A CB  1 
ATOM   239 C CG1 . ILE A 1 32  ? -3.766  6.487   -9.120  1.00 12.10 ? 32  ILE A CG1 1 
ATOM   240 C CG2 . ILE A 1 32  ? -5.658  8.206   -8.922  1.00 15.52 ? 32  ILE A CG2 1 
ATOM   241 C CD1 . ILE A 1 32  ? -3.232  7.105   -10.428 1.00 17.52 ? 32  ILE A CD1 1 
ATOM   242 N N   . LYS A 1 33  ? -8.171  6.054   -7.859  1.00 17.69 ? 33  LYS A N   1 
ATOM   243 C CA  . LYS A 1 33  ? -9.530  6.438   -7.535  1.00 20.26 ? 33  LYS A CA  1 
ATOM   244 C C   . LYS A 1 33  ? -9.883  6.027   -6.109  1.00 17.29 ? 33  LYS A C   1 
ATOM   245 O O   . LYS A 1 33  ? -10.424 6.810   -5.342  1.00 18.39 ? 33  LYS A O   1 
ATOM   246 C CB  . LYS A 1 33  ? -10.499 5.795   -8.526  1.00 25.79 ? 33  LYS A CB  1 
ATOM   247 C CG  . LYS A 1 33  ? -11.978 6.027   -8.203  1.00 31.80 ? 33  LYS A CG  1 
ATOM   248 C CD  . LYS A 1 33  ? -12.871 5.117   -9.068  1.00 37.64 ? 33  LYS A CD  1 
ATOM   249 C CE  . LYS A 1 33  ? -14.304 5.635   -9.153  1.00 44.63 ? 33  LYS A CE  1 
ATOM   250 N NZ  . LYS A 1 33  ? -14.971 5.660   -7.820  1.00 49.49 ? 33  LYS A NZ  1 
ATOM   251 N N   . GLN A 1 34  ? -9.548  4.794   -5.760  1.00 22.22 ? 34  GLN A N   1 
ATOM   252 C CA  . GLN A 1 34  ? -9.813  4.268   -4.425  1.00 25.95 ? 34  GLN A CA  1 
ATOM   253 C C   . GLN A 1 34  ? -9.069  5.052   -3.315  1.00 24.47 ? 34  GLN A C   1 
ATOM   254 O O   . GLN A 1 34  ? -9.633  5.336   -2.263  1.00 19.70 ? 34  GLN A O   1 
ATOM   255 C CB  . GLN A 1 34  ? -9.424  2.801   -4.373  1.00 32.88 ? 34  GLN A CB  1 
ATOM   256 C CG  . GLN A 1 34  ? -10.232 1.976   -3.409  1.00 46.67 ? 34  GLN A CG  1 
ATOM   257 C CD  . GLN A 1 34  ? -10.305 0.516   -3.825  1.00 47.84 ? 34  GLN A CD  1 
ATOM   258 O OE1 . GLN A 1 34  ? -10.776 0.198   -4.918  1.00 42.95 ? 34  GLN A OE1 1 
ATOM   259 N NE2 . GLN A 1 34  ? -9.838  -0.383  -2.949  1.00 48.51 ? 34  GLN A NE2 1 
ATOM   260 N N   . VAL A 1 35  ? -7.806  5.389   -3.544  1.00 19.40 ? 35  VAL A N   1 
ATOM   261 C CA  . VAL A 1 35  ? -7.070  6.173   -2.545  1.00 22.68 ? 35  VAL A CA  1 
ATOM   262 C C   . VAL A 1 35  ? -7.679  7.583   -2.389  1.00 24.50 ? 35  VAL A C   1 
ATOM   263 O O   . VAL A 1 35  ? -7.761  8.123   -1.271  1.00 21.22 ? 35  VAL A O   1 
ATOM   264 C CB  . VAL A 1 35  ? -5.585  6.296   -2.885  1.00 20.51 ? 35  VAL A CB  1 
ATOM   265 C CG1 . VAL A 1 35  ? -4.905  7.286   -1.925  1.00 20.29 ? 35  VAL A CG1 1 
ATOM   266 C CG2 . VAL A 1 35  ? -4.924  4.939   -2.808  1.00 22.30 ? 35  VAL A CG2 1 
ATOM   267 N N   . LYS A 1 36  ? -8.115  8.171   -3.510  1.00 24.26 ? 36  LYS A N   1 
ATOM   268 C CA  . LYS A 1 36  ? -8.674  9.518   -3.481  1.00 18.02 ? 36  LYS A CA  1 
ATOM   269 C C   . LYS A 1 36  ? -9.962  9.560   -2.681  1.00 22.38 ? 36  LYS A C   1 
ATOM   270 O O   . LYS A 1 36  ? -10.167 10.466  -1.839  1.00 15.37 ? 36  LYS A O   1 
ATOM   271 C CB  . LYS A 1 36  ? -8.912  10.052  -4.885  1.00 15.51 ? 36  LYS A CB  1 
ATOM   272 C CG  . LYS A 1 36  ? -9.643  11.384  -4.874  1.00 20.29 ? 36  LYS A CG  1 
ATOM   273 C CD  . LYS A 1 36  ? -9.771  12.002  -6.255  1.00 23.93 ? 36  LYS A CD  1 
ATOM   274 C CE  . LYS A 1 36  ? -10.594 13.289  -6.168  1.00 30.43 ? 36  LYS A CE  1 
ATOM   275 N NZ  . LYS A 1 36  ? -10.617 14.063  -7.446  1.00 37.29 ? 36  LYS A NZ  1 
ATOM   276 N N   . GLU A 1 37  ? -10.830 8.583   -2.923  1.00 17.88 ? 37  GLU A N   1 
ATOM   277 C CA  . GLU A 1 37  ? -12.104 8.500   -2.188  1.00 22.04 ? 37  GLU A CA  1 
ATOM   278 C C   . GLU A 1 37  ? -11.880 8.190   -0.707  1.00 20.92 ? 37  GLU A C   1 
ATOM   279 O O   . GLU A 1 37  ? -12.340 8.926   0.165   1.00 19.03 ? 37  GLU A O   1 
ATOM   280 C CB  . GLU A 1 37  ? -13.017 7.460   -2.824  1.00 19.47 ? 37  GLU A CB  1 
ATOM   281 C CG  . GLU A 1 37  ? -13.223 7.692   -4.302  1.00 32.98 ? 37  GLU A CG  1 
ATOM   282 C CD  . GLU A 1 37  ? -14.310 6.827   -4.884  1.00 43.36 ? 37  GLU A CD  1 
ATOM   283 O OE1 . GLU A 1 37  ? -14.399 5.634   -4.488  1.00 48.62 ? 37  GLU A OE1 1 
ATOM   284 O OE2 . GLU A 1 37  ? -15.072 7.332   -5.748  1.00 45.98 ? 37  GLU A OE2 1 
ATOM   285 N N   . ALA A 1 38  ? -11.152 7.107   -0.434  1.00 18.99 ? 38  ALA A N   1 
ATOM   286 C CA  . ALA A 1 38  ? -10.823 6.710   0.950   1.00 17.54 ? 38  ALA A CA  1 
ATOM   287 C C   . ALA A 1 38  ? -10.129 7.831   1.780   1.00 15.76 ? 38  ALA A C   1 
ATOM   288 O O   . ALA A 1 38  ? -10.285 7.892   2.984   1.00 15.51 ? 38  ALA A O   1 
ATOM   289 C CB  . ALA A 1 38  ? -9.974  5.444   0.946   1.00 17.95 ? 38  ALA A CB  1 
ATOM   290 N N   . SER A 1 39  ? -9.357  8.693   1.121   1.00 15.34 ? 39  SER A N   1 
ATOM   291 C CA  . SER A 1 39  ? -8.672  9.778   1.821   1.00 16.94 ? 39  SER A CA  1 
ATOM   292 C C   . SER A 1 39  ? -9.484  11.093  1.800   1.00 17.01 ? 39  SER A C   1 
ATOM   293 O O   . SER A 1 39  ? -8.989  12.142  2.207   1.00 16.05 ? 39  SER A O   1 
ATOM   294 C CB  . SER A 1 39  ? -7.293  10.021  1.200   1.00 19.31 ? 39  SER A CB  1 
ATOM   295 O OG  . SER A 1 39  ? -7.436  10.612  -0.076  1.00 17.25 ? 39  SER A OG  1 
ATOM   296 N N   . ASN A 1 40  ? -10.715 11.029  1.293   1.00 19.12 ? 40  ASN A N   1 
ATOM   297 C CA  . ASN A 1 40  ? -11.568 12.221  1.191   1.00 17.04 ? 40  ASN A CA  1 
ATOM   298 C C   . ASN A 1 40  ? -10.952 13.322  0.324   1.00 16.50 ? 40  ASN A C   1 
ATOM   299 O O   . ASN A 1 40  ? -11.091 14.515  0.621   1.00 9.63  ? 40  ASN A O   1 
ATOM   300 C CB  . ASN A 1 40  ? -11.872 12.767  2.579   1.00 14.71 ? 40  ASN A CB  1 
ATOM   301 C CG  . ASN A 1 40  ? -12.579 11.760  3.446   1.00 22.79 ? 40  ASN A CG  1 
ATOM   302 O OD1 . ASN A 1 40  ? -12.096 11.400  4.517   1.00 27.11 ? 40  ASN A OD1 1 
ATOM   303 N ND2 . ASN A 1 40  ? -13.728 11.270  2.972   1.00 23.65 ? 40  ASN A ND2 1 
ATOM   304 N N   . GLY A 1 41  ? -10.274 12.918  -0.743  1.00 15.11 ? 41  GLY A N   1 
ATOM   305 C CA  . GLY A 1 41  ? -9.659  13.865  -1.652  1.00 22.93 ? 41  GLY A CA  1 
ATOM   306 C C   . GLY A 1 41  ? -8.286  14.324  -1.193  1.00 25.37 ? 41  GLY A C   1 
ATOM   307 O O   . GLY A 1 41  ? -7.557  14.975  -1.946  1.00 29.71 ? 41  GLY A O   1 
ATOM   308 N N   . GLU A 1 42  ? -7.922  13.972  0.035   1.00 20.30 ? 42  GLU A N   1 
ATOM   309 C CA  . GLU A 1 42  ? -6.644  14.395  0.598   1.00 27.70 ? 42  GLU A CA  1 
ATOM   310 C C   . GLU A 1 42  ? -5.458  13.784  -0.134  1.00 31.93 ? 42  GLU A C   1 
ATOM   311 O O   . GLU A 1 42  ? -4.363  14.357  -0.150  1.00 30.04 ? 42  GLU A O   1 
ATOM   312 C CB  . GLU A 1 42  ? -6.557  14.036  2.078   1.00 30.78 ? 42  GLU A CB  1 
ATOM   313 C CG  . GLU A 1 42  ? -7.481  14.843  2.971   1.00 34.89 ? 42  GLU A CG  1 
ATOM   314 C CD  . GLU A 1 42  ? -7.513  14.305  4.394   1.00 37.94 ? 42  GLU A CD  1 
ATOM   315 O OE1 . GLU A 1 42  ? -6.733  13.371  4.693   1.00 41.33 ? 42  GLU A OE1 1 
ATOM   316 O OE2 . GLU A 1 42  ? -8.323  14.807  5.206   1.00 41.94 ? 42  GLU A OE2 1 
ATOM   317 N N   . MET A 1 43  ? -5.655  12.619  -0.723  1.00 29.91 ? 43  MET A N   1 
ATOM   318 C CA  . MET A 1 43  ? -4.542  11.931  -1.363  1.00 28.40 ? 43  MET A CA  1 
ATOM   319 C C   . MET A 1 43  ? -4.832  11.620  -2.833  1.00 28.44 ? 43  MET A C   1 
ATOM   320 O O   . MET A 1 43  ? -5.487  10.631  -3.159  1.00 30.08 ? 43  MET A O   1 
ATOM   321 C CB  . MET A 1 43  ? -4.182  10.670  -0.587  1.00 30.07 ? 43  MET A CB  1 
ATOM   322 C CG  . MET A 1 43  ? -2.911  10.056  -1.011  1.00 40.64 ? 43  MET A CG  1 
ATOM   323 S SD  . MET A 1 43  ? -2.278  8.929   0.229   1.00 45.67 ? 43  MET A SD  1 
ATOM   324 C CE  . MET A 1 43  ? -1.573  7.683   -0.828  1.00 44.34 ? 43  MET A CE  1 
ATOM   325 N N   . GLU A 1 44  ? -4.345  12.484  -3.710  1.00 24.28 ? 44  GLU A N   1 
ATOM   326 C CA  . GLU A 1 44  ? -4.583  12.342  -5.123  1.00 26.89 ? 44  GLU A CA  1 
ATOM   327 C C   . GLU A 1 44  ? -3.243  12.073  -5.829  1.00 29.05 ? 44  GLU A C   1 
ATOM   328 O O   . GLU A 1 44  ? -2.487  12.999  -6.126  1.00 32.63 ? 44  GLU A O   1 
ATOM   329 C CB  . GLU A 1 44  ? -5.236  13.621  -5.668  1.00 32.44 ? 44  GLU A CB  1 
ATOM   330 C CG  . GLU A 1 44  ? -6.220  13.389  -6.806  1.00 43.49 ? 44  GLU A CG  1 
ATOM   331 C CD  . GLU A 1 44  ? -6.885  14.683  -7.290  1.00 50.08 ? 44  GLU A CD  1 
ATOM   332 O OE1 . GLU A 1 44  ? -7.127  15.590  -6.452  1.00 47.73 ? 44  GLU A OE1 1 
ATOM   333 O OE2 . GLU A 1 44  ? -7.169  14.788  -8.507  1.00 56.05 ? 44  GLU A OE2 1 
ATOM   334 N N   . LEU A 1 45  ? -2.945  10.798  -6.057  1.00 21.35 ? 45  LEU A N   1 
ATOM   335 C CA  . LEU A 1 45  ? -1.657  10.394  -6.626  1.00 19.20 ? 45  LEU A CA  1 
ATOM   336 C C   . LEU A 1 45  ? -1.712  10.467  -8.123  1.00 20.05 ? 45  LEU A C   1 
ATOM   337 O O   . LEU A 1 45  ? -2.731  10.142  -8.723  1.00 23.22 ? 45  LEU A O   1 
ATOM   338 C CB  . LEU A 1 45  ? -1.336  8.946   -6.212  1.00 19.74 ? 45  LEU A CB  1 
ATOM   339 C CG  . LEU A 1 45  ? -1.475  8.713   -4.710  1.00 28.06 ? 45  LEU A CG  1 
ATOM   340 C CD1 . LEU A 1 45  ? -1.559  7.221   -4.345  1.00 26.27 ? 45  LEU A CD1 1 
ATOM   341 C CD2 . LEU A 1 45  ? -0.327  9.429   -3.957  1.00 27.98 ? 45  LEU A CD2 1 
ATOM   342 N N   . ASN A 1 46  ? -0.620  10.853  -8.757  1.00 20.42 ? 46  ASN A N   1 
ATOM   343 C CA  . ASN A 1 46  ? -0.576  10.676  -10.180 1.00 25.41 ? 46  ASN A CA  1 
ATOM   344 C C   . ASN A 1 46  ? 0.038   9.337   -10.586 1.00 24.81 ? 46  ASN A C   1 
ATOM   345 O O   . ASN A 1 46  ? 0.750   8.697   -9.812  1.00 23.48 ? 46  ASN A O   1 
ATOM   346 C CB  . ASN A 1 46  ? 0.034   11.875  -10.919 1.00 36.62 ? 46  ASN A CB  1 
ATOM   347 C CG  . ASN A 1 46  ? 1.423   12.184  -10.481 1.00 41.55 ? 46  ASN A CG  1 
ATOM   348 O OD1 . ASN A 1 46  ? 2.217   11.289  -10.232 1.00 47.90 ? 46  ASN A OD1 1 
ATOM   349 N ND2 . ASN A 1 46  ? 1.746   13.472  -10.411 1.00 43.88 ? 46  ASN A ND2 1 
ATOM   350 N N   . GLU A 1 47  ? -0.301  8.915   -11.789 1.00 21.45 ? 47  GLU A N   1 
ATOM   351 C CA  . GLU A 1 47  ? 0.090   7.632   -12.324 1.00 20.35 ? 47  GLU A CA  1 
ATOM   352 C C   . GLU A 1 47  ? 1.613   7.425   -12.245 1.00 16.30 ? 47  GLU A C   1 
ATOM   353 O O   . GLU A 1 47  ? 2.080   6.337   -11.923 1.00 14.90 ? 47  GLU A O   1 
ATOM   354 C CB  . GLU A 1 47  ? -0.367  7.559   -13.784 1.00 20.14 ? 47  GLU A CB  1 
ATOM   355 C CG  . GLU A 1 47  ? -0.556  6.201   -14.302 1.00 31.65 ? 47  GLU A CG  1 
ATOM   356 C CD  . GLU A 1 47  ? -0.773  6.198   -15.796 1.00 34.74 ? 47  GLU A CD  1 
ATOM   357 O OE1 . GLU A 1 47  ? -0.918  7.290   -16.368 1.00 32.05 ? 47  GLU A OE1 1 
ATOM   358 O OE2 . GLU A 1 47  ? -0.791  5.103   -16.394 1.00 36.86 ? 47  GLU A OE2 1 
ATOM   359 N N   . ALA A 1 48  ? 2.377   8.474   -12.562 1.00 4.95  ? 48  ALA A N   1 
ATOM   360 C CA  . ALA A 1 48  ? 3.832   8.393   -12.561 1.00 8.06  ? 48  ALA A CA  1 
ATOM   361 C C   . ALA A 1 48  ? 4.357   8.115   -11.158 1.00 11.00 ? 48  ALA A C   1 
ATOM   362 O O   . ALA A 1 48  ? 5.307   7.347   -10.975 1.00 10.52 ? 48  ALA A O   1 
ATOM   363 C CB  . ALA A 1 48  ? 4.444   9.696   -13.128 1.00 5.61  ? 48  ALA A CB  1 
ATOM   364 N N   . THR A 1 49  ? 3.725   8.730   -10.164 1.00 12.20 ? 49  THR A N   1 
ATOM   365 C CA  . THR A 1 49  ? 4.093   8.508   -8.758  1.00 10.96 ? 49  THR A CA  1 
ATOM   366 C C   . THR A 1 49  ? 3.908   7.050   -8.365  1.00 8.62  ? 49  THR A C   1 
ATOM   367 O O   . THR A 1 49  ? 4.778   6.454   -7.723  1.00 10.83 ? 49  THR A O   1 
ATOM   368 C CB  . THR A 1 49  ? 3.272   9.428   -7.801  1.00 14.26 ? 49  THR A CB  1 
ATOM   369 O OG1 . THR A 1 49  ? 3.553   10.808  -8.101  1.00 17.03 ? 49  THR A OG1 1 
ATOM   370 C CG2 . THR A 1 49  ? 3.625   9.151   -6.344  1.00 19.47 ? 49  THR A CG2 1 
ATOM   371 N N   . LEU A 1 50  ? 2.785   6.456   -8.764  1.00 9.61  ? 50  LEU A N   1 
ATOM   372 C CA  . LEU A 1 50  ? 2.554   5.039   -8.492  1.00 11.04 ? 50  LEU A CA  1 
ATOM   373 C C   . LEU A 1 50  ? 3.591   4.155   -9.148  1.00 10.17 ? 50  LEU A C   1 
ATOM   374 O O   . LEU A 1 50  ? 4.012   3.160   -8.574  1.00 15.52 ? 50  LEU A O   1 
ATOM   375 C CB  . LEU A 1 50  ? 1.161   4.607   -8.963  1.00 19.90 ? 50  LEU A CB  1 
ATOM   376 C CG  . LEU A 1 50  ? 0.178   4.272   -7.867  1.00 26.30 ? 50  LEU A CG  1 
ATOM   377 C CD1 . LEU A 1 50  ? -0.275  5.559   -7.194  1.00 32.09 ? 50  LEU A CD1 1 
ATOM   378 C CD2 . LEU A 1 50  ? -0.993  3.530   -8.450  1.00 21.96 ? 50  LEU A CD2 1 
ATOM   379 N N   . TYR A 1 51  ? 3.972   4.476   -10.384 1.00 11.33 ? 51  TYR A N   1 
ATOM   380 C CA  . TYR A 1 51  ? 4.972   3.647   -11.070 1.00 10.14 ? 51  TYR A CA  1 
ATOM   381 C C   . TYR A 1 51  ? 6.291   3.645   -10.331 1.00 11.02 ? 51  TYR A C   1 
ATOM   382 O O   . TYR A 1 51  ? 6.914   2.587   -10.146 1.00 11.85 ? 51  TYR A O   1 
ATOM   383 C CB  . TYR A 1 51  ? 5.145   4.079   -12.530 1.00 7.70  ? 51  TYR A CB  1 
ATOM   384 C CG  . TYR A 1 51  ? 3.893   3.860   -13.323 1.00 11.78 ? 51  TYR A CG  1 
ATOM   385 C CD1 . TYR A 1 51  ? 3.158   2.692   -13.165 1.00 20.18 ? 51  TYR A CD1 1 
ATOM   386 C CD2 . TYR A 1 51  ? 3.425   4.811   -14.201 1.00 11.31 ? 51  TYR A CD2 1 
ATOM   387 C CE1 . TYR A 1 51  ? 1.987   2.474   -13.868 1.00 21.62 ? 51  TYR A CE1 1 
ATOM   388 C CE2 . TYR A 1 51  ? 2.254   4.604   -14.913 1.00 18.61 ? 51  TYR A CE2 1 
ATOM   389 C CZ  . TYR A 1 51  ? 1.541   3.417   -14.729 1.00 18.57 ? 51  TYR A CZ  1 
ATOM   390 O OH  . TYR A 1 51  ? 0.389   3.183   -15.419 1.00 25.38 ? 51  TYR A OH  1 
ATOM   391 N N   . THR A 1 52  ? 6.721   4.819   -9.894  1.00 3.67  ? 52  THR A N   1 
ATOM   392 C CA  . THR A 1 52  ? 7.958   4.919   -9.118  1.00 6.36  ? 52  THR A CA  1 
ATOM   393 C C   . THR A 1 52  ? 7.838   4.014   -7.867  1.00 8.57  ? 52  THR A C   1 
ATOM   394 O O   . THR A 1 52  ? 8.688   3.144   -7.618  1.00 3.75  ? 52  THR A O   1 
ATOM   395 C CB  . THR A 1 52  ? 8.240   6.370   -8.704  1.00 2.00  ? 52  THR A CB  1 
ATOM   396 O OG1 . THR A 1 52  ? 8.475   7.162   -9.875  1.00 6.98  ? 52  THR A OG1 1 
ATOM   397 C CG2 . THR A 1 52  ? 9.477   6.450   -7.765  1.00 7.64  ? 52  THR A CG2 1 
ATOM   398 N N   . ILE A 1 53  ? 6.744   4.179   -7.127  1.00 9.34  ? 53  ILE A N   1 
ATOM   399 C CA  . ILE A 1 53  ? 6.527   3.392   -5.918  1.00 5.51  ? 53  ILE A CA  1 
ATOM   400 C C   . ILE A 1 53  ? 6.452   1.883   -6.197  1.00 12.08 ? 53  ILE A C   1 
ATOM   401 O O   . ILE A 1 53  ? 7.069   1.097   -5.502  1.00 13.94 ? 53  ILE A O   1 
ATOM   402 C CB  . ILE A 1 53  ? 5.268   3.852   -5.170  1.00 9.75  ? 53  ILE A CB  1 
ATOM   403 C CG1 . ILE A 1 53  ? 5.468   5.269   -4.640  1.00 7.14  ? 53  ILE A CG1 1 
ATOM   404 C CG2 . ILE A 1 53  ? 4.941   2.871   -4.031  1.00 7.69  ? 53  ILE A CG2 1 
ATOM   405 C CD1 . ILE A 1 53  ? 4.155   5.988   -4.144  1.00 11.82 ? 53  ILE A CD1 1 
ATOM   406 N N   . PHE A 1 54  ? 5.686   1.493   -7.222  1.00 12.15 ? 54  PHE A N   1 
ATOM   407 C CA  . PHE A 1 54  ? 5.455   0.059   -7.539  1.00 8.56  ? 54  PHE A CA  1 
ATOM   408 C C   . PHE A 1 54  ? 6.677   -0.642  -8.117  1.00 13.18 ? 54  PHE A C   1 
ATOM   409 O O   . PHE A 1 54  ? 6.840   -1.850  -7.943  1.00 15.58 ? 54  PHE A O   1 
ATOM   410 C CB  . PHE A 1 54  ? 4.273   -0.087  -8.527  1.00 14.15 ? 54  PHE A CB  1 
ATOM   411 C CG  . PHE A 1 54  ? 2.909   0.023   -7.868  1.00 11.72 ? 54  PHE A CG  1 
ATOM   412 C CD1 . PHE A 1 54  ? 2.803   0.314   -6.520  1.00 8.24  ? 54  PHE A CD1 1 
ATOM   413 C CD2 . PHE A 1 54  ? 1.746   -0.164  -8.605  1.00 15.81 ? 54  PHE A CD2 1 
ATOM   414 C CE1 . PHE A 1 54  ? 1.567   0.394   -5.904  1.00 15.40 ? 54  PHE A CE1 1 
ATOM   415 C CE2 . PHE A 1 54  ? 0.499   -0.069  -8.001  1.00 11.58 ? 54  PHE A CE2 1 
ATOM   416 C CZ  . PHE A 1 54  ? 0.410   0.215   -6.650  1.00 14.49 ? 54  PHE A CZ  1 
ATOM   417 N N   . LYS A 1 55  ? 7.515   0.099   -8.854  1.00 6.09  ? 55  LYS A N   1 
ATOM   418 C CA  . LYS A 1 55  ? 8.745   -0.473  -9.416  1.00 8.16  ? 55  LYS A CA  1 
ATOM   419 C C   . LYS A 1 55  ? 9.637   -0.968  -8.270  1.00 11.03 ? 55  LYS A C   1 
ATOM   420 O O   . LYS A 1 55  ? 10.218  -2.065  -8.319  1.00 13.68 ? 55  LYS A O   1 
ATOM   421 C CB  . LYS A 1 55  ? 9.509   0.589   -10.274 1.00 9.85  ? 55  LYS A CB  1 
ATOM   422 C CG  . LYS A 1 55  ? 10.920  0.139   -10.718 1.00 6.69  ? 55  LYS A CG  1 
ATOM   423 C CD  . LYS A 1 55  ? 11.743  1.306   -11.220 1.00 15.12 ? 55  LYS A CD  1 
ATOM   424 C CE  . LYS A 1 55  ? 13.214  1.135   -10.885 1.00 28.20 ? 55  LYS A CE  1 
ATOM   425 N NZ  . LYS A 1 55  ? 13.740  -0.171  -11.347 1.00 30.74 ? 55  LYS A NZ  1 
ATOM   426 N N   . ARG A 1 56  ? 9.725   -0.156  -7.237  1.00 6.11  ? 56  ARG A N   1 
ATOM   427 C CA  . ARG A 1 56  ? 10.521  -0.482  -6.062  1.00 5.28  ? 56  ARG A CA  1 
ATOM   428 C C   . ARG A 1 56  ? 9.872   -1.636  -5.237  1.00 11.99 ? 56  ARG A C   1 
ATOM   429 O O   . ARG A 1 56  ? 10.565  -2.567  -4.801  1.00 3.30  ? 56  ARG A O   1 
ATOM   430 C CB  . ARG A 1 56  ? 10.721  0.790   -5.223  1.00 11.51 ? 56  ARG A CB  1 
ATOM   431 C CG  . ARG A 1 56  ? 11.095  0.575   -3.760  1.00 20.07 ? 56  ARG A CG  1 
ATOM   432 C CD  . ARG A 1 56  ? 12.499  0.095   -3.604  1.00 25.33 ? 56  ARG A CD  1 
ATOM   433 N NE  . ARG A 1 56  ? 12.782  -0.207  -2.204  1.00 40.67 ? 56  ARG A NE  1 
ATOM   434 C CZ  . ARG A 1 56  ? 13.960  -0.622  -1.746  1.00 46.39 ? 56  ARG A CZ  1 
ATOM   435 N NH1 . ARG A 1 56  ? 14.979  -0.788  -2.583  1.00 51.60 ? 56  ARG A NH1 1 
ATOM   436 N NH2 . ARG A 1 56  ? 14.122  -0.877  -0.446  1.00 46.65 ? 56  ARG A NH2 1 
ATOM   437 N N   . LEU A 1 57  ? 8.539   -1.590  -5.059  1.00 8.06  ? 57  LEU A N   1 
ATOM   438 C CA  . LEU A 1 57  ? 7.833   -2.650  -4.296  1.00 10.28 ? 57  LEU A CA  1 
ATOM   439 C C   . LEU A 1 57  ? 7.951   -3.967  -5.017  1.00 10.84 ? 57  LEU A C   1 
ATOM   440 O O   . LEU A 1 57  ? 8.069   -5.015  -4.405  1.00 10.60 ? 57  LEU A O   1 
ATOM   441 C CB  . LEU A 1 57  ? 6.350   -2.291  -4.103  1.00 2.56  ? 57  LEU A CB  1 
ATOM   442 C CG  . LEU A 1 57  ? 6.080   -1.181  -3.105  1.00 4.81  ? 57  LEU A CG  1 
ATOM   443 C CD1 . LEU A 1 57  ? 4.589   -0.895  -3.060  1.00 7.74  ? 57  LEU A CD1 1 
ATOM   444 C CD2 . LEU A 1 57  ? 6.591   -1.635  -1.718  1.00 2.64  ? 57  LEU A CD2 1 
ATOM   445 N N   . GLU A 1 58  ? 7.886   -3.914  -6.335  1.00 11.35 ? 58  GLU A N   1 
ATOM   446 C CA  . GLU A 1 58  ? 8.055   -5.112  -7.149  1.00 16.20 ? 58  GLU A CA  1 
ATOM   447 C C   . GLU A 1 58  ? 9.507   -5.638  -7.121  1.00 16.49 ? 58  GLU A C   1 
ATOM   448 O O   . GLU A 1 58  ? 9.753   -6.842  -6.963  1.00 13.02 ? 58  GLU A O   1 
ATOM   449 C CB  . GLU A 1 58  ? 7.618   -4.840  -8.586  1.00 21.39 ? 58  GLU A CB  1 
ATOM   450 C CG  . GLU A 1 58  ? 7.767   -6.039  -9.502  1.00 40.17 ? 58  GLU A CG  1 
ATOM   451 C CD  . GLU A 1 58  ? 6.732   -6.038  -10.634 1.00 51.31 ? 58  GLU A CD  1 
ATOM   452 O OE1 . GLU A 1 58  ? 6.122   -4.960  -10.886 1.00 49.15 ? 58  GLU A OE1 1 
ATOM   453 O OE2 . GLU A 1 58  ? 6.523   -7.119  -11.261 1.00 57.16 ? 58  GLU A OE2 1 
ATOM   454 N N   . LYS A 1 59  ? 10.465  -4.744  -7.257  1.00 9.75  ? 59  LYS A N   1 
ATOM   455 C CA  . LYS A 1 59  ? 11.866  -5.153  -7.115  1.00 8.62  ? 59  LYS A CA  1 
ATOM   456 C C   . LYS A 1 59  ? 12.076  -5.843  -5.756  1.00 8.26  ? 59  LYS A C   1 
ATOM   457 O O   . LYS A 1 59  ? 12.875  -6.778  -5.630  1.00 6.26  ? 59  LYS A O   1 
ATOM   458 C CB  . LYS A 1 59  ? 12.792  -3.945  -7.248  1.00 13.42 ? 59  LYS A CB  1 
ATOM   459 C CG  . LYS A 1 59  ? 14.253  -4.285  -7.352  1.00 21.49 ? 59  LYS A CG  1 
ATOM   460 C CD  . LYS A 1 59  ? 15.087  -3.014  -7.459  1.00 30.41 ? 59  LYS A CD  1 
ATOM   461 C CE  . LYS A 1 59  ? 14.820  -2.083  -6.267  1.00 37.35 ? 59  LYS A CE  1 
ATOM   462 N NZ  . LYS A 1 59  ? 15.035  -2.779  -4.943  1.00 38.21 ? 59  LYS A NZ  1 
ATOM   463 N N   . ASP A 1 60  ? 11.349  -5.380  -4.744  1.00 8.35  ? 60  ASP A N   1 
ATOM   464 C CA  . ASP A 1 60  ? 11.498  -5.915  -3.387  1.00 9.29  ? 60  ASP A CA  1 
ATOM   465 C C   . ASP A 1 60  ? 10.669  -7.155  -3.149  1.00 8.89  ? 60  ASP A C   1 
ATOM   466 O O   . ASP A 1 60  ? 10.682  -7.693  -2.077  1.00 5.94  ? 60  ASP A O   1 
ATOM   467 C CB  . ASP A 1 60  ? 11.139  -4.866  -2.368  1.00 11.70 ? 60  ASP A CB  1 
ATOM   468 C CG  . ASP A 1 60  ? 12.208  -3.787  -2.244  1.00 21.36 ? 60  ASP A CG  1 
ATOM   469 O OD1 . ASP A 1 60  ? 13.375  -4.060  -2.613  1.00 18.65 ? 60  ASP A OD1 1 
ATOM   470 O OD2 . ASP A 1 60  ? 11.879  -2.669  -1.786  1.00 24.57 ? 60  ASP A OD2 1 
ATOM   471 N N   . GLY A 1 61  ? 9.929   -7.583  -4.159  1.00 10.05 ? 61  GLY A N   1 
ATOM   472 C CA  . GLY A 1 61  ? 9.177   -8.831  -4.079  1.00 12.57 ? 61  GLY A CA  1 
ATOM   473 C C   . GLY A 1 61  ? 7.900   -8.684  -3.288  1.00 12.58 ? 61  GLY A C   1 
ATOM   474 O O   . GLY A 1 61  ? 7.320   -9.671  -2.857  1.00 10.10 ? 61  GLY A O   1 
ATOM   475 N N   . ILE A 1 62  ? 7.450   -7.440  -3.107  1.00 10.41 ? 62  ILE A N   1 
ATOM   476 C CA  . ILE A 1 62  ? 6.267   -7.160  -2.247  1.00 11.45 ? 62  ILE A CA  1 
ATOM   477 C C   . ILE A 1 62  ? 4.949   -7.226  -3.061  1.00 13.04 ? 62  ILE A C   1 
ATOM   478 O O   . ILE A 1 62  ? 3.910   -7.629  -2.545  1.00 11.66 ? 62  ILE A O   1 
ATOM   479 C CB  . ILE A 1 62  ? 6.390   -5.784  -1.527  1.00 2.49  ? 62  ILE A CB  1 
ATOM   480 C CG1 . ILE A 1 62  ? 7.642   -5.758  -0.658  1.00 6.63  ? 62  ILE A CG1 1 
ATOM   481 C CG2 . ILE A 1 62  ? 5.137   -5.497  -0.626  1.00 3.13  ? 62  ILE A CG2 1 
ATOM   482 C CD1 . ILE A 1 62  ? 7.645   -6.826  0.395   1.00 2.25  ? 62  ILE A CD1 1 
ATOM   483 N N   . ILE A 1 63  ? 5.024   -6.808  -4.325  1.00 15.05 ? 63  ILE A N   1 
ATOM   484 C CA  . ILE A 1 63  ? 3.896   -6.876  -5.250  1.00 10.97 ? 63  ILE A CA  1 
ATOM   485 C C   . ILE A 1 63  ? 4.403   -7.450  -6.567  1.00 11.79 ? 63  ILE A C   1 
ATOM   486 O O   . ILE A 1 63  ? 5.625   -7.556  -6.780  1.00 14.41 ? 63  ILE A O   1 
ATOM   487 C CB  . ILE A 1 63  ? 3.299   -5.476  -5.541  1.00 9.90  ? 63  ILE A CB  1 
ATOM   488 C CG1 . ILE A 1 63  ? 4.307   -4.609  -6.306  1.00 13.17 ? 63  ILE A CG1 1 
ATOM   489 C CG2 . ILE A 1 63  ? 2.860   -4.794  -4.266  1.00 5.16  ? 63  ILE A CG2 1 
ATOM   490 C CD1 . ILE A 1 63  ? 3.728   -3.287  -6.777  1.00 11.74 ? 63  ILE A CD1 1 
ATOM   491 N N   . SER A 1 64  ? 3.476   -7.890  -7.423  1.00 9.65  ? 64  SER A N   1 
ATOM   492 C CA  . SER A 1 64  ? 3.814   -8.220  -8.817  1.00 12.61 ? 64  SER A CA  1 
ATOM   493 C C   . SER A 1 64  ? 2.664   -7.766  -9.690  1.00 8.98  ? 64  SER A C   1 
ATOM   494 O O   . SER A 1 64  ? 1.677   -7.229  -9.183  1.00 13.96 ? 64  SER A O   1 
ATOM   495 C CB  . SER A 1 64  ? 4.086   -9.721  -9.004  1.00 14.44 ? 64  SER A CB  1 
ATOM   496 O OG  . SER A 1 64  ? 2.866   -10.490 -8.948  1.00 17.50 ? 64  SER A OG  1 
ATOM   497 N N   . SER A 1 65  ? 2.790   -7.975  -11.003 1.00 9.68  ? 65  SER A N   1 
ATOM   498 C CA  . SER A 1 65  ? 1.786   -7.510  -11.959 1.00 16.58 ? 65  SER A CA  1 
ATOM   499 C C   . SER A 1 65  ? 1.513   -8.576  -13.018 1.00 13.64 ? 65  SER A C   1 
ATOM   500 O O   . SER A 1 65  ? 2.339   -9.453  -13.262 1.00 8.58  ? 65  SER A O   1 
ATOM   501 C CB  . SER A 1 65  ? 2.249   -6.214  -12.639 1.00 19.39 ? 65  SER A CB  1 
ATOM   502 O OG  . SER A 1 65  ? 3.509   -6.396  -13.262 1.00 19.10 ? 65  SER A OG  1 
ATOM   503 N N   . TYR A 1 66  ? 0.350   -8.500  -13.638 1.00 7.99  ? 66  TYR A N   1 
ATOM   504 C CA  . TYR A 1 66  ? -0.001  -9.431  -14.688 1.00 5.17  ? 66  TYR A CA  1 
ATOM   505 C C   . TYR A 1 66  ? -1.112  -8.799  -15.462 1.00 2.00  ? 66  TYR A C   1 
ATOM   506 O O   . TYR A 1 66  ? -1.704  -7.831  -14.999 1.00 5.99  ? 66  TYR A O   1 
ATOM   507 C CB  . TYR A 1 66  ? -0.459  -10.780 -14.084 1.00 4.99  ? 66  TYR A CB  1 
ATOM   508 C CG  . TYR A 1 66  ? -1.683  -10.666 -13.224 1.00 2.00  ? 66  TYR A CG  1 
ATOM   509 C CD1 . TYR A 1 66  ? -1.588  -10.230 -11.912 1.00 2.00  ? 66  TYR A CD1 1 
ATOM   510 C CD2 . TYR A 1 66  ? -2.943  -10.989 -13.722 1.00 2.59  ? 66  TYR A CD2 1 
ATOM   511 C CE1 . TYR A 1 66  ? -2.691  -10.110 -11.130 1.00 2.18  ? 66  TYR A CE1 1 
ATOM   512 C CE2 . TYR A 1 66  ? -4.052  -10.868 -12.947 1.00 2.00  ? 66  TYR A CE2 1 
ATOM   513 C CZ  . TYR A 1 66  ? -3.919  -10.436 -11.632 1.00 3.45  ? 66  TYR A CZ  1 
ATOM   514 O OH  . TYR A 1 66  ? -5.041  -10.322 -10.816 1.00 3.98  ? 66  TYR A OH  1 
ATOM   515 N N   . TRP A 1 67  ? -1.406  -9.341  -16.640 1.00 3.61  ? 67  TRP A N   1 
ATOM   516 C CA  . TRP A 1 67  ? -2.453  -8.795  -17.522 1.00 3.30  ? 67  TRP A CA  1 
ATOM   517 C C   . TRP A 1 67  ? -3.860  -9.328  -17.207 1.00 9.41  ? 67  TRP A C   1 
ATOM   518 O O   . TRP A 1 67  ? -4.039  -10.516 -16.978 1.00 7.60  ? 67  TRP A O   1 
ATOM   519 C CB  . TRP A 1 67  ? -2.105  -9.083  -18.993 1.00 11.65 ? 67  TRP A CB  1 
ATOM   520 C CG  . TRP A 1 67  ? -1.003  -8.249  -19.465 1.00 22.13 ? 67  TRP A CG  1 
ATOM   521 C CD1 . TRP A 1 67  ? 0.294   -8.620  -19.624 1.00 25.42 ? 67  TRP A CD1 1 
ATOM   522 C CD2 . TRP A 1 67  ? -1.064  -6.850  -19.775 1.00 26.42 ? 67  TRP A CD2 1 
ATOM   523 N NE1 . TRP A 1 67  ? 1.044   -7.548  -20.035 1.00 30.49 ? 67  TRP A NE1 1 
ATOM   524 C CE2 . TRP A 1 67  ? 0.228   -6.446  -20.131 1.00 32.22 ? 67  TRP A CE2 1 
ATOM   525 C CE3 . TRP A 1 67  ? -2.100  -5.902  -19.793 1.00 24.10 ? 67  TRP A CE3 1 
ATOM   526 C CZ2 . TRP A 1 67  ? 0.521   -5.136  -20.508 1.00 32.35 ? 67  TRP A CZ2 1 
ATOM   527 C CZ3 . TRP A 1 67  ? -1.810  -4.611  -20.170 1.00 27.85 ? 67  TRP A CZ3 1 
ATOM   528 C CH2 . TRP A 1 67  ? -0.511  -4.236  -20.519 1.00 30.34 ? 67  TRP A CH2 1 
ATOM   529 N N   . GLY A 1 68  ? -4.847  -8.433  -17.205 1.00 2.00  ? 68  GLY A N   1 
ATOM   530 C CA  . GLY A 1 68  ? -6.244  -8.821  -17.103 1.00 12.94 ? 68  GLY A CA  1 
ATOM   531 C C   . GLY A 1 68  ? -6.765  -9.270  -18.457 1.00 19.94 ? 68  GLY A C   1 
ATOM   532 O O   . GLY A 1 68  ? -5.990  -9.721  -19.299 1.00 25.00 ? 68  GLY A O   1 
ATOM   533 N N   . ASP A 1 69  ? -8.077  -9.149  -18.673 1.00 31.11 ? 69  ASP A N   1 
ATOM   534 C CA  . ASP A 1 69  ? -8.689  -9.575  -19.955 1.00 35.39 ? 69  ASP A CA  1 
ATOM   535 C C   . ASP A 1 69  ? -9.804  -8.656  -20.466 1.00 37.74 ? 69  ASP A C   1 
ATOM   536 O O   . ASP A 1 69  ? -10.101 -7.617  -19.873 1.00 36.84 ? 69  ASP A O   1 
ATOM   537 C CB  . ASP A 1 69  ? -9.204  -11.016 -19.865 1.00 39.15 ? 69  ASP A CB  1 
ATOM   538 C CG  . ASP A 1 69  ? -8.155  -12.036 -20.271 1.00 41.34 ? 69  ASP A CG  1 
ATOM   539 O OD1 . ASP A 1 69  ? -7.116  -11.630 -20.850 1.00 39.87 ? 69  ASP A OD1 1 
ATOM   540 O OD2 . ASP A 1 69  ? -8.372  -13.246 -20.015 1.00 41.72 ? 69  ASP A OD2 1 
ATOM   541 N N   . GLU A 1 70  ? -10.411 -9.058  -21.581 1.00 42.97 ? 70  GLU A N   1 
ATOM   542 C CA  . GLU A 1 70  ? -11.537 -8.333  -22.164 1.00 46.90 ? 70  GLU A CA  1 
ATOM   543 C C   . GLU A 1 70  ? -11.102 -7.454  -23.333 1.00 49.71 ? 70  GLU A C   1 
ATOM   544 O O   . GLU A 1 70  ? -9.937  -7.466  -23.732 1.00 53.34 ? 70  GLU A O   1 
ATOM   545 C CB  . GLU A 1 70  ? -12.247 -7.489  -21.102 1.00 48.27 ? 70  GLU A CB  1 
ATOM   546 C CG  . GLU A 1 70  ? -13.563 -6.900  -21.571 1.00 47.98 ? 70  GLU A CG  1 
ATOM   547 C CD  . GLU A 1 70  ? -14.487 -7.950  -22.163 1.00 49.29 ? 70  GLU A CD  1 
ATOM   548 O OE1 . GLU A 1 70  ? -14.506 -9.087  -21.647 1.00 50.81 ? 70  GLU A OE1 1 
ATOM   549 O OE2 . GLU A 1 70  ? -15.186 -7.640  -23.147 1.00 47.82 ? 70  GLU A OE2 1 
ATOM   550 N N   . GLY A 1 74  ? -9.277  -4.489  -24.732 1.00 29.40 ? 74  GLY A N   1 
ATOM   551 C CA  . GLY A 1 74  ? -7.910  -4.104  -24.395 1.00 25.42 ? 74  GLY A CA  1 
ATOM   552 C C   . GLY A 1 74  ? -7.565  -4.404  -22.946 1.00 29.76 ? 74  GLY A C   1 
ATOM   553 O O   . GLY A 1 74  ? -8.149  -3.829  -22.031 1.00 31.62 ? 74  GLY A O   1 
ATOM   554 N N   . ARG A 1 75  ? -6.599  -5.292  -22.742 1.00 27.18 ? 75  ARG A N   1 
ATOM   555 C CA  . ARG A 1 75  ? -6.231  -5.757  -21.409 1.00 25.81 ? 75  ARG A CA  1 
ATOM   556 C C   . ARG A 1 75  ? -5.712  -4.633  -20.489 1.00 26.50 ? 75  ARG A C   1 
ATOM   557 O O   . ARG A 1 75  ? -5.101  -3.668  -20.954 1.00 27.30 ? 75  ARG A O   1 
ATOM   558 C CB  . ARG A 1 75  ? -5.180  -6.852  -21.527 1.00 25.98 ? 75  ARG A CB  1 
ATOM   559 C CG  . ARG A 1 75  ? -5.418  -7.786  -22.695 1.00 30.46 ? 75  ARG A CG  1 
ATOM   560 C CD  . ARG A 1 75  ? -4.125  -8.396  -23.176 1.00 34.82 ? 75  ARG A CD  1 
ATOM   561 N NE  . ARG A 1 75  ? -3.743  -9.575  -22.404 1.00 39.93 ? 75  ARG A NE  1 
ATOM   562 C CZ  . ARG A 1 75  ? -2.541  -10.146 -22.461 1.00 43.91 ? 75  ARG A CZ  1 
ATOM   563 N NH1 . ARG A 1 75  ? -1.595  -9.626  -23.245 1.00 46.32 ? 75  ARG A NH1 1 
ATOM   564 N NH2 . ARG A 1 75  ? -2.275  -11.230 -21.730 1.00 42.36 ? 75  ARG A NH2 1 
ATOM   565 N N   . ARG A 1 76  ? -5.966  -4.775  -19.180 1.00 22.74 ? 76  ARG A N   1 
ATOM   566 C CA  . ARG A 1 76  ? -5.398  -3.881  -18.163 1.00 14.68 ? 76  ARG A CA  1 
ATOM   567 C C   . ARG A 1 76  ? -4.324  -4.604  -17.399 1.00 13.07 ? 76  ARG A C   1 
ATOM   568 O O   . ARG A 1 76  ? -4.311  -5.839  -17.335 1.00 17.09 ? 76  ARG A O   1 
ATOM   569 C CB  . ARG A 1 76  ? -6.470  -3.418  -17.185 1.00 19.33 ? 76  ARG A CB  1 
ATOM   570 C CG  . ARG A 1 76  ? -7.381  -2.374  -17.712 1.00 23.66 ? 76  ARG A CG  1 
ATOM   571 C CD  . ARG A 1 76  ? -8.559  -2.198  -16.799 1.00 32.26 ? 76  ARG A CD  1 
ATOM   572 N NE  . ARG A 1 76  ? -9.495  -1.204  -17.315 1.00 47.73 ? 76  ARG A NE  1 
ATOM   573 C CZ  . ARG A 1 76  ? -10.683 -0.942  -16.775 1.00 53.97 ? 76  ARG A CZ  1 
ATOM   574 N NH1 . ARG A 1 76  ? -11.088 -1.609  -15.696 1.00 56.32 ? 76  ARG A NH1 1 
ATOM   575 N NH2 . ARG A 1 76  ? -11.469 -0.014  -17.315 1.00 55.74 ? 76  ARG A NH2 1 
ATOM   576 N N   . LYS A 1 77  ? -3.434  -3.849  -16.786 1.00 9.99  ? 77  LYS A N   1 
ATOM   577 C CA  . LYS A 1 77  ? -2.381  -4.435  -16.001 1.00 18.09 ? 77  LYS A CA  1 
ATOM   578 C C   . LYS A 1 77  ? -2.799  -4.380  -14.559 1.00 22.00 ? 77  LYS A C   1 
ATOM   579 O O   . LYS A 1 77  ? -3.124  -3.301  -14.046 1.00 15.39 ? 77  LYS A O   1 
ATOM   580 C CB  . LYS A 1 77  ? -1.068  -3.675  -16.200 1.00 15.65 ? 77  LYS A CB  1 
ATOM   581 C CG  . LYS A 1 77  ? 0.162   -4.388  -15.661 1.00 16.97 ? 77  LYS A CG  1 
ATOM   582 C CD  . LYS A 1 77  ? 1.364   -3.464  -15.658 1.00 28.10 ? 77  LYS A CD  1 
ATOM   583 C CE  . LYS A 1 77  ? 2.687   -4.244  -15.784 1.00 36.68 ? 77  LYS A CE  1 
ATOM   584 N NZ  . LYS A 1 77  ? 2.652   -5.217  -16.932 1.00 36.98 ? 77  LYS A NZ  1 
ATOM   585 N N   . TYR A 1 78  ? -2.821  -5.552  -13.910 1.00 14.78 ? 78  TYR A N   1 
ATOM   586 C CA  . TYR A 1 78  ? -3.182  -5.671  -12.503 1.00 11.93 ? 78  TYR A CA  1 
ATOM   587 C C   . TYR A 1 78  ? -1.966  -5.822  -11.638 1.00 15.04 ? 78  TYR A C   1 
ATOM   588 O O   . TYR A 1 78  ? -0.952  -6.442  -12.027 1.00 12.98 ? 78  TYR A O   1 
ATOM   589 C CB  . TYR A 1 78  ? -4.142  -6.850  -12.266 1.00 8.17  ? 78  TYR A CB  1 
ATOM   590 C CG  . TYR A 1 78  ? -5.502  -6.552  -12.748 1.00 8.20  ? 78  TYR A CG  1 
ATOM   591 C CD1 . TYR A 1 78  ? -6.477  -6.083  -11.882 1.00 8.81  ? 78  TYR A CD1 1 
ATOM   592 C CD2 . TYR A 1 78  ? -5.810  -6.658  -14.092 1.00 13.13 ? 78  TYR A CD2 1 
ATOM   593 C CE1 . TYR A 1 78  ? -7.750  -5.764  -12.344 1.00 11.79 ? 78  TYR A CE1 1 
ATOM   594 C CE2 . TYR A 1 78  ? -7.067  -6.343  -14.566 1.00 16.61 ? 78  TYR A CE2 1 
ATOM   595 C CZ  . TYR A 1 78  ? -8.032  -5.888  -13.687 1.00 15.42 ? 78  TYR A CZ  1 
ATOM   596 O OH  . TYR A 1 78  ? -9.282  -5.573  -14.165 1.00 23.12 ? 78  TYR A OH  1 
ATOM   597 N N   . TYR A 1 79  ? -2.036  -5.197  -10.479 1.00 14.79 ? 79  TYR A N   1 
ATOM   598 C CA  . TYR A 1 79  ? -1.021  -5.351  -9.493  1.00 13.86 ? 79  TYR A CA  1 
ATOM   599 C C   . TYR A 1 79  ? -1.573  -6.185  -8.386  1.00 16.77 ? 79  TYR A C   1 
ATOM   600 O O   . TYR A 1 79  ? -2.758  -6.095  -8.050  1.00 10.41 ? 79  TYR A O   1 
ATOM   601 C CB  . TYR A 1 79  ? -0.558  -3.993  -8.996  1.00 15.69 ? 79  TYR A CB  1 
ATOM   602 C CG  . TYR A 1 79  ? 0.211   -3.249  -10.044 1.00 15.06 ? 79  TYR A CG  1 
ATOM   603 C CD1 . TYR A 1 79  ? 1.590   -3.414  -10.168 1.00 15.12 ? 79  TYR A CD1 1 
ATOM   604 C CD2 . TYR A 1 79  ? -0.444  -2.420  -10.961 1.00 15.15 ? 79  TYR A CD2 1 
ATOM   605 C CE1 . TYR A 1 79  ? 2.312   -2.743  -11.162 1.00 18.88 ? 79  TYR A CE1 1 
ATOM   606 C CE2 . TYR A 1 79  ? 0.259   -1.749  -11.946 1.00 20.46 ? 79  TYR A CE2 1 
ATOM   607 C CZ  . TYR A 1 79  ? 1.637   -1.914  -12.044 1.00 22.61 ? 79  TYR A CZ  1 
ATOM   608 O OH  . TYR A 1 79  ? 2.334   -1.232  -13.008 1.00 26.56 ? 79  TYR A OH  1 
ATOM   609 N N   . ARG A 1 80  ? -0.720  -7.029  -7.841  1.00 18.90 ? 80  ARG A N   1 
ATOM   610 C CA  . ARG A 1 80  ? -1.122  -8.019  -6.874  1.00 17.92 ? 80  ARG A CA  1 
ATOM   611 C C   . ARG A 1 80  ? -0.125  -7.936  -5.703  1.00 17.02 ? 80  ARG A C   1 
ATOM   612 O O   . ARG A 1 80  ? 1.090   -7.849  -5.923  1.00 10.35 ? 80  ARG A O   1 
ATOM   613 C CB  . ARG A 1 80  ? -0.990  -9.389  -7.529  1.00 13.46 ? 80  ARG A CB  1 
ATOM   614 C CG  . ARG A 1 80  ? -1.942  -10.398 -7.059  1.00 37.43 ? 80  ARG A CG  1 
ATOM   615 C CD  . ARG A 1 80  ? -1.541  -11.740 -7.650  1.00 34.50 ? 80  ARG A CD  1 
ATOM   616 N NE  . ARG A 1 80  ? -0.105  -11.813 -7.687  1.00 25.63 ? 80  ARG A NE  1 
ATOM   617 C CZ  . ARG A 1 80  ? 0.632   -12.475 -6.809  1.00 18.69 ? 80  ARG A CZ  1 
ATOM   618 N NH1 . ARG A 1 80  ? 0.061   -13.186 -5.849  1.00 12.14 ? 80  ARG A NH1 1 
ATOM   619 N NH2 . ARG A 1 80  ? 1.945   -12.446 -6.911  1.00 13.94 ? 80  ARG A NH2 1 
ATOM   620 N N   . LEU A 1 81  ? -0.621  -8.004  -4.477  1.00 9.49  ? 81  LEU A N   1 
ATOM   621 C CA  . LEU A 1 81  ? 0.257   -8.184  -3.315  1.00 13.82 ? 81  LEU A CA  1 
ATOM   622 C C   . LEU A 1 81  ? 0.800   -9.633  -3.354  1.00 9.53  ? 81  LEU A C   1 
ATOM   623 O O   . LEU A 1 81  ? 0.045   -10.565 -3.585  1.00 18.69 ? 81  LEU A O   1 
ATOM   624 C CB  . LEU A 1 81  ? -0.556  -7.942  -2.027  1.00 13.57 ? 81  LEU A CB  1 
ATOM   625 C CG  . LEU A 1 81  ? 0.080   -7.514  -0.697  1.00 20.95 ? 81  LEU A CG  1 
ATOM   626 C CD1 . LEU A 1 81  ? 1.030   -6.347  -0.834  1.00 19.13 ? 81  LEU A CD1 1 
ATOM   627 C CD2 . LEU A 1 81  ? -1.042  -7.166  0.244   1.00 18.75 ? 81  LEU A CD2 1 
ATOM   628 N N   . THR A 1 82  ? 2.096   -9.828  -3.164  1.00 12.76 ? 82  THR A N   1 
ATOM   629 C CA  . THR A 1 82  ? 2.604   -11.207 -3.166  1.00 11.88 ? 82  THR A CA  1 
ATOM   630 C C   . THR A 1 82  ? 2.342   -11.860 -1.818  1.00 12.45 ? 82  THR A C   1 
ATOM   631 O O   . THR A 1 82  ? 1.921   -11.195 -0.874  1.00 12.96 ? 82  THR A O   1 
ATOM   632 C CB  . THR A 1 82  ? 4.098   -11.282 -3.487  1.00 13.96 ? 82  THR A CB  1 
ATOM   633 O OG1 . THR A 1 82  ? 4.839   -10.624 -2.451  1.00 6.75  ? 82  THR A OG1 1 
ATOM   634 C CG2 . THR A 1 82  ? 4.393   -10.617 -4.861  1.00 10.84 ? 82  THR A CG2 1 
ATOM   635 N N   . GLU A 1 83  ? 2.594   -13.162 -1.730  1.00 8.00  ? 83  GLU A N   1 
ATOM   636 C CA  . GLU A 1 83  ? 2.502   -13.865 -0.461  1.00 19.44 ? 83  GLU A CA  1 
ATOM   637 C C   . GLU A 1 83  ? 3.529   -13.324 0.536   1.00 19.82 ? 83  GLU A C   1 
ATOM   638 O O   . GLU A 1 83  ? 3.214   -13.130 1.722   1.00 16.12 ? 83  GLU A O   1 
ATOM   639 C CB  . GLU A 1 83  ? 2.676   -15.381 -0.659  1.00 17.51 ? 83  GLU A CB  1 
ATOM   640 C CG  . GLU A 1 83  ? 1.352   -16.121 -0.884  1.00 25.72 ? 83  GLU A CG  1 
ATOM   641 C CD  . GLU A 1 83  ? 1.346   -16.929 -2.163  1.00 30.42 ? 83  GLU A CD  1 
ATOM   642 O OE1 . GLU A 1 83  ? 1.272   -16.301 -3.240  1.00 32.52 ? 83  GLU A OE1 1 
ATOM   643 O OE2 . GLU A 1 83  ? 1.400   -18.189 -2.096  1.00 25.81 ? 83  GLU A OE2 1 
ATOM   644 N N   . ILE A 1 84  ? 4.751   -13.070 0.057   1.00 19.40 ? 84  ILE A N   1 
ATOM   645 C CA  . ILE A 1 84  ? 5.762   -12.372 0.888   1.00 15.38 ? 84  ILE A CA  1 
ATOM   646 C C   . ILE A 1 84  ? 5.257   -10.981 1.270   1.00 13.42 ? 84  ILE A C   1 
ATOM   647 O O   . ILE A 1 84  ? 5.438   -10.535 2.405   1.00 15.95 ? 84  ILE A O   1 
ATOM   648 C CB  . ILE A 1 84  ? 7.134   -12.252 0.169   1.00 16.02 ? 84  ILE A CB  1 
ATOM   649 C CG1 . ILE A 1 84  ? 7.836   -13.606 0.140   1.00 19.90 ? 84  ILE A CG1 1 
ATOM   650 C CG2 . ILE A 1 84  ? 8.015   -11.235 0.862   1.00 15.13 ? 84  ILE A CG2 1 
ATOM   651 C CD1 . ILE A 1 84  ? 8.290   -14.087 1.527   1.00 26.84 ? 84  ILE A CD1 1 
ATOM   652 N N   . GLY A 1 85  ? 4.603   -10.306 0.327   1.00 10.45 ? 85  GLY A N   1 
ATOM   653 C CA  . GLY A 1 85  ? 4.063   -8.979  0.597   1.00 13.02 ? 85  GLY A CA  1 
ATOM   654 C C   . GLY A 1 85  ? 3.046   -9.019  1.741   1.00 19.33 ? 85  GLY A C   1 
ATOM   655 O O   . GLY A 1 85  ? 3.108   -8.204  2.663   1.00 14.39 ? 85  GLY A O   1 
ATOM   656 N N   . HIS A 1 86  ? 2.114   -9.991  1.672   1.00 17.48 ? 86  HIS A N   1 
ATOM   657 C CA  . HIS A 1 86  ? 1.095   -10.201 2.714   1.00 18.58 ? 86  HIS A CA  1 
ATOM   658 C C   . HIS A 1 86  ? 1.710   -10.488 4.084   1.00 16.26 ? 86  HIS A C   1 
ATOM   659 O O   . HIS A 1 86  ? 1.227   -10.007 5.099   1.00 17.41 ? 86  HIS A O   1 
ATOM   660 C CB  . HIS A 1 86  ? 0.186   -11.383 2.346   1.00 11.70 ? 86  HIS A CB  1 
ATOM   661 C CG  . HIS A 1 86  ? -0.985  -11.012 1.504   1.00 18.19 ? 86  HIS A CG  1 
ATOM   662 N ND1 . HIS A 1 86  ? -1.060  -11.316 0.158   1.00 20.10 ? 86  HIS A ND1 1 
ATOM   663 C CD2 . HIS A 1 86  ? -2.162  -10.419 1.823   1.00 15.56 ? 86  HIS A CD2 1 
ATOM   664 C CE1 . HIS A 1 86  ? -2.219  -10.896 -0.324  1.00 16.02 ? 86  HIS A CE1 1 
ATOM   665 N NE2 . HIS A 1 86  ? -2.907  -10.350 0.665   1.00 23.09 ? 86  HIS A NE2 1 
ATOM   666 N N   . GLU A 1 87  ? 2.734   -11.339 4.108   1.00 15.89 ? 87  GLU A N   1 
ATOM   667 C CA  . GLU A 1 87  ? 3.384   -11.708 5.353   1.00 15.91 ? 87  GLU A CA  1 
ATOM   668 C C   . GLU A 1 87  ? 4.090   -10.515 6.021   1.00 18.53 ? 87  GLU A C   1 
ATOM   669 O O   . GLU A 1 87  ? 3.956   -10.298 7.237   1.00 17.78 ? 87  GLU A O   1 
ATOM   670 C CB  . GLU A 1 87  ? 4.366   -12.853 5.126   1.00 21.94 ? 87  GLU A CB  1 
ATOM   671 C CG  . GLU A 1 87  ? 4.797   -13.526 6.400   1.00 34.32 ? 87  GLU A CG  1 
ATOM   672 C CD  . GLU A 1 87  ? 3.604   -14.053 7.216   1.00 43.17 ? 87  GLU A CD  1 
ATOM   673 O OE1 . GLU A 1 87  ? 2.541   -14.381 6.610   1.00 47.59 ? 87  GLU A OE1 1 
ATOM   674 O OE2 . GLU A 1 87  ? 3.735   -14.144 8.454   1.00 41.46 ? 87  GLU A OE2 1 
ATOM   675 N N   . ASN A 1 88  ? 4.828   -9.740  5.227   1.00 19.26 ? 88  ASN A N   1 
ATOM   676 C CA  . ASN A 1 88  ? 5.474   -8.520  5.731   1.00 16.07 ? 88  ASN A CA  1 
ATOM   677 C C   . ASN A 1 88  ? 4.489   -7.550  6.315   1.00 12.97 ? 88  ASN A C   1 
ATOM   678 O O   . ASN A 1 88  ? 4.729   -6.980  7.371   1.00 17.15 ? 88  ASN A O   1 
ATOM   679 C CB  . ASN A 1 88  ? 6.286   -7.841  4.634   1.00 16.40 ? 88  ASN A CB  1 
ATOM   680 C CG  . ASN A 1 88  ? 7.566   -8.558  4.355   1.00 23.76 ? 88  ASN A CG  1 
ATOM   681 O OD1 . ASN A 1 88  ? 7.991   -9.394  5.143   1.00 34.96 ? 88  ASN A OD1 1 
ATOM   682 N ND2 . ASN A 1 88  ? 8.195   -8.250  3.225   1.00 30.65 ? 88  ASN A ND2 1 
ATOM   683 N N   . MET A 1 89  ? 3.374   -7.338  5.618   1.00 14.05 ? 89  MET A N   1 
ATOM   684 C CA  . MET A 1 89  ? 2.295   -6.501  6.166   1.00 17.12 ? 89  MET A CA  1 
ATOM   685 C C   . MET A 1 89  ? 1.744   -7.075  7.460   1.00 21.60 ? 89  MET A C   1 
ATOM   686 O O   . MET A 1 89  ? 1.452   -6.335  8.409   1.00 18.89 ? 89  MET A O   1 
ATOM   687 C CB  . MET A 1 89  ? 1.158   -6.373  5.178   1.00 16.85 ? 89  MET A CB  1 
ATOM   688 C CG  . MET A 1 89  ? 1.490   -5.570  3.952   1.00 18.93 ? 89  MET A CG  1 
ATOM   689 S SD  . MET A 1 89  ? -0.021  -5.300  3.008   1.00 35.08 ? 89  MET A SD  1 
ATOM   690 C CE  . MET A 1 89  ? -0.691  -3.860  3.897   1.00 30.92 ? 89  MET A CE  1 
ATOM   691 N N   . ARG A 1 90  ? 1.546   -8.391  7.487   1.00 18.68 ? 90  ARG A N   1 
ATOM   692 C CA  . ARG A 1 90  ? 1.021   -9.038  8.687   1.00 20.00 ? 90  ARG A CA  1 
ATOM   693 C C   . ARG A 1 90  ? 1.955   -8.808  9.882   1.00 16.60 ? 90  ARG A C   1 
ATOM   694 O O   . ARG A 1 90  ? 1.509   -8.425  10.956  1.00 21.19 ? 90  ARG A O   1 
ATOM   695 C CB  . ARG A 1 90  ? 0.808   -10.545 8.461   1.00 11.51 ? 90  ARG A CB  1 
ATOM   696 C CG  . ARG A 1 90  ? 0.091   -11.226 9.635   1.00 19.80 ? 90  ARG A CG  1 
ATOM   697 C CD  . ARG A 1 90  ? -0.138  -12.731 9.400   1.00 23.41 ? 90  ARG A CD  1 
ATOM   698 N NE  . ARG A 1 90  ? 1.062   -13.505 9.690   1.00 30.03 ? 90  ARG A NE  1 
ATOM   699 C CZ  . ARG A 1 90  ? 1.642   -13.561 10.890  1.00 36.68 ? 90  ARG A CZ  1 
ATOM   700 N NH1 . ARG A 1 90  ? 1.126   -12.880 11.917  1.00 38.99 ? 90  ARG A NH1 1 
ATOM   701 N NH2 . ARG A 1 90  ? 2.740   -14.293 11.067  1.00 39.04 ? 90  ARG A NH2 1 
ATOM   702 N N   . LEU A 1 91  ? 3.250   -9.036  9.675   1.00 12.66 ? 91  LEU A N   1 
ATOM   703 C CA  . LEU A 1 91  ? 4.232   -8.891  10.738  1.00 16.40 ? 91  LEU A CA  1 
ATOM   704 C C   . LEU A 1 91  ? 4.366   -7.442  11.184  1.00 20.24 ? 91  LEU A C   1 
ATOM   705 O O   . LEU A 1 91  ? 4.466   -7.170  12.381  1.00 17.84 ? 91  LEU A O   1 
ATOM   706 C CB  . LEU A 1 91  ? 5.597   -9.431  10.295  1.00 18.38 ? 91  LEU A CB  1 
ATOM   707 C CG  . LEU A 1 91  ? 5.688   -10.941 10.131  1.00 23.65 ? 91  LEU A CG  1 
ATOM   708 C CD1 . LEU A 1 91  ? 6.937   -11.316 9.347   1.00 26.50 ? 91  LEU A CD1 1 
ATOM   709 C CD2 . LEU A 1 91  ? 5.673   -11.632 11.500  1.00 26.78 ? 91  LEU A CD2 1 
ATOM   710 N N   . ALA A 1 92  ? 4.394   -6.512  10.221  1.00 15.19 ? 92  ALA A N   1 
ATOM   711 C CA  . ALA A 1 92  ? 4.415   -5.082  10.542  1.00 18.93 ? 92  ALA A CA  1 
ATOM   712 C C   . ALA A 1 92  ? 3.177   -4.703  11.352  1.00 20.24 ? 92  ALA A C   1 
ATOM   713 O O   . ALA A 1 92  ? 3.265   -3.993  12.343  1.00 22.31 ? 92  ALA A O   1 
ATOM   714 C CB  . ALA A 1 92  ? 4.501   -4.230  9.260   1.00 15.98 ? 92  ALA A CB  1 
ATOM   715 N N   . PHE A 1 93  ? 2.022   -5.170  10.913  1.00 16.66 ? 93  PHE A N   1 
ATOM   716 C CA  . PHE A 1 93  ? 0.770   -4.855  11.598  1.00 19.35 ? 93  PHE A CA  1 
ATOM   717 C C   . PHE A 1 93  ? 0.751   -5.439  13.010  1.00 18.78 ? 93  PHE A C   1 
ATOM   718 O O   . PHE A 1 93  ? 0.335   -4.786  13.964  1.00 15.89 ? 93  PHE A O   1 
ATOM   719 C CB  . PHE A 1 93  ? -0.406  -5.414  10.819  1.00 19.53 ? 93  PHE A CB  1 
ATOM   720 C CG  . PHE A 1 93  ? -1.719  -5.210  11.493  1.00 22.36 ? 93  PHE A CG  1 
ATOM   721 C CD1 . PHE A 1 93  ? -2.339  -3.967  11.462  1.00 21.34 ? 93  PHE A CD1 1 
ATOM   722 C CD2 . PHE A 1 93  ? -2.340  -6.259  12.174  1.00 19.01 ? 93  PHE A CD2 1 
ATOM   723 C CE1 . PHE A 1 93  ? -3.564  -3.769  12.097  1.00 25.72 ? 93  PHE A CE1 1 
ATOM   724 C CE2 . PHE A 1 93  ? -3.565  -6.069  12.816  1.00 20.50 ? 93  PHE A CE2 1 
ATOM   725 C CZ  . PHE A 1 93  ? -4.179  -4.831  12.777  1.00 21.64 ? 93  PHE A CZ  1 
ATOM   726 N N   . GLU A 1 94  ? 1.186   -6.686  13.117  1.00 19.16 ? 94  GLU A N   1 
ATOM   727 C CA  . GLU A 1 94  ? 1.239   -7.408  14.385  1.00 18.49 ? 94  GLU A CA  1 
ATOM   728 C C   . GLU A 1 94  ? 2.165   -6.689  15.359  1.00 15.78 ? 94  GLU A C   1 
ATOM   729 O O   . GLU A 1 94  ? 1.832   -6.500  16.518  1.00 14.15 ? 94  GLU A O   1 
ATOM   730 C CB  . GLU A 1 94  ? 1.778   -8.815  14.131  1.00 25.70 ? 94  GLU A CB  1 
ATOM   731 C CG  . GLU A 1 94  ? 1.163   -9.884  14.970  1.00 46.49 ? 94  GLU A CG  1 
ATOM   732 C CD  . GLU A 1 94  ? -0.244  -10.202 14.533  1.00 55.33 ? 94  GLU A CD  1 
ATOM   733 O OE1 . GLU A 1 94  ? -0.652  -9.719  13.446  1.00 54.98 ? 94  GLU A OE1 1 
ATOM   734 O OE2 . GLU A 1 94  ? -0.948  -10.928 15.278  1.00 61.66 ? 94  GLU A OE2 1 
ATOM   735 N N   . SER A 1 95  ? 3.348   -6.303  14.889  1.00 12.87 ? 95  SER A N   1 
ATOM   736 C CA  . SER A 1 95  ? 4.338   -5.728  15.798  1.00 16.70 ? 95  SER A CA  1 
ATOM   737 C C   . SER A 1 95  ? 3.930   -4.314  16.250  1.00 15.47 ? 95  SER A C   1 
ATOM   738 O O   . SER A 1 95  ? 4.053   -3.978  17.415  1.00 19.49 ? 95  SER A O   1 
ATOM   739 C CB  . SER A 1 95  ? 5.762   -5.787  15.206  1.00 14.53 ? 95  SER A CB  1 
ATOM   740 O OG  . SER A 1 95  ? 5.854   -5.088  13.983  1.00 15.88 ? 95  SER A OG  1 
ATOM   741 N N   . TRP A 1 96  ? 3.358   -3.526  15.340  1.00 15.16 ? 96  TRP A N   1 
ATOM   742 C CA  . TRP A 1 96  ? 2.854   -2.198  15.705  1.00 13.05 ? 96  TRP A CA  1 
ATOM   743 C C   . TRP A 1 96  ? 1.598   -2.219  16.601  1.00 13.10 ? 96  TRP A C   1 
ATOM   744 O O   . TRP A 1 96  ? 1.368   -1.289  17.362  1.00 15.55 ? 96  TRP A O   1 
ATOM   745 C CB  . TRP A 1 96  ? 2.627   -1.323  14.464  1.00 16.34 ? 96  TRP A CB  1 
ATOM   746 C CG  . TRP A 1 96  ? 3.901   -0.756  13.902  1.00 11.35 ? 96  TRP A CG  1 
ATOM   747 C CD1 . TRP A 1 96  ? 4.505   -1.119  12.752  1.00 14.98 ? 96  TRP A CD1 1 
ATOM   748 C CD2 . TRP A 1 96  ? 4.725   0.286   14.486  1.00 12.09 ? 96  TRP A CD2 1 
ATOM   749 N NE1 . TRP A 1 96  ? 5.655   -0.373  12.562  1.00 12.55 ? 96  TRP A NE1 1 
ATOM   750 C CE2 . TRP A 1 96  ? 5.808   0.494   13.615  1.00 13.54 ? 96  TRP A CE2 1 
ATOM   751 C CE3 . TRP A 1 96  ? 4.628   1.073   15.647  1.00 10.08 ? 96  TRP A CE3 1 
ATOM   752 C CZ2 . TRP A 1 96  ? 6.808   1.457   13.864  1.00 11.11 ? 96  TRP A CZ2 1 
ATOM   753 C CZ3 . TRP A 1 96  ? 5.624   2.019   15.904  1.00 11.81 ? 96  TRP A CZ3 1 
ATOM   754 C CH2 . TRP A 1 96  ? 6.701   2.198   15.017  1.00 13.27 ? 96  TRP A CH2 1 
ATOM   755 N N   . SER A 1 97  ? 0.796   -3.279  16.514  1.00 15.65 ? 97  SER A N   1 
ATOM   756 C CA  . SER A 1 97  ? -0.331  -3.450  17.454  1.00 16.27 ? 97  SER A CA  1 
ATOM   757 C C   . SER A 1 97  ? 0.181   -3.756  18.868  1.00 14.10 ? 97  SER A C   1 
ATOM   758 O O   . SER A 1 97  ? -0.383  -3.280  19.867  1.00 14.64 ? 97  SER A O   1 
ATOM   759 C CB  . SER A 1 97  ? -1.274  -4.564  16.993  1.00 15.33 ? 97  SER A CB  1 
ATOM   760 O OG  . SER A 1 97  ? -1.879  -4.214  15.776  1.00 29.96 ? 97  SER A OG  1 
ATOM   761 N N   . ARG A 1 98  ? 1.236   -4.563  18.949  1.00 8.44  ? 98  ARG A N   1 
ATOM   762 C CA  . ARG A 1 98  ? 1.880   -4.833  20.228  1.00 13.55 ? 98  ARG A CA  1 
ATOM   763 C C   . ARG A 1 98  ? 2.483   -3.552  20.823  1.00 14.63 ? 98  ARG A C   1 
ATOM   764 O O   . ARG A 1 98  ? 2.373   -3.295  22.029  1.00 15.77 ? 98  ARG A O   1 
ATOM   765 C CB  . ARG A 1 98  ? 2.958   -5.896  20.081  1.00 12.26 ? 98  ARG A CB  1 
ATOM   766 C CG  . ARG A 1 98  ? 3.608   -6.289  21.430  1.00 13.79 ? 98  ARG A CG  1 
ATOM   767 C CD  . ARG A 1 98  ? 2.651   -7.169  22.331  1.00 16.97 ? 98  ARG A CD  1 
ATOM   768 N NE  . ARG A 1 98  ? 3.290   -7.471  23.609  1.00 22.99 ? 98  ARG A NE  1 
ATOM   769 C CZ  . ARG A 1 98  ? 2.808   -7.132  24.804  1.00 22.94 ? 98  ARG A CZ  1 
ATOM   770 N NH1 . ARG A 1 98  ? 1.629   -6.534  24.906  1.00 22.57 ? 98  ARG A NH1 1 
ATOM   771 N NH2 . ARG A 1 98  ? 3.491   -7.432  25.903  1.00 15.60 ? 98  ARG A NH2 1 
ATOM   772 N N   . VAL A 1 99  ? 3.131   -2.758  19.984  1.00 15.91 ? 99  VAL A N   1 
ATOM   773 C CA  . VAL A 1 99  ? 3.605   -1.449  20.422  1.00 15.84 ? 99  VAL A CA  1 
ATOM   774 C C   . VAL A 1 99  ? 2.437   -0.645  21.010  1.00 13.53 ? 99  VAL A C   1 
ATOM   775 O O   . VAL A 1 99  ? 2.555   -0.070  22.087  1.00 10.05 ? 99  VAL A O   1 
ATOM   776 C CB  . VAL A 1 99  ? 4.289   -0.680  19.277  1.00 12.35 ? 99  VAL A CB  1 
ATOM   777 C CG1 . VAL A 1 99  ? 4.475   0.794   19.643  1.00 11.57 ? 99  VAL A CG1 1 
ATOM   778 C CG2 . VAL A 1 99  ? 5.611   -1.310  18.970  1.00 15.92 ? 99  VAL A CG2 1 
ATOM   779 N N   . ASP A 1 100 ? 1.303   -0.633  20.303  1.00 11.94 ? 100 ASP A N   1 
ATOM   780 C CA  . ASP A 1 100 ? 0.091   0.030   20.796  1.00 14.87 ? 100 ASP A CA  1 
ATOM   781 C C   . ASP A 1 100 ? -0.349  -0.513  22.156  1.00 13.63 ? 100 ASP A C   1 
ATOM   782 O O   . ASP A 1 100 ? -0.803  0.241   23.023  1.00 8.12  ? 100 ASP A O   1 
ATOM   783 C CB  . ASP A 1 100 ? -1.068  -0.166  19.805  1.00 21.61 ? 100 ASP A CB  1 
ATOM   784 C CG  . ASP A 1 100 ? -0.938  0.697   18.585  1.00 30.83 ? 100 ASP A CG  1 
ATOM   785 O OD1 . ASP A 1 100 ? -0.348  1.793   18.695  1.00 36.99 ? 100 ASP A OD1 1 
ATOM   786 O OD2 . ASP A 1 100 ? -1.432  0.287   17.509  1.00 33.83 ? 100 ASP A OD2 1 
ATOM   787 N N   . LYS A 1 101 ? -0.282  -1.833  22.311  1.00 14.07 ? 101 LYS A N   1 
ATOM   788 C CA  . LYS A 1 101 ? -0.708  -2.467  23.552  1.00 17.78 ? 101 LYS A CA  1 
ATOM   789 C C   . LYS A 1 101 ? 0.223   -2.060  24.682  1.00 16.54 ? 101 LYS A C   1 
ATOM   790 O O   . LYS A 1 101 ? -0.219  -1.799  25.805  1.00 8.86  ? 101 LYS A O   1 
ATOM   791 C CB  . LYS A 1 101 ? -0.727  -3.987  23.393  1.00 20.95 ? 101 LYS A CB  1 
ATOM   792 C CG  . LYS A 1 101 ? -1.654  -4.462  22.292  1.00 34.86 ? 101 LYS A CG  1 
ATOM   793 C CD  . LYS A 1 101 ? -1.415  -5.935  21.934  1.00 42.45 ? 101 LYS A CD  1 
ATOM   794 C CE  . LYS A 1 101 ? -2.276  -6.364  20.739  1.00 37.73 ? 101 LYS A CE  1 
ATOM   795 N NZ  . LYS A 1 101 ? -1.547  -7.351  19.907  1.00 37.27 ? 101 LYS A NZ  1 
ATOM   796 N N   . ILE A 1 102 ? 1.513   -1.997  24.375  1.00 13.35 ? 102 ILE A N   1 
ATOM   797 C CA  . ILE A 1 102 ? 2.518   -1.630  25.360  1.00 11.04 ? 102 ILE A CA  1 
ATOM   798 C C   . ILE A 1 102 ? 2.361   -0.167  25.820  1.00 13.30 ? 102 ILE A C   1 
ATOM   799 O O   . ILE A 1 102 ? 2.435   0.129   27.015  1.00 14.03 ? 102 ILE A O   1 
ATOM   800 C CB  . ILE A 1 102 ? 3.941   -1.906  24.829  1.00 14.47 ? 102 ILE A CB  1 
ATOM   801 C CG1 . ILE A 1 102 ? 4.182   -3.431  24.746  1.00 12.11 ? 102 ILE A CG1 1 
ATOM   802 C CG2 . ILE A 1 102 ? 5.020   -1.168  25.710  1.00 8.83  ? 102 ILE A CG2 1 
ATOM   803 C CD1 . ILE A 1 102 ? 5.493   -3.852  23.990  1.00 16.99 ? 102 ILE A CD1 1 
ATOM   804 N N   . ILE A 1 103 ? 2.105   0.730   24.876  1.00 15.79 ? 103 ILE A N   1 
ATOM   805 C CA  . ILE A 1 103 ? 1.778   2.138   25.209  1.00 13.94 ? 103 ILE A CA  1 
ATOM   806 C C   . ILE A 1 103 ? 0.518   2.211   26.088  1.00 13.12 ? 103 ILE A C   1 
ATOM   807 O O   . ILE A 1 103 ? 0.512   2.832   27.149  1.00 12.11 ? 103 ILE A O   1 
ATOM   808 C CB  . ILE A 1 103 ? 1.542   2.952   23.937  1.00 11.79 ? 103 ILE A CB  1 
ATOM   809 C CG1 . ILE A 1 103 ? 2.847   3.129   23.169  1.00 8.51  ? 103 ILE A CG1 1 
ATOM   810 C CG2 . ILE A 1 103 ? 0.867   4.300   24.252  1.00 10.35 ? 103 ILE A CG2 1 
ATOM   811 C CD1 . ILE A 1 103 ? 2.624   3.648   21.727  1.00 14.53 ? 103 ILE A CD1 1 
ATOM   812 N N   . GLU A 1 104 ? -0.545  1.571   25.632  1.00 11.10 ? 104 GLU A N   1 
ATOM   813 C CA  . GLU A 1 104 ? -1.779  1.473   26.422  1.00 11.28 ? 104 GLU A CA  1 
ATOM   814 C C   . GLU A 1 104 ? -1.444  1.122   27.874  1.00 12.12 ? 104 GLU A C   1 
ATOM   815 O O   . GLU A 1 104 ? -1.871  1.800   28.799  1.00 10.45 ? 104 GLU A O   1 
ATOM   816 C CB  . GLU A 1 104 ? -2.694  0.424   25.799  1.00 18.04 ? 104 GLU A CB  1 
ATOM   817 C CG  . GLU A 1 104 ? -3.988  0.133   26.544  1.00 26.95 ? 104 GLU A CG  1 
ATOM   818 C CD  . GLU A 1 104 ? -4.874  -0.851  25.769  1.00 27.70 ? 104 GLU A CD  1 
ATOM   819 O OE1 . GLU A 1 104 ? -4.802  -0.861  24.514  1.00 24.07 ? 104 GLU A OE1 1 
ATOM   820 O OE2 . GLU A 1 104 ? -5.621  -1.610  26.409  1.00 31.17 ? 104 GLU A OE2 1 
ATOM   821 N N   . ASN A 1 105 ? -0.639  0.078   28.059  1.00 14.23 ? 105 ASN A N   1 
ATOM   822 C CA  . ASN A 1 105 ? -0.203  -0.338  29.395  1.00 15.56 ? 105 ASN A CA  1 
ATOM   823 C C   . ASN A 1 105 ? 0.530   0.757   30.141  1.00 16.87 ? 105 ASN A C   1 
ATOM   824 O O   . ASN A 1 105 ? 0.347   0.933   31.340  1.00 15.64 ? 105 ASN A O   1 
ATOM   825 C CB  . ASN A 1 105 ? 0.686   -1.568  29.298  1.00 13.97 ? 105 ASN A CB  1 
ATOM   826 C CG  . ASN A 1 105 ? -0.090  -2.806  28.984  1.00 17.12 ? 105 ASN A CG  1 
ATOM   827 O OD1 . ASN A 1 105 ? -1.324  -2.816  29.058  1.00 16.52 ? 105 ASN A OD1 1 
ATOM   828 N ND2 . ASN A 1 105 ? 0.614   -3.869  28.624  1.00 13.02 ? 105 ASN A ND2 1 
ATOM   829 N N   . LEU A 1 106 ? 1.390   1.467   29.428  1.00 15.76 ? 106 LEU A N   1 
ATOM   830 C CA  . LEU A 1 106 ? 2.082   2.609   29.984  1.00 18.34 ? 106 LEU A CA  1 
ATOM   831 C C   . LEU A 1 106 ? 1.079   3.642   30.477  1.00 21.89 ? 106 LEU A C   1 
ATOM   832 O O   . LEU A 1 106 ? 1.290   4.282   31.509  1.00 23.00 ? 106 LEU A O   1 
ATOM   833 C CB  . LEU A 1 106 ? 3.009   3.244   28.919  1.00 15.88 ? 106 LEU A CB  1 
ATOM   834 C CG  . LEU A 1 106 ? 4.291   2.477   28.604  1.00 15.84 ? 106 LEU A CG  1 
ATOM   835 C CD1 . LEU A 1 106 ? 5.133   3.230   27.520  1.00 16.87 ? 106 LEU A CD1 1 
ATOM   836 C CD2 . LEU A 1 106 ? 5.092   2.272   29.891  1.00 13.78 ? 106 LEU A CD2 1 
ATOM   837 N N   . GLU A 1 107 ? -0.014  3.801   29.729  1.00 26.04 ? 107 GLU A N   1 
ATOM   838 C CA  . GLU A 1 107 ? -1.050  4.795   30.058  1.00 29.68 ? 107 GLU A CA  1 
ATOM   839 C C   . GLU A 1 107 ? -2.086  4.290   31.086  1.00 31.61 ? 107 GLU A C   1 
ATOM   840 O O   . GLU A 1 107 ? -3.091  4.946   31.331  1.00 36.44 ? 107 GLU A O   1 
ATOM   841 C CB  . GLU A 1 107 ? -1.759  5.272   28.785  1.00 27.85 ? 107 GLU A CB  1 
ATOM   842 C CG  . GLU A 1 107 ? -0.834  5.961   27.795  1.00 32.72 ? 107 GLU A CG  1 
ATOM   843 C CD  . GLU A 1 107 ? -1.494  6.234   26.454  1.00 36.80 ? 107 GLU A CD  1 
ATOM   844 O OE1 . GLU A 1 107 ? -2.414  5.477   26.075  1.00 41.74 ? 107 GLU A OE1 1 
ATOM   845 O OE2 . GLU A 1 107 ? -1.081  7.197   25.769  1.00 35.95 ? 107 GLU A OE2 1 
ATOM   846 N N   . ALA A 1 108 ? -1.833  3.129   31.680  1.00 27.90 ? 108 ALA A N   1 
ATOM   847 C CA  . ALA A 1 108 ? -2.735  2.592   32.695  1.00 32.70 ? 108 ALA A CA  1 
ATOM   848 C C   . ALA A 1 108 ? -2.123  2.713   34.092  1.00 34.95 ? 108 ALA A C   1 
ATOM   849 O O   . ALA A 1 108 ? -2.399  3.669   34.824  1.00 42.06 ? 108 ALA A O   1 
ATOM   850 C CB  . ALA A 1 108 ? -3.104  1.133   32.380  1.00 18.45 ? 108 ALA A CB  1 
HETATM 851 C C1  . HT1 B 2 .   ? 6.968   9.000   16.609  0.50 31.58 ? 127 HT1 A C1  1 
HETATM 852 O O1  . HT1 B 2 .   ? 7.575   10.020  17.286  0.50 34.75 ? 127 HT1 A O1  1 
HETATM 853 C C2  . HT1 B 2 .   ? 7.540   8.516   15.438  0.50 32.86 ? 127 HT1 A C2  1 
HETATM 854 C C3  . HT1 B 2 .   ? 6.936   7.475   14.734  0.50 31.30 ? 127 HT1 A C3  1 
HETATM 855 C C4  . HT1 B 2 .   ? 5.753   6.916   15.203  0.50 31.67 ? 127 HT1 A C4  1 
HETATM 856 C C5  . HT1 B 2 .   ? 5.173   7.396   16.390  0.50 31.21 ? 127 HT1 A C5  1 
HETATM 857 C C6  . HT1 B 2 .   ? 5.784   8.440   17.093  0.50 30.37 ? 127 HT1 A C6  1 
HETATM 858 C C7  . HT1 B 2 .   ? 5.166   5.868   14.489  0.50 32.25 ? 127 HT1 A C7  1 
HETATM 859 N N1  . HT1 B 2 .   ? 5.703   5.267   13.408  0.50 28.58 ? 127 HT1 A N1  1 
HETATM 860 C C8  . HT1 B 2 .   ? 4.869   4.321   12.988  0.50 29.93 ? 127 HT1 A C8  1 
HETATM 861 C C9  . HT1 B 2 .   ? 3.768   4.339   13.865  0.50 33.26 ? 127 HT1 A C9  1 
HETATM 862 N N2  . HT1 B 2 .   ? 3.987   5.292   14.770  0.50 31.03 ? 127 HT1 A N2  1 
HETATM 863 C C10 . HT1 B 2 .   ? 2.715   3.450   13.691  0.50 32.96 ? 127 HT1 A C10 1 
HETATM 864 C C11 . HT1 B 2 .   ? 2.760   2.544   12.641  0.50 34.22 ? 127 HT1 A C11 1 
HETATM 865 C C12 . HT1 B 2 .   ? 3.855   2.509   11.765  0.50 28.82 ? 127 HT1 A C12 1 
HETATM 866 C C13 . HT1 B 2 .   ? 4.927   3.410   11.915  0.50 29.74 ? 127 HT1 A C13 1 
HETATM 867 C C14 . HT1 B 2 .   ? 3.835   1.587   10.715  0.50 31.83 ? 127 HT1 A C14 1 
HETATM 868 N N3  . HT1 B 2 .   ? 4.690   1.548   9.681   0.50 25.67 ? 127 HT1 A N3  1 
HETATM 869 C C15 . HT1 B 2 .   ? 4.333   0.539   8.879   0.50 29.88 ? 127 HT1 A C15 1 
HETATM 870 C C16 . HT1 B 2 .   ? 3.198   -0.051  9.438   0.50 32.23 ? 127 HT1 A C16 1 
HETATM 871 N N4  . HT1 B 2 .   ? 2.915   0.615   10.555  0.50 32.06 ? 127 HT1 A N4  1 
HETATM 872 C C17 . HT1 B 2 .   ? 2.584   -1.135  8.809   0.50 33.53 ? 127 HT1 A C17 1 
HETATM 873 C C18 . HT1 B 2 .   ? 3.112   -1.638  7.612   0.50 34.60 ? 127 HT1 A C18 1 
HETATM 874 C C19 . HT1 B 2 .   ? 4.256   -1.066  7.049   0.50 34.68 ? 127 HT1 A C19 1 
HETATM 875 C C20 . HT1 B 2 .   ? 4.864   0.038   7.680   0.50 30.10 ? 127 HT1 A C20 1 
HETATM 876 N N5  . HT1 B 2 .   ? 4.738   -1.537  5.871   0.50 36.92 ? 127 HT1 A N5  1 
HETATM 877 C C21 . HT1 B 2 .   ? 5.132   -2.959  5.894   0.50 37.50 ? 127 HT1 A C21 1 
HETATM 878 C C22 . HT1 B 2 .   ? 5.530   -3.399  4.461   0.50 40.13 ? 127 HT1 A C22 1 
HETATM 879 N N6  . HT1 B 2 .   ? 6.610   -2.532  3.923   0.50 42.24 ? 127 HT1 A N6  1 
HETATM 880 C C23 . HT1 B 2 .   ? 6.202   -1.114  3.960   0.50 43.74 ? 127 HT1 A C23 1 
HETATM 881 C C24 . HT1 B 2 .   ? 5.868   -0.724  5.409   0.50 41.84 ? 127 HT1 A C24 1 
HETATM 882 C C25 . HT1 B 2 .   ? 6.925   -2.888  2.532   0.50 41.35 ? 127 HT1 A C25 1 
HETATM 883 C C26 . HT1 B 2 .   ? 8.681   10.540  16.533  0.50 34.87 ? 127 HT1 A C26 1 
HETATM 884 C C27 . HT1 B 2 .   ? 9.654   11.245  17.488  0.50 39.25 ? 127 HT1 A C27 1 
HETATM 885 O O   . HOH C 3 .   ? 7.396   -6.333  7.791   1.00 28.52 ? 128 HOH A O   1 
HETATM 886 O O   . HOH C 3 .   ? -2.635  -0.606  -14.318 1.00 13.43 ? 129 HOH A O   1 
HETATM 887 O O   . HOH C 3 .   ? -3.536  -8.093  -4.246  1.00 8.23  ? 130 HOH A O   1 
HETATM 888 O O   . HOH C 3 .   ? 5.771   -14.030 -2.530  1.00 12.88 ? 131 HOH A O   1 
HETATM 889 O O   . HOH C 3 .   ? -5.166  8.956   -5.304  1.00 13.81 ? 132 HOH A O   1 
HETATM 890 O O   . HOH C 3 .   ? 7.636   -9.030  -7.176  1.00 23.91 ? 133 HOH A O   1 
HETATM 891 O O   . HOH C 3 .   ? 0.118   -11.628 -17.316 1.00 2.47  ? 134 HOH A O   1 
HETATM 892 O O   . HOH C 3 .   ? -3.745  -12.830 -8.138  1.00 17.81 ? 135 HOH A O   1 
HETATM 893 O O   . HOH C 3 .   ? 2.760   -11.512 -11.468 1.00 11.59 ? 136 HOH A O   1 
HETATM 894 O O   . HOH C 3 .   ? -8.318  -3.181  -4.450  1.00 10.44 ? 137 HOH A O   1 
HETATM 895 O O   . HOH C 3 .   ? 10.656  -3.797  -10.560 1.00 19.18 ? 138 HOH A O   1 
HETATM 896 O O   . HOH C 3 .   ? 3.151   -14.504 -4.689  1.00 15.39 ? 139 HOH A O   1 
HETATM 897 O O   . HOH C 3 .   ? 1.939   9.237   -16.510 1.00 18.82 ? 140 HOH A O   1 
HETATM 898 O O   . HOH C 3 .   ? -1.034  -1.797  13.745  1.00 28.59 ? 141 HOH A O   1 
HETATM 899 O O   . HOH C 3 .   ? -4.983  -9.902  -2.046  1.00 42.72 ? 142 HOH A O   1 
HETATM 900 O O   . HOH C 3 .   ? 7.447   5.192   9.377   0.50 3.14  ? 143 HOH A O   1 
HETATM 901 O O   . HOH C 3 .   ? 6.853   2.533   8.926   0.50 2.00  ? 144 HOH A O   1 
HETATM 902 O O   . HOH C 3 .   ? -8.253  7.277   -11.146 1.00 30.70 ? 145 HOH A O   1 
HETATM 903 O O   . HOH C 3 .   ? 13.188  -8.651  -7.967  1.00 23.07 ? 146 HOH A O   1 
HETATM 904 O O   . HOH C 3 .   ? 8.080   -4.217  5.962   1.00 38.10 ? 147 HOH A O   1 
HETATM 905 O O   . HOH C 3 .   ? 7.909   1.145   6.539   1.00 27.56 ? 148 HOH A O   1 
HETATM 906 O O   . HOH C 3 .   ? 1.685   -14.698 3.387   1.00 15.32 ? 149 HOH A O   1 
HETATM 907 O O   . HOH C 3 .   ? 7.949   -12.075 -3.721  1.00 14.77 ? 150 HOH A O   1 
HETATM 908 O O   . HOH C 3 .   ? -0.581  0.087   -15.577 1.00 23.36 ? 151 HOH A O   1 
HETATM 909 O O   . HOH C 3 .   ? -1.297  -2.272  7.358   1.00 30.74 ? 152 HOH A O   1 
HETATM 910 O O   . HOH C 3 .   ? 1.282   10.758  -14.270 1.00 19.19 ? 153 HOH A O   1 
# 
loop_
_pdbx_poly_seq_scheme.asym_id 
_pdbx_poly_seq_scheme.entity_id 
_pdbx_poly_seq_scheme.seq_id 
_pdbx_poly_seq_scheme.mon_id 
_pdbx_poly_seq_scheme.ndb_seq_num 
_pdbx_poly_seq_scheme.pdb_seq_num 
_pdbx_poly_seq_scheme.auth_seq_num 
_pdbx_poly_seq_scheme.pdb_mon_id 
_pdbx_poly_seq_scheme.auth_mon_id 
_pdbx_poly_seq_scheme.pdb_strand_id 
_pdbx_poly_seq_scheme.pdb_ins_code 
_pdbx_poly_seq_scheme.hetero 
A 1 1   MET 1   1   ?   ?   ?   A . n 
A 1 2   ALA 2   2   ?   ?   ?   A . n 
A 1 3   GLU 3   3   3   GLU GLU A . n 
A 1 4   ILE 4   4   4   ILE ILE A . n 
A 1 5   PRO 5   5   5   PRO PRO A . n 
A 1 6   LYS 6   6   6   LYS LYS A . n 
A 1 7   GLU 7   7   7   GLU GLU A . n 
A 1 8   MET 8   8   8   MET MET A . n 
A 1 9   LEU 9   9   9   LEU LEU A . n 
A 1 10  ARG 10  10  10  ARG ARG A . n 
A 1 11  ALA 11  11  11  ALA ALA A . n 
A 1 12  GLN 12  12  12  GLN GLN A . n 
A 1 13  THR 13  13  13  THR THR A . n 
A 1 14  ASN 14  14  14  ASN ASN A . n 
A 1 15  VAL 15  15  15  VAL VAL A . n 
A 1 16  ILE 16  16  16  ILE ILE A . n 
A 1 17  LEU 17  17  17  LEU LEU A . n 
A 1 18  LEU 18  18  18  LEU LEU A . n 
A 1 19  ASN 19  19  19  ASN ASN A . n 
A 1 20  VAL 20  20  20  VAL VAL A . n 
A 1 21  LEU 21  21  21  LEU LEU A . n 
A 1 22  LYS 22  22  22  LYS LYS A . n 
A 1 23  GLN 23  23  23  GLN GLN A . n 
A 1 24  GLY 24  24  24  GLY GLY A . n 
A 1 25  ASP 25  25  25  ASP ASP A . n 
A 1 26  ASN 26  26  26  ASN ASN A . n 
A 1 27  TYR 27  27  27  TYR TYR A . n 
A 1 28  VAL 28  28  28  VAL VAL A . n 
A 1 29  TYR 29  29  29  TYR TYR A . n 
A 1 30  GLY 30  30  30  GLY GLY A . n 
A 1 31  ILE 31  31  31  ILE ILE A . n 
A 1 32  ILE 32  32  32  ILE ILE A . n 
A 1 33  LYS 33  33  33  LYS LYS A . n 
A 1 34  GLN 34  34  34  GLN GLN A . n 
A 1 35  VAL 35  35  35  VAL VAL A . n 
A 1 36  LYS 36  36  36  LYS LYS A . n 
A 1 37  GLU 37  37  37  GLU GLU A . n 
A 1 38  ALA 38  38  38  ALA ALA A . n 
A 1 39  SER 39  39  39  SER SER A . n 
A 1 40  ASN 40  40  40  ASN ASN A . n 
A 1 41  GLY 41  41  41  GLY GLY A . n 
A 1 42  GLU 42  42  42  GLU GLU A . n 
A 1 43  MET 43  43  43  MET MET A . n 
A 1 44  GLU 44  44  44  GLU GLU A . n 
A 1 45  LEU 45  45  45  LEU LEU A . n 
A 1 46  ASN 46  46  46  ASN ASN A . n 
A 1 47  GLU 47  47  47  GLU GLU A . n 
A 1 48  ALA 48  48  48  ALA ALA A . n 
A 1 49  THR 49  49  49  THR THR A . n 
A 1 50  LEU 50  50  50  LEU LEU A . n 
A 1 51  TYR 51  51  51  TYR TYR A . n 
A 1 52  THR 52  52  52  THR THR A . n 
A 1 53  ILE 53  53  53  ILE ILE A . n 
A 1 54  PHE 54  54  54  PHE PHE A . n 
A 1 55  LYS 55  55  55  LYS LYS A . n 
A 1 56  ARG 56  56  56  ARG ARG A . n 
A 1 57  LEU 57  57  57  LEU LEU A . n 
A 1 58  GLU 58  58  58  GLU GLU A . n 
A 1 59  LYS 59  59  59  LYS LYS A . n 
A 1 60  ASP 60  60  60  ASP ASP A . n 
A 1 61  GLY 61  61  61  GLY GLY A . n 
A 1 62  ILE 62  62  62  ILE ILE A . n 
A 1 63  ILE 63  63  63  ILE ILE A . n 
A 1 64  SER 64  64  64  SER SER A . n 
A 1 65  SER 65  65  65  SER SER A . n 
A 1 66  TYR 66  66  66  TYR TYR A . n 
A 1 67  TRP 67  67  67  TRP TRP A . n 
A 1 68  GLY 68  68  68  GLY GLY A . n 
A 1 69  ASP 69  69  69  ASP ASP A . n 
A 1 70  GLU 70  70  70  GLU GLU A . n 
A 1 71  SER 71  71  ?   ?   ?   A . n 
A 1 72  GLN 72  72  ?   ?   ?   A . n 
A 1 73  GLY 73  73  ?   ?   ?   A . n 
A 1 74  GLY 74  74  74  GLY GLY A . n 
A 1 75  ARG 75  75  75  ARG ARG A . n 
A 1 76  ARG 76  76  76  ARG ARG A . n 
A 1 77  LYS 77  77  77  LYS LYS A . n 
A 1 78  TYR 78  78  78  TYR TYR A . n 
A 1 79  TYR 79  79  79  TYR TYR A . n 
A 1 80  ARG 80  80  80  ARG ARG A . n 
A 1 81  LEU 81  81  81  LEU LEU A . n 
A 1 82  THR 82  82  82  THR THR A . n 
A 1 83  GLU 83  83  83  GLU GLU A . n 
A 1 84  ILE 84  84  84  ILE ILE A . n 
A 1 85  GLY 85  85  85  GLY GLY A . n 
A 1 86  HIS 86  86  86  HIS HIS A . n 
A 1 87  GLU 87  87  87  GLU GLU A . n 
A 1 88  ASN 88  88  88  ASN ASN A . n 
A 1 89  MET 89  89  89  MET MET A . n 
A 1 90  ARG 90  90  90  ARG ARG A . n 
A 1 91  LEU 91  91  91  LEU LEU A . n 
A 1 92  ALA 92  92  92  ALA ALA A . n 
A 1 93  PHE 93  93  93  PHE PHE A . n 
A 1 94  GLU 94  94  94  GLU GLU A . n 
A 1 95  SER 95  95  95  SER SER A . n 
A 1 96  TRP 96  96  96  TRP TRP A . n 
A 1 97  SER 97  97  97  SER SER A . n 
A 1 98  ARG 98  98  98  ARG ARG A . n 
A 1 99  VAL 99  99  99  VAL VAL A . n 
A 1 100 ASP 100 100 100 ASP ASP A . n 
A 1 101 LYS 101 101 101 LYS LYS A . n 
A 1 102 ILE 102 102 102 ILE ILE A . n 
A 1 103 ILE 103 103 103 ILE ILE A . n 
A 1 104 GLU 104 104 104 GLU GLU A . n 
A 1 105 ASN 105 105 105 ASN ASN A . n 
A 1 106 LEU 106 106 106 LEU LEU A . n 
A 1 107 GLU 107 107 107 GLU GLU A . n 
A 1 108 ALA 108 108 108 ALA ALA A . n 
A 1 109 ASN 109 109 ?   ?   ?   A . n 
A 1 110 LYS 110 110 ?   ?   ?   A . n 
A 1 111 LYS 111 111 ?   ?   ?   A . n 
A 1 112 SER 112 112 ?   ?   ?   A . n 
A 1 113 GLU 113 113 ?   ?   ?   A . n 
A 1 114 ALA 114 114 ?   ?   ?   A . n 
A 1 115 ILE 115 115 ?   ?   ?   A . n 
A 1 116 LYS 116 116 ?   ?   ?   A . n 
A 1 117 SER 117 117 ?   ?   ?   A . n 
A 1 118 ARG 118 118 ?   ?   ?   A . n 
A 1 119 TRP 119 119 ?   ?   ?   A . n 
A 1 120 SER 120 120 ?   ?   ?   A . n 
A 1 121 HIS 121 121 ?   ?   ?   A . n 
A 1 122 PRO 122 122 ?   ?   ?   A . n 
A 1 123 GLN 123 123 ?   ?   ?   A . n 
A 1 124 PHE 124 124 ?   ?   ?   A . n 
A 1 125 GLU 125 125 ?   ?   ?   A . n 
A 1 126 LYS 126 126 ?   ?   ?   A . n 
# 
loop_
_pdbx_nonpoly_scheme.asym_id 
_pdbx_nonpoly_scheme.entity_id 
_pdbx_nonpoly_scheme.mon_id 
_pdbx_nonpoly_scheme.ndb_seq_num 
_pdbx_nonpoly_scheme.pdb_seq_num 
_pdbx_nonpoly_scheme.auth_seq_num 
_pdbx_nonpoly_scheme.pdb_mon_id 
_pdbx_nonpoly_scheme.auth_mon_id 
_pdbx_nonpoly_scheme.pdb_strand_id 
_pdbx_nonpoly_scheme.pdb_ins_code 
B 2 HT1 1  127 25 HT1 HT1 A . 
C 3 HOH 1  128 1  HOH HOH A . 
C 3 HOH 2  129 2  HOH HOH A . 
C 3 HOH 3  130 3  HOH HOH A . 
C 3 HOH 4  131 4  HOH HOH A . 
C 3 HOH 5  132 5  HOH HOH A . 
C 3 HOH 6  133 6  HOH HOH A . 
C 3 HOH 7  134 7  HOH HOH A . 
C 3 HOH 8  135 8  HOH HOH A . 
C 3 HOH 9  136 10 HOH HOH A . 
C 3 HOH 10 137 11 HOH HOH A . 
C 3 HOH 11 138 12 HOH HOH A . 
C 3 HOH 12 139 13 HOH HOH A . 
C 3 HOH 13 140 14 HOH HOH A . 
C 3 HOH 14 141 15 HOH HOH A . 
C 3 HOH 15 142 17 HOH HOH A . 
C 3 HOH 16 143 18 HOH HOH A . 
C 3 HOH 17 144 19 HOH HOH A . 
C 3 HOH 18 145 20 HOH HOH A . 
C 3 HOH 19 146 22 HOH HOH A . 
C 3 HOH 20 147 27 HOH HOH A . 
C 3 HOH 21 148 28 HOH HOH A . 
C 3 HOH 22 149 29 HOH HOH A . 
C 3 HOH 23 150 36 HOH HOH A . 
C 3 HOH 24 151 42 HOH HOH A . 
C 3 HOH 25 152 43 HOH HOH A . 
C 3 HOH 26 153 44 HOH HOH A . 
# 
_pdbx_struct_assembly.id                   1 
_pdbx_struct_assembly.details              author_and_software_defined_assembly 
_pdbx_struct_assembly.method_details       PISA 
_pdbx_struct_assembly.oligomeric_details   dimeric 
_pdbx_struct_assembly.oligomeric_count     2 
# 
_pdbx_struct_assembly_gen.assembly_id       1 
_pdbx_struct_assembly_gen.oper_expression   1,2 
_pdbx_struct_assembly_gen.asym_id_list      A,B,C 
# 
loop_
_pdbx_struct_assembly_prop.biol_id 
_pdbx_struct_assembly_prop.type 
_pdbx_struct_assembly_prop.value 
_pdbx_struct_assembly_prop.details 
1 'ABSA (A^2)' 4850  ? 
1 MORE         -23   ? 
1 'SSA (A^2)'  11930 ? 
# 
loop_
_pdbx_struct_oper_list.id 
_pdbx_struct_oper_list.type 
_pdbx_struct_oper_list.name 
_pdbx_struct_oper_list.symmetry_operation 
_pdbx_struct_oper_list.matrix[1][1] 
_pdbx_struct_oper_list.matrix[1][2] 
_pdbx_struct_oper_list.matrix[1][3] 
_pdbx_struct_oper_list.vector[1] 
_pdbx_struct_oper_list.matrix[2][1] 
_pdbx_struct_oper_list.matrix[2][2] 
_pdbx_struct_oper_list.matrix[2][3] 
_pdbx_struct_oper_list.vector[2] 
_pdbx_struct_oper_list.matrix[3][1] 
_pdbx_struct_oper_list.matrix[3][2] 
_pdbx_struct_oper_list.matrix[3][3] 
_pdbx_struct_oper_list.vector[3] 
1 'identity operation'         1_555 x,y,z  1.0000000000 0.0000000000 0.0000000000  0.0000000000  0.0000000000 1.0000000000  0.0000000000  0.0000000000 0.0000000000  0.0000000000  1.0000000000  0.0000000000  
2 'crystal symmetry operation' 7_555 y,x,-z 0.6013175240 0.2425224120 -0.7613147280 10.0997802141 0.2425224120 -0.9632695456 -0.1153024815 6.4904604573 -0.7613147280 -0.1153024815 -0.6380479784 23.3110388092 
# 
loop_
_pdbx_audit_revision_history.ordinal 
_pdbx_audit_revision_history.data_content_type 
_pdbx_audit_revision_history.major_revision 
_pdbx_audit_revision_history.minor_revision 
_pdbx_audit_revision_history.revision_date 
1 'Structure model' 1 0 2008-12-30 
2 'Structure model' 1 1 2011-07-13 
3 'Structure model' 1 2 2014-04-09 
4 'Structure model' 1 3 2023-11-01 
# 
_pdbx_audit_revision_details.ordinal             1 
_pdbx_audit_revision_details.revision_ordinal    1 
_pdbx_audit_revision_details.data_content_type   'Structure model' 
_pdbx_audit_revision_details.provider            repository 
_pdbx_audit_revision_details.type                'Initial release' 
_pdbx_audit_revision_details.description         ? 
_pdbx_audit_revision_details.details             ? 
# 
loop_
_pdbx_audit_revision_group.ordinal 
_pdbx_audit_revision_group.revision_ordinal 
_pdbx_audit_revision_group.data_content_type 
_pdbx_audit_revision_group.group 
1 2 'Structure model' Advisory                    
2 2 'Structure model' 'Source and taxonomy'       
3 2 'Structure model' 'Version format compliance' 
4 3 'Structure model' 'Database references'       
5 4 'Structure model' 'Data collection'           
6 4 'Structure model' 'Database references'       
7 4 'Structure model' 'Derived calculations'      
8 4 'Structure model' 'Refinement description'    
# 
loop_
_pdbx_audit_revision_category.ordinal 
_pdbx_audit_revision_category.revision_ordinal 
_pdbx_audit_revision_category.data_content_type 
_pdbx_audit_revision_category.category 
1 4 'Structure model' chem_comp_atom                
2 4 'Structure model' chem_comp_bond                
3 4 'Structure model' database_2                    
4 4 'Structure model' pdbx_initial_refinement_model 
5 4 'Structure model' struct_ref_seq_dif            
6 4 'Structure model' struct_site                   
# 
loop_
_pdbx_audit_revision_item.ordinal 
_pdbx_audit_revision_item.revision_ordinal 
_pdbx_audit_revision_item.data_content_type 
_pdbx_audit_revision_item.item 
1 4 'Structure model' '_database_2.pdbx_DOI'                
2 4 'Structure model' '_database_2.pdbx_database_accession' 
3 4 'Structure model' '_struct_ref_seq_dif.details'         
4 4 'Structure model' '_struct_site.pdbx_auth_asym_id'      
5 4 'Structure model' '_struct_site.pdbx_auth_comp_id'      
6 4 'Structure model' '_struct_site.pdbx_auth_seq_id'       
# 
loop_
_pdbx_refine_tls.id 
_pdbx_refine_tls.details 
_pdbx_refine_tls.method 
_pdbx_refine_tls.origin_x 
_pdbx_refine_tls.origin_y 
_pdbx_refine_tls.origin_z 
_pdbx_refine_tls.T[1][1] 
_pdbx_refine_tls.T[2][2] 
_pdbx_refine_tls.T[3][3] 
_pdbx_refine_tls.T[1][2] 
_pdbx_refine_tls.T[1][3] 
_pdbx_refine_tls.T[2][3] 
_pdbx_refine_tls.L[1][1] 
_pdbx_refine_tls.L[2][2] 
_pdbx_refine_tls.L[3][3] 
_pdbx_refine_tls.L[1][2] 
_pdbx_refine_tls.L[1][3] 
_pdbx_refine_tls.L[2][3] 
_pdbx_refine_tls.S[1][1] 
_pdbx_refine_tls.S[2][2] 
_pdbx_refine_tls.S[3][3] 
_pdbx_refine_tls.S[1][2] 
_pdbx_refine_tls.S[1][3] 
_pdbx_refine_tls.S[2][3] 
_pdbx_refine_tls.S[2][1] 
_pdbx_refine_tls.S[3][1] 
_pdbx_refine_tls.S[3][2] 
_pdbx_refine_tls.pdbx_refine_id 
1 ? refined 3.9964  6.9389  3.8660   0.1474 0.1758 0.1397 0.0126  0.0227  0.0188  19.0878 16.8730 14.0010 9.9583 4.7880  6.8235  -0.2181 0.2931  -0.0750 -0.1199 0.9287  -0.4257 -0.0907 -1.0213 0.9013  'X-RAY DIFFRACTION' 
2 ? refined -6.7044 4.7036  -5.4579  0.0684 0.1769 0.1531 0.0508  -0.0526 -0.0186 3.2822  9.9543  7.5372  0.1586 -3.1942 3.9826  0.0846  -0.1953 0.1107  0.1501  0.2104  0.0974  -0.6496 -0.5031 -0.6385 'X-RAY DIFFRACTION' 
3 ? refined 3.0648  -3.1955 -10.8907 0.1288 0.2162 0.1594 0.0229  0.0507  0.0203  1.7877  12.7859 8.0769  0.2533 -1.7652 -0.2720 -0.1776 0.0055  0.1721  0.1424  0.0918  0.2758  -0.3285 -0.0779 -0.1550 'X-RAY DIFFRACTION' 
4 ? refined 0.8592  -5.1724 9.2215   0.1360 0.1800 0.2413 -0.0291 0.0331  0.0241  0.7172  1.9214  15.7191 1.0307 2.3066  3.3476  0.0353  -0.1586 0.1232  -0.1522 -0.0415 0.0661  0.2436  0.4829  -0.6705 'X-RAY DIFFRACTION' 
# 
loop_
_pdbx_refine_tls_group.id 
_pdbx_refine_tls_group.refine_tls_id 
_pdbx_refine_tls_group.beg_auth_asym_id 
_pdbx_refine_tls_group.end_auth_asym_id 
_pdbx_refine_tls_group.end_auth_seq_id 
_pdbx_refine_tls_group.selection 
_pdbx_refine_tls_group.beg_auth_seq_id 
_pdbx_refine_tls_group.beg_label_asym_id 
_pdbx_refine_tls_group.beg_label_seq_id 
_pdbx_refine_tls_group.end_label_asym_id 
_pdbx_refine_tls_group.end_label_seq_id 
_pdbx_refine_tls_group.pdbx_refine_id 
_pdbx_refine_tls_group.selection_details 
1 1 A A 21  ? 4  . . . . 'X-RAY DIFFRACTION' ? 
2 2 A A 48  ? 22 . . . . 'X-RAY DIFFRACTION' ? 
3 3 A A 76  ? 49 . . . . 'X-RAY DIFFRACTION' ? 
4 4 A A 109 ? 77 . . . . 'X-RAY DIFFRACTION' ? 
# 
_pdbx_phasing_MR.entry_id                     3F8C 
_pdbx_phasing_MR.method_rotation              ? 
_pdbx_phasing_MR.method_translation           ? 
_pdbx_phasing_MR.model_details                'Phaser MODE: MR_AUTO' 
_pdbx_phasing_MR.R_factor                     32.660 
_pdbx_phasing_MR.R_rigid_body                 ? 
_pdbx_phasing_MR.correlation_coeff_Fo_to_Fc   ? 
_pdbx_phasing_MR.correlation_coeff_Io_to_Ic   ? 
_pdbx_phasing_MR.d_res_high_rotation          2.500 
_pdbx_phasing_MR.d_res_low_rotation           49.280 
_pdbx_phasing_MR.d_res_high_translation       2.500 
_pdbx_phasing_MR.d_res_low_translation        49.280 
_pdbx_phasing_MR.packing                      ? 
_pdbx_phasing_MR.reflns_percent_rotation      ? 
_pdbx_phasing_MR.reflns_percent_translation   ? 
_pdbx_phasing_MR.sigma_F_rotation             ? 
_pdbx_phasing_MR.sigma_F_translation          ? 
_pdbx_phasing_MR.sigma_I_rotation             ? 
_pdbx_phasing_MR.sigma_I_translation          ? 
# 
_phasing.method   MR 
# 
loop_
_software.name 
_software.version 
_software.date 
_software.type 
_software.contact_author 
_software.contact_author_email 
_software.classification 
_software.location 
_software.language 
_software.citation_id 
_software.pdbx_ordinal 
MOSFLM      .       ?               package 'Andrew G.W. Leslie' andrew@mrc-lmb.cam.ac.uk    'data reduction'  
http://www.mrc-lmb.cam.ac.uk/harry/mosflm/   ?          ? 1 
SCALA       3.3.7   2008/09/01      other   'Phil R. Evans'      pre@mrc-lmb.cam.ac.uk       'data scaling'    
http://www.ccp4.ac.uk/dist/html/scala.html   Fortran_77 ? 2 
PHASER      .       ?               program 'Randy J. Read'      cimr-phaser@lists.cam.ac.uk phasing           
http://www-structmed.cimr.cam.ac.uk/phaser/  ?          ? 3 
REFMAC      .       ?               program 'Garib N. Murshudov' garib@ysbl.york.ac.uk       refinement        
http://www.ccp4.ac.uk/dist/html/refmac5.html Fortran_77 ? 4 
PDB_EXTRACT 3.006   'June 11, 2008' package PDB                  help@deposit.rcsb.org       'data extraction' 
http://sw-tools.pdb.org/apps/PDB_EXTRACT/    C++        ? 5 
ADSC        Quantum ?               ?       ?                    ?                           'data collection' ? ?          ? 6 
# 
loop_
_pdbx_unobs_or_zero_occ_residues.id 
_pdbx_unobs_or_zero_occ_residues.PDB_model_num 
_pdbx_unobs_or_zero_occ_residues.polymer_flag 
_pdbx_unobs_or_zero_occ_residues.occupancy_flag 
_pdbx_unobs_or_zero_occ_residues.auth_asym_id 
_pdbx_unobs_or_zero_occ_residues.auth_comp_id 
_pdbx_unobs_or_zero_occ_residues.auth_seq_id 
_pdbx_unobs_or_zero_occ_residues.PDB_ins_code 
_pdbx_unobs_or_zero_occ_residues.label_asym_id 
_pdbx_unobs_or_zero_occ_residues.label_comp_id 
_pdbx_unobs_or_zero_occ_residues.label_seq_id 
1  1 Y 1 A MET 1   ? A MET 1   
2  1 Y 1 A ALA 2   ? A ALA 2   
3  1 Y 1 A SER 71  ? A SER 71  
4  1 Y 1 A GLN 72  ? A GLN 72  
5  1 Y 1 A GLY 73  ? A GLY 73  
6  1 Y 1 A ASN 109 ? A ASN 109 
7  1 Y 1 A LYS 110 ? A LYS 110 
8  1 Y 1 A LYS 111 ? A LYS 111 
9  1 Y 1 A SER 112 ? A SER 112 
10 1 Y 1 A GLU 113 ? A GLU 113 
11 1 Y 1 A ALA 114 ? A ALA 114 
12 1 Y 1 A ILE 115 ? A ILE 115 
13 1 Y 1 A LYS 116 ? A LYS 116 
14 1 Y 1 A SER 117 ? A SER 117 
15 1 Y 1 A ARG 118 ? A ARG 118 
16 1 Y 1 A TRP 119 ? A TRP 119 
17 1 Y 1 A SER 120 ? A SER 120 
18 1 Y 1 A HIS 121 ? A HIS 121 
19 1 Y 1 A PRO 122 ? A PRO 122 
20 1 Y 1 A GLN 123 ? A GLN 123 
21 1 Y 1 A PHE 124 ? A PHE 124 
22 1 Y 1 A GLU 125 ? A GLU 125 
23 1 Y 1 A LYS 126 ? A LYS 126 
# 
loop_
_chem_comp_atom.comp_id 
_chem_comp_atom.atom_id 
_chem_comp_atom.type_symbol 
_chem_comp_atom.pdbx_aromatic_flag 
_chem_comp_atom.pdbx_stereo_config 
_chem_comp_atom.pdbx_ordinal 
ALA N    N N N 1   
ALA CA   C N S 2   
ALA C    C N N 3   
ALA O    O N N 4   
ALA CB   C N N 5   
ALA OXT  O N N 6   
ALA H    H N N 7   
ALA H2   H N N 8   
ALA HA   H N N 9   
ALA HB1  H N N 10  
ALA HB2  H N N 11  
ALA HB3  H N N 12  
ALA HXT  H N N 13  
ARG N    N N N 14  
ARG CA   C N S 15  
ARG C    C N N 16  
ARG O    O N N 17  
ARG CB   C N N 18  
ARG CG   C N N 19  
ARG CD   C N N 20  
ARG NE   N N N 21  
ARG CZ   C N N 22  
ARG NH1  N N N 23  
ARG NH2  N N N 24  
ARG OXT  O N N 25  
ARG H    H N N 26  
ARG H2   H N N 27  
ARG HA   H N N 28  
ARG HB2  H N N 29  
ARG HB3  H N N 30  
ARG HG2  H N N 31  
ARG HG3  H N N 32  
ARG HD2  H N N 33  
ARG HD3  H N N 34  
ARG HE   H N N 35  
ARG HH11 H N N 36  
ARG HH12 H N N 37  
ARG HH21 H N N 38  
ARG HH22 H N N 39  
ARG HXT  H N N 40  
ASN N    N N N 41  
ASN CA   C N S 42  
ASN C    C N N 43  
ASN O    O N N 44  
ASN CB   C N N 45  
ASN CG   C N N 46  
ASN OD1  O N N 47  
ASN ND2  N N N 48  
ASN OXT  O N N 49  
ASN H    H N N 50  
ASN H2   H N N 51  
ASN HA   H N N 52  
ASN HB2  H N N 53  
ASN HB3  H N N 54  
ASN HD21 H N N 55  
ASN HD22 H N N 56  
ASN HXT  H N N 57  
ASP N    N N N 58  
ASP CA   C N S 59  
ASP C    C N N 60  
ASP O    O N N 61  
ASP CB   C N N 62  
ASP CG   C N N 63  
ASP OD1  O N N 64  
ASP OD2  O N N 65  
ASP OXT  O N N 66  
ASP H    H N N 67  
ASP H2   H N N 68  
ASP HA   H N N 69  
ASP HB2  H N N 70  
ASP HB3  H N N 71  
ASP HD2  H N N 72  
ASP HXT  H N N 73  
GLN N    N N N 74  
GLN CA   C N S 75  
GLN C    C N N 76  
GLN O    O N N 77  
GLN CB   C N N 78  
GLN CG   C N N 79  
GLN CD   C N N 80  
GLN OE1  O N N 81  
GLN NE2  N N N 82  
GLN OXT  O N N 83  
GLN H    H N N 84  
GLN H2   H N N 85  
GLN HA   H N N 86  
GLN HB2  H N N 87  
GLN HB3  H N N 88  
GLN HG2  H N N 89  
GLN HG3  H N N 90  
GLN HE21 H N N 91  
GLN HE22 H N N 92  
GLN HXT  H N N 93  
GLU N    N N N 94  
GLU CA   C N S 95  
GLU C    C N N 96  
GLU O    O N N 97  
GLU CB   C N N 98  
GLU CG   C N N 99  
GLU CD   C N N 100 
GLU OE1  O N N 101 
GLU OE2  O N N 102 
GLU OXT  O N N 103 
GLU H    H N N 104 
GLU H2   H N N 105 
GLU HA   H N N 106 
GLU HB2  H N N 107 
GLU HB3  H N N 108 
GLU HG2  H N N 109 
GLU HG3  H N N 110 
GLU HE2  H N N 111 
GLU HXT  H N N 112 
GLY N    N N N 113 
GLY CA   C N N 114 
GLY C    C N N 115 
GLY O    O N N 116 
GLY OXT  O N N 117 
GLY H    H N N 118 
GLY H2   H N N 119 
GLY HA2  H N N 120 
GLY HA3  H N N 121 
GLY HXT  H N N 122 
HIS N    N N N 123 
HIS CA   C N S 124 
HIS C    C N N 125 
HIS O    O N N 126 
HIS CB   C N N 127 
HIS CG   C Y N 128 
HIS ND1  N Y N 129 
HIS CD2  C Y N 130 
HIS CE1  C Y N 131 
HIS NE2  N Y N 132 
HIS OXT  O N N 133 
HIS H    H N N 134 
HIS H2   H N N 135 
HIS HA   H N N 136 
HIS HB2  H N N 137 
HIS HB3  H N N 138 
HIS HD1  H N N 139 
HIS HD2  H N N 140 
HIS HE1  H N N 141 
HIS HE2  H N N 142 
HIS HXT  H N N 143 
HOH O    O N N 144 
HOH H1   H N N 145 
HOH H2   H N N 146 
HT1 C1   C Y N 147 
HT1 O1   O N N 148 
HT1 C2   C Y N 149 
HT1 C3   C Y N 150 
HT1 C4   C Y N 151 
HT1 C5   C Y N 152 
HT1 C6   C Y N 153 
HT1 C7   C Y N 154 
HT1 N1   N Y N 155 
HT1 C8   C Y N 156 
HT1 C9   C Y N 157 
HT1 N2   N Y N 158 
HT1 C10  C Y N 159 
HT1 C11  C Y N 160 
HT1 C12  C Y N 161 
HT1 C13  C Y N 162 
HT1 C14  C Y N 163 
HT1 N3   N Y N 164 
HT1 C15  C Y N 165 
HT1 C16  C Y N 166 
HT1 N4   N Y N 167 
HT1 C17  C Y N 168 
HT1 C18  C Y N 169 
HT1 C19  C Y N 170 
HT1 C20  C Y N 171 
HT1 N5   N N N 172 
HT1 C21  C N N 173 
HT1 C22  C N N 174 
HT1 N6   N N N 175 
HT1 C23  C N N 176 
HT1 C24  C N N 177 
HT1 C25  C N N 178 
HT1 C26  C N N 179 
HT1 C27  C N N 180 
HT1 H2   H N N 181 
HT1 H3   H N N 182 
HT1 H5   H N N 183 
HT1 H6   H N N 184 
HT1 HN1  H N N 185 
HT1 H10  H N N 186 
HT1 H11  H N N 187 
HT1 H13  H N N 188 
HT1 HN3  H N N 189 
HT1 H17  H N N 190 
HT1 H18  H N N 191 
HT1 H20  H N N 192 
HT1 H211 H N N 193 
HT1 H212 H N N 194 
HT1 H221 H N N 195 
HT1 H222 H N N 196 
HT1 H231 H N N 197 
HT1 H232 H N N 198 
HT1 H241 H N N 199 
HT1 H242 H N N 200 
HT1 H251 H N N 201 
HT1 H252 H N N 202 
HT1 H253 H N N 203 
HT1 H261 H N N 204 
HT1 H262 H N N 205 
HT1 H271 H N N 206 
HT1 H272 H N N 207 
HT1 H273 H N N 208 
ILE N    N N N 209 
ILE CA   C N S 210 
ILE C    C N N 211 
ILE O    O N N 212 
ILE CB   C N S 213 
ILE CG1  C N N 214 
ILE CG2  C N N 215 
ILE CD1  C N N 216 
ILE OXT  O N N 217 
ILE H    H N N 218 
ILE H2   H N N 219 
ILE HA   H N N 220 
ILE HB   H N N 221 
ILE HG12 H N N 222 
ILE HG13 H N N 223 
ILE HG21 H N N 224 
ILE HG22 H N N 225 
ILE HG23 H N N 226 
ILE HD11 H N N 227 
ILE HD12 H N N 228 
ILE HD13 H N N 229 
ILE HXT  H N N 230 
LEU N    N N N 231 
LEU CA   C N S 232 
LEU C    C N N 233 
LEU O    O N N 234 
LEU CB   C N N 235 
LEU CG   C N N 236 
LEU CD1  C N N 237 
LEU CD2  C N N 238 
LEU OXT  O N N 239 
LEU H    H N N 240 
LEU H2   H N N 241 
LEU HA   H N N 242 
LEU HB2  H N N 243 
LEU HB3  H N N 244 
LEU HG   H N N 245 
LEU HD11 H N N 246 
LEU HD12 H N N 247 
LEU HD13 H N N 248 
LEU HD21 H N N 249 
LEU HD22 H N N 250 
LEU HD23 H N N 251 
LEU HXT  H N N 252 
LYS N    N N N 253 
LYS CA   C N S 254 
LYS C    C N N 255 
LYS O    O N N 256 
LYS CB   C N N 257 
LYS CG   C N N 258 
LYS CD   C N N 259 
LYS CE   C N N 260 
LYS NZ   N N N 261 
LYS OXT  O N N 262 
LYS H    H N N 263 
LYS H2   H N N 264 
LYS HA   H N N 265 
LYS HB2  H N N 266 
LYS HB3  H N N 267 
LYS HG2  H N N 268 
LYS HG3  H N N 269 
LYS HD2  H N N 270 
LYS HD3  H N N 271 
LYS HE2  H N N 272 
LYS HE3  H N N 273 
LYS HZ1  H N N 274 
LYS HZ2  H N N 275 
LYS HZ3  H N N 276 
LYS HXT  H N N 277 
MET N    N N N 278 
MET CA   C N S 279 
MET C    C N N 280 
MET O    O N N 281 
MET CB   C N N 282 
MET CG   C N N 283 
MET SD   S N N 284 
MET CE   C N N 285 
MET OXT  O N N 286 
MET H    H N N 287 
MET H2   H N N 288 
MET HA   H N N 289 
MET HB2  H N N 290 
MET HB3  H N N 291 
MET HG2  H N N 292 
MET HG3  H N N 293 
MET HE1  H N N 294 
MET HE2  H N N 295 
MET HE3  H N N 296 
MET HXT  H N N 297 
PHE N    N N N 298 
PHE CA   C N S 299 
PHE C    C N N 300 
PHE O    O N N 301 
PHE CB   C N N 302 
PHE CG   C Y N 303 
PHE CD1  C Y N 304 
PHE CD2  C Y N 305 
PHE CE1  C Y N 306 
PHE CE2  C Y N 307 
PHE CZ   C Y N 308 
PHE OXT  O N N 309 
PHE H    H N N 310 
PHE H2   H N N 311 
PHE HA   H N N 312 
PHE HB2  H N N 313 
PHE HB3  H N N 314 
PHE HD1  H N N 315 
PHE HD2  H N N 316 
PHE HE1  H N N 317 
PHE HE2  H N N 318 
PHE HZ   H N N 319 
PHE HXT  H N N 320 
PRO N    N N N 321 
PRO CA   C N S 322 
PRO C    C N N 323 
PRO O    O N N 324 
PRO CB   C N N 325 
PRO CG   C N N 326 
PRO CD   C N N 327 
PRO OXT  O N N 328 
PRO H    H N N 329 
PRO HA   H N N 330 
PRO HB2  H N N 331 
PRO HB3  H N N 332 
PRO HG2  H N N 333 
PRO HG3  H N N 334 
PRO HD2  H N N 335 
PRO HD3  H N N 336 
PRO HXT  H N N 337 
SER N    N N N 338 
SER CA   C N S 339 
SER C    C N N 340 
SER O    O N N 341 
SER CB   C N N 342 
SER OG   O N N 343 
SER OXT  O N N 344 
SER H    H N N 345 
SER H2   H N N 346 
SER HA   H N N 347 
SER HB2  H N N 348 
SER HB3  H N N 349 
SER HG   H N N 350 
SER HXT  H N N 351 
THR N    N N N 352 
THR CA   C N S 353 
THR C    C N N 354 
THR O    O N N 355 
THR CB   C N R 356 
THR OG1  O N N 357 
THR CG2  C N N 358 
THR OXT  O N N 359 
THR H    H N N 360 
THR H2   H N N 361 
THR HA   H N N 362 
THR HB   H N N 363 
THR HG1  H N N 364 
THR HG21 H N N 365 
THR HG22 H N N 366 
THR HG23 H N N 367 
THR HXT  H N N 368 
TRP N    N N N 369 
TRP CA   C N S 370 
TRP C    C N N 371 
TRP O    O N N 372 
TRP CB   C N N 373 
TRP CG   C Y N 374 
TRP CD1  C Y N 375 
TRP CD2  C Y N 376 
TRP NE1  N Y N 377 
TRP CE2  C Y N 378 
TRP CE3  C Y N 379 
TRP CZ2  C Y N 380 
TRP CZ3  C Y N 381 
TRP CH2  C Y N 382 
TRP OXT  O N N 383 
TRP H    H N N 384 
TRP H2   H N N 385 
TRP HA   H N N 386 
TRP HB2  H N N 387 
TRP HB3  H N N 388 
TRP HD1  H N N 389 
TRP HE1  H N N 390 
TRP HE3  H N N 391 
TRP HZ2  H N N 392 
TRP HZ3  H N N 393 
TRP HH2  H N N 394 
TRP HXT  H N N 395 
TYR N    N N N 396 
TYR CA   C N S 397 
TYR C    C N N 398 
TYR O    O N N 399 
TYR CB   C N N 400 
TYR CG   C Y N 401 
TYR CD1  C Y N 402 
TYR CD2  C Y N 403 
TYR CE1  C Y N 404 
TYR CE2  C Y N 405 
TYR CZ   C Y N 406 
TYR OH   O N N 407 
TYR OXT  O N N 408 
TYR H    H N N 409 
TYR H2   H N N 410 
TYR HA   H N N 411 
TYR HB2  H N N 412 
TYR HB3  H N N 413 
TYR HD1  H N N 414 
TYR HD2  H N N 415 
TYR HE1  H N N 416 
TYR HE2  H N N 417 
TYR HH   H N N 418 
TYR HXT  H N N 419 
VAL N    N N N 420 
VAL CA   C N S 421 
VAL C    C N N 422 
VAL O    O N N 423 
VAL CB   C N N 424 
VAL CG1  C N N 425 
VAL CG2  C N N 426 
VAL OXT  O N N 427 
VAL H    H N N 428 
VAL H2   H N N 429 
VAL HA   H N N 430 
VAL HB   H N N 431 
VAL HG11 H N N 432 
VAL HG12 H N N 433 
VAL HG13 H N N 434 
VAL HG21 H N N 435 
VAL HG22 H N N 436 
VAL HG23 H N N 437 
VAL HXT  H N N 438 
# 
loop_
_chem_comp_bond.comp_id 
_chem_comp_bond.atom_id_1 
_chem_comp_bond.atom_id_2 
_chem_comp_bond.value_order 
_chem_comp_bond.pdbx_aromatic_flag 
_chem_comp_bond.pdbx_stereo_config 
_chem_comp_bond.pdbx_ordinal 
ALA N   CA   sing N N 1   
ALA N   H    sing N N 2   
ALA N   H2   sing N N 3   
ALA CA  C    sing N N 4   
ALA CA  CB   sing N N 5   
ALA CA  HA   sing N N 6   
ALA C   O    doub N N 7   
ALA C   OXT  sing N N 8   
ALA CB  HB1  sing N N 9   
ALA CB  HB2  sing N N 10  
ALA CB  HB3  sing N N 11  
ALA OXT HXT  sing N N 12  
ARG N   CA   sing N N 13  
ARG N   H    sing N N 14  
ARG N   H2   sing N N 15  
ARG CA  C    sing N N 16  
ARG CA  CB   sing N N 17  
ARG CA  HA   sing N N 18  
ARG C   O    doub N N 19  
ARG C   OXT  sing N N 20  
ARG CB  CG   sing N N 21  
ARG CB  HB2  sing N N 22  
ARG CB  HB3  sing N N 23  
ARG CG  CD   sing N N 24  
ARG CG  HG2  sing N N 25  
ARG CG  HG3  sing N N 26  
ARG CD  NE   sing N N 27  
ARG CD  HD2  sing N N 28  
ARG CD  HD3  sing N N 29  
ARG NE  CZ   sing N N 30  
ARG NE  HE   sing N N 31  
ARG CZ  NH1  sing N N 32  
ARG CZ  NH2  doub N N 33  
ARG NH1 HH11 sing N N 34  
ARG NH1 HH12 sing N N 35  
ARG NH2 HH21 sing N N 36  
ARG NH2 HH22 sing N N 37  
ARG OXT HXT  sing N N 38  
ASN N   CA   sing N N 39  
ASN N   H    sing N N 40  
ASN N   H2   sing N N 41  
ASN CA  C    sing N N 42  
ASN CA  CB   sing N N 43  
ASN CA  HA   sing N N 44  
ASN C   O    doub N N 45  
ASN C   OXT  sing N N 46  
ASN CB  CG   sing N N 47  
ASN CB  HB2  sing N N 48  
ASN CB  HB3  sing N N 49  
ASN CG  OD1  doub N N 50  
ASN CG  ND2  sing N N 51  
ASN ND2 HD21 sing N N 52  
ASN ND2 HD22 sing N N 53  
ASN OXT HXT  sing N N 54  
ASP N   CA   sing N N 55  
ASP N   H    sing N N 56  
ASP N   H2   sing N N 57  
ASP CA  C    sing N N 58  
ASP CA  CB   sing N N 59  
ASP CA  HA   sing N N 60  
ASP C   O    doub N N 61  
ASP C   OXT  sing N N 62  
ASP CB  CG   sing N N 63  
ASP CB  HB2  sing N N 64  
ASP CB  HB3  sing N N 65  
ASP CG  OD1  doub N N 66  
ASP CG  OD2  sing N N 67  
ASP OD2 HD2  sing N N 68  
ASP OXT HXT  sing N N 69  
GLN N   CA   sing N N 70  
GLN N   H    sing N N 71  
GLN N   H2   sing N N 72  
GLN CA  C    sing N N 73  
GLN CA  CB   sing N N 74  
GLN CA  HA   sing N N 75  
GLN C   O    doub N N 76  
GLN C   OXT  sing N N 77  
GLN CB  CG   sing N N 78  
GLN CB  HB2  sing N N 79  
GLN CB  HB3  sing N N 80  
GLN CG  CD   sing N N 81  
GLN CG  HG2  sing N N 82  
GLN CG  HG3  sing N N 83  
GLN CD  OE1  doub N N 84  
GLN CD  NE2  sing N N 85  
GLN NE2 HE21 sing N N 86  
GLN NE2 HE22 sing N N 87  
GLN OXT HXT  sing N N 88  
GLU N   CA   sing N N 89  
GLU N   H    sing N N 90  
GLU N   H2   sing N N 91  
GLU CA  C    sing N N 92  
GLU CA  CB   sing N N 93  
GLU CA  HA   sing N N 94  
GLU C   O    doub N N 95  
GLU C   OXT  sing N N 96  
GLU CB  CG   sing N N 97  
GLU CB  HB2  sing N N 98  
GLU CB  HB3  sing N N 99  
GLU CG  CD   sing N N 100 
GLU CG  HG2  sing N N 101 
GLU CG  HG3  sing N N 102 
GLU CD  OE1  doub N N 103 
GLU CD  OE2  sing N N 104 
GLU OE2 HE2  sing N N 105 
GLU OXT HXT  sing N N 106 
GLY N   CA   sing N N 107 
GLY N   H    sing N N 108 
GLY N   H2   sing N N 109 
GLY CA  C    sing N N 110 
GLY CA  HA2  sing N N 111 
GLY CA  HA3  sing N N 112 
GLY C   O    doub N N 113 
GLY C   OXT  sing N N 114 
GLY OXT HXT  sing N N 115 
HIS N   CA   sing N N 116 
HIS N   H    sing N N 117 
HIS N   H2   sing N N 118 
HIS CA  C    sing N N 119 
HIS CA  CB   sing N N 120 
HIS CA  HA   sing N N 121 
HIS C   O    doub N N 122 
HIS C   OXT  sing N N 123 
HIS CB  CG   sing N N 124 
HIS CB  HB2  sing N N 125 
HIS CB  HB3  sing N N 126 
HIS CG  ND1  sing Y N 127 
HIS CG  CD2  doub Y N 128 
HIS ND1 CE1  doub Y N 129 
HIS ND1 HD1  sing N N 130 
HIS CD2 NE2  sing Y N 131 
HIS CD2 HD2  sing N N 132 
HIS CE1 NE2  sing Y N 133 
HIS CE1 HE1  sing N N 134 
HIS NE2 HE2  sing N N 135 
HIS OXT HXT  sing N N 136 
HOH O   H1   sing N N 137 
HOH O   H2   sing N N 138 
HT1 C1  O1   sing N N 139 
HT1 C1  C2   doub Y N 140 
HT1 C1  C6   sing Y N 141 
HT1 O1  C26  sing N N 142 
HT1 C2  C3   sing Y N 143 
HT1 C2  H2   sing N N 144 
HT1 C3  C4   doub Y N 145 
HT1 C3  H3   sing N N 146 
HT1 C4  C5   sing Y N 147 
HT1 C4  C7   sing Y N 148 
HT1 C5  C6   doub Y N 149 
HT1 C5  H5   sing N N 150 
HT1 C6  H6   sing N N 151 
HT1 C7  N1   sing Y N 152 
HT1 C7  N2   doub Y N 153 
HT1 N1  C8   sing Y N 154 
HT1 N1  HN1  sing N N 155 
HT1 C8  C9   doub Y N 156 
HT1 C8  C13  sing Y N 157 
HT1 C9  N2   sing Y N 158 
HT1 C9  C10  sing Y N 159 
HT1 C10 C11  doub Y N 160 
HT1 C10 H10  sing N N 161 
HT1 C11 C12  sing Y N 162 
HT1 C11 H11  sing N N 163 
HT1 C12 C13  doub Y N 164 
HT1 C12 C14  sing Y N 165 
HT1 C13 H13  sing N N 166 
HT1 C14 N3   sing Y N 167 
HT1 C14 N4   doub Y N 168 
HT1 N3  C15  sing Y N 169 
HT1 N3  HN3  sing N N 170 
HT1 C15 C16  doub Y N 171 
HT1 C15 C20  sing Y N 172 
HT1 C16 N4   sing Y N 173 
HT1 C16 C17  sing Y N 174 
HT1 C17 C18  doub Y N 175 
HT1 C17 H17  sing N N 176 
HT1 C18 C19  sing Y N 177 
HT1 C18 H18  sing N N 178 
HT1 C19 C20  doub Y N 179 
HT1 C19 N5   sing N N 180 
HT1 C20 H20  sing N N 181 
HT1 N5  C21  sing N N 182 
HT1 N5  C24  sing N N 183 
HT1 C21 C22  sing N N 184 
HT1 C21 H211 sing N N 185 
HT1 C21 H212 sing N N 186 
HT1 C22 N6   sing N N 187 
HT1 C22 H221 sing N N 188 
HT1 C22 H222 sing N N 189 
HT1 N6  C23  sing N N 190 
HT1 N6  C25  sing N N 191 
HT1 C23 C24  sing N N 192 
HT1 C23 H231 sing N N 193 
HT1 C23 H232 sing N N 194 
HT1 C24 H241 sing N N 195 
HT1 C24 H242 sing N N 196 
HT1 C25 H251 sing N N 197 
HT1 C25 H252 sing N N 198 
HT1 C25 H253 sing N N 199 
HT1 C26 C27  sing N N 200 
HT1 C26 H261 sing N N 201 
HT1 C26 H262 sing N N 202 
HT1 C27 H271 sing N N 203 
HT1 C27 H272 sing N N 204 
HT1 C27 H273 sing N N 205 
ILE N   CA   sing N N 206 
ILE N   H    sing N N 207 
ILE N   H2   sing N N 208 
ILE CA  C    sing N N 209 
ILE CA  CB   sing N N 210 
ILE CA  HA   sing N N 211 
ILE C   O    doub N N 212 
ILE C   OXT  sing N N 213 
ILE CB  CG1  sing N N 214 
ILE CB  CG2  sing N N 215 
ILE CB  HB   sing N N 216 
ILE CG1 CD1  sing N N 217 
ILE CG1 HG12 sing N N 218 
ILE CG1 HG13 sing N N 219 
ILE CG2 HG21 sing N N 220 
ILE CG2 HG22 sing N N 221 
ILE CG2 HG23 sing N N 222 
ILE CD1 HD11 sing N N 223 
ILE CD1 HD12 sing N N 224 
ILE CD1 HD13 sing N N 225 
ILE OXT HXT  sing N N 226 
LEU N   CA   sing N N 227 
LEU N   H    sing N N 228 
LEU N   H2   sing N N 229 
LEU CA  C    sing N N 230 
LEU CA  CB   sing N N 231 
LEU CA  HA   sing N N 232 
LEU C   O    doub N N 233 
LEU C   OXT  sing N N 234 
LEU CB  CG   sing N N 235 
LEU CB  HB2  sing N N 236 
LEU CB  HB3  sing N N 237 
LEU CG  CD1  sing N N 238 
LEU CG  CD2  sing N N 239 
LEU CG  HG   sing N N 240 
LEU CD1 HD11 sing N N 241 
LEU CD1 HD12 sing N N 242 
LEU CD1 HD13 sing N N 243 
LEU CD2 HD21 sing N N 244 
LEU CD2 HD22 sing N N 245 
LEU CD2 HD23 sing N N 246 
LEU OXT HXT  sing N N 247 
LYS N   CA   sing N N 248 
LYS N   H    sing N N 249 
LYS N   H2   sing N N 250 
LYS CA  C    sing N N 251 
LYS CA  CB   sing N N 252 
LYS CA  HA   sing N N 253 
LYS C   O    doub N N 254 
LYS C   OXT  sing N N 255 
LYS CB  CG   sing N N 256 
LYS CB  HB2  sing N N 257 
LYS CB  HB3  sing N N 258 
LYS CG  CD   sing N N 259 
LYS CG  HG2  sing N N 260 
LYS CG  HG3  sing N N 261 
LYS CD  CE   sing N N 262 
LYS CD  HD2  sing N N 263 
LYS CD  HD3  sing N N 264 
LYS CE  NZ   sing N N 265 
LYS CE  HE2  sing N N 266 
LYS CE  HE3  sing N N 267 
LYS NZ  HZ1  sing N N 268 
LYS NZ  HZ2  sing N N 269 
LYS NZ  HZ3  sing N N 270 
LYS OXT HXT  sing N N 271 
MET N   CA   sing N N 272 
MET N   H    sing N N 273 
MET N   H2   sing N N 274 
MET CA  C    sing N N 275 
MET CA  CB   sing N N 276 
MET CA  HA   sing N N 277 
MET C   O    doub N N 278 
MET C   OXT  sing N N 279 
MET CB  CG   sing N N 280 
MET CB  HB2  sing N N 281 
MET CB  HB3  sing N N 282 
MET CG  SD   sing N N 283 
MET CG  HG2  sing N N 284 
MET CG  HG3  sing N N 285 
MET SD  CE   sing N N 286 
MET CE  HE1  sing N N 287 
MET CE  HE2  sing N N 288 
MET CE  HE3  sing N N 289 
MET OXT HXT  sing N N 290 
PHE N   CA   sing N N 291 
PHE N   H    sing N N 292 
PHE N   H2   sing N N 293 
PHE CA  C    sing N N 294 
PHE CA  CB   sing N N 295 
PHE CA  HA   sing N N 296 
PHE C   O    doub N N 297 
PHE C   OXT  sing N N 298 
PHE CB  CG   sing N N 299 
PHE CB  HB2  sing N N 300 
PHE CB  HB3  sing N N 301 
PHE CG  CD1  doub Y N 302 
PHE CG  CD2  sing Y N 303 
PHE CD1 CE1  sing Y N 304 
PHE CD1 HD1  sing N N 305 
PHE CD2 CE2  doub Y N 306 
PHE CD2 HD2  sing N N 307 
PHE CE1 CZ   doub Y N 308 
PHE CE1 HE1  sing N N 309 
PHE CE2 CZ   sing Y N 310 
PHE CE2 HE2  sing N N 311 
PHE CZ  HZ   sing N N 312 
PHE OXT HXT  sing N N 313 
PRO N   CA   sing N N 314 
PRO N   CD   sing N N 315 
PRO N   H    sing N N 316 
PRO CA  C    sing N N 317 
PRO CA  CB   sing N N 318 
PRO CA  HA   sing N N 319 
PRO C   O    doub N N 320 
PRO C   OXT  sing N N 321 
PRO CB  CG   sing N N 322 
PRO CB  HB2  sing N N 323 
PRO CB  HB3  sing N N 324 
PRO CG  CD   sing N N 325 
PRO CG  HG2  sing N N 326 
PRO CG  HG3  sing N N 327 
PRO CD  HD2  sing N N 328 
PRO CD  HD3  sing N N 329 
PRO OXT HXT  sing N N 330 
SER N   CA   sing N N 331 
SER N   H    sing N N 332 
SER N   H2   sing N N 333 
SER CA  C    sing N N 334 
SER CA  CB   sing N N 335 
SER CA  HA   sing N N 336 
SER C   O    doub N N 337 
SER C   OXT  sing N N 338 
SER CB  OG   sing N N 339 
SER CB  HB2  sing N N 340 
SER CB  HB3  sing N N 341 
SER OG  HG   sing N N 342 
SER OXT HXT  sing N N 343 
THR N   CA   sing N N 344 
THR N   H    sing N N 345 
THR N   H2   sing N N 346 
THR CA  C    sing N N 347 
THR CA  CB   sing N N 348 
THR CA  HA   sing N N 349 
THR C   O    doub N N 350 
THR C   OXT  sing N N 351 
THR CB  OG1  sing N N 352 
THR CB  CG2  sing N N 353 
THR CB  HB   sing N N 354 
THR OG1 HG1  sing N N 355 
THR CG2 HG21 sing N N 356 
THR CG2 HG22 sing N N 357 
THR CG2 HG23 sing N N 358 
THR OXT HXT  sing N N 359 
TRP N   CA   sing N N 360 
TRP N   H    sing N N 361 
TRP N   H2   sing N N 362 
TRP CA  C    sing N N 363 
TRP CA  CB   sing N N 364 
TRP CA  HA   sing N N 365 
TRP C   O    doub N N 366 
TRP C   OXT  sing N N 367 
TRP CB  CG   sing N N 368 
TRP CB  HB2  sing N N 369 
TRP CB  HB3  sing N N 370 
TRP CG  CD1  doub Y N 371 
TRP CG  CD2  sing Y N 372 
TRP CD1 NE1  sing Y N 373 
TRP CD1 HD1  sing N N 374 
TRP CD2 CE2  doub Y N 375 
TRP CD2 CE3  sing Y N 376 
TRP NE1 CE2  sing Y N 377 
TRP NE1 HE1  sing N N 378 
TRP CE2 CZ2  sing Y N 379 
TRP CE3 CZ3  doub Y N 380 
TRP CE3 HE3  sing N N 381 
TRP CZ2 CH2  doub Y N 382 
TRP CZ2 HZ2  sing N N 383 
TRP CZ3 CH2  sing Y N 384 
TRP CZ3 HZ3  sing N N 385 
TRP CH2 HH2  sing N N 386 
TRP OXT HXT  sing N N 387 
TYR N   CA   sing N N 388 
TYR N   H    sing N N 389 
TYR N   H2   sing N N 390 
TYR CA  C    sing N N 391 
TYR CA  CB   sing N N 392 
TYR CA  HA   sing N N 393 
TYR C   O    doub N N 394 
TYR C   OXT  sing N N 395 
TYR CB  CG   sing N N 396 
TYR CB  HB2  sing N N 397 
TYR CB  HB3  sing N N 398 
TYR CG  CD1  doub Y N 399 
TYR CG  CD2  sing Y N 400 
TYR CD1 CE1  sing Y N 401 
TYR CD1 HD1  sing N N 402 
TYR CD2 CE2  doub Y N 403 
TYR CD2 HD2  sing N N 404 
TYR CE1 CZ   doub Y N 405 
TYR CE1 HE1  sing N N 406 
TYR CE2 CZ   sing Y N 407 
TYR CE2 HE2  sing N N 408 
TYR CZ  OH   sing N N 409 
TYR OH  HH   sing N N 410 
TYR OXT HXT  sing N N 411 
VAL N   CA   sing N N 412 
VAL N   H    sing N N 413 
VAL N   H2   sing N N 414 
VAL CA  C    sing N N 415 
VAL CA  CB   sing N N 416 
VAL CA  HA   sing N N 417 
VAL C   O    doub N N 418 
VAL C   OXT  sing N N 419 
VAL CB  CG1  sing N N 420 
VAL CB  CG2  sing N N 421 
VAL CB  HB   sing N N 422 
VAL CG1 HG11 sing N N 423 
VAL CG1 HG12 sing N N 424 
VAL CG1 HG13 sing N N 425 
VAL CG2 HG21 sing N N 426 
VAL CG2 HG22 sing N N 427 
VAL CG2 HG23 sing N N 428 
VAL OXT HXT  sing N N 429 
# 
loop_
_pdbx_entity_nonpoly.entity_id 
_pdbx_entity_nonpoly.name 
_pdbx_entity_nonpoly.comp_id 
2 "2'-(4-ETHOXYPHENYL)-5-(4-METHYL-1-PIPERAZINYL)-2,5'-BI-BENZIMIDAZOLE" HT1 
3 water                                                                  HOH 
# 
_pdbx_initial_refinement_model.id               1 
_pdbx_initial_refinement_model.entity_id_list   ? 
_pdbx_initial_refinement_model.type             'experimental model' 
_pdbx_initial_refinement_model.source_name      PDB 
_pdbx_initial_refinement_model.accession_code   3F8B 
_pdbx_initial_refinement_model.details          ? 
# 
